data_7V3P
#
_entry.id   7V3P
#
_cell.length_a   1.00
_cell.length_b   1.00
_cell.length_c   1.00
_cell.angle_alpha   90.00
_cell.angle_beta   90.00
_cell.angle_gamma   90.00
#
_symmetry.space_group_name_H-M   'P 1'
#
loop_
_entity.id
_entity.type
_entity.pdbx_description
1 polymer 'Insulin-like growth factor 1 receptor'
2 polymer 'Insulin A chain'
3 polymer 'Insulin B chain'
4 non-polymer 2-acetamido-2-deoxy-beta-D-glucopyranose
#
loop_
_entity_poly.entity_id
_entity_poly.type
_entity_poly.pdbx_seq_one_letter_code
_entity_poly.pdbx_strand_id
1 'polypeptide(L)'
;MKSGSGGGSPTSLWGLLFLSAALSLWPTSGEICGPGIDIRNDYQQLKRLENCTVIEGYLHILLISKAEDYRSYRFPKLTV
ITEYLLLFRVAGLESLGDLFPNLTVIRGWKLFYNYALVIFEMTNLKDIGLYNLRNITRGAIRIEKNADLCYLSTVDWSLI
LDAVSNNYIVGNKPPKECGDLCPGTMEEKPMCEKTTINNEYNYRCWTTNRCQKMCPSTCGKRACTENNECCHPECLGSCS
APDNDTACVACRHYYYAGVCVPACPPNTYRFEGWRCVDRDFCANILSAESSDSEGFVIHDGECMQECPSGFIRNGSQSMY
CIPCEGPCPKVCEEEKKTKTIDSVTSAQMLQGCTIFKGNLLINIRRGNNIASELENFMGLIEVVTGYVKIRHSHALVSLS
FLKNLRLILGEEQLEGNYSFYVLDNQNLQQLWDWDHRNLTIKAGKMYFAFNPKLCVSEIYRMEEVTGTKGRQSKGDINTR
NNGERASCESDVLHFTSTTTSKNRIIITWHRYRPPDYRDLISFTVYYKEAPFKNVTEYDGQDACGSNSWNMVDVDLPPNK
DVEPGILLHGLKPWTQYAVYVKAVTLTMVENDHIRGAKSEILYIRTNASVPSIPLDVLSASNSSSQLIVKWNPPSLPNGN
LSYYIVRWQRQPQDGYLYRHNYCSKDKIPIRKYADGTIDIEEVTENPKTEVCGGEKGPCCACPKTEAEKQAEKEEAEYRK
VFENFLHNSIFVPRPERKRRDVMQVANTTMSSRSRNTTAADTYNITDPEELETEYPFFESRVDNKERTVISNLRPFTLYR
IDIHSCNHEAEKLGCSASNFVFARTMPAEGADDIPGPVTWEPRPENSIFLKWPEPENPNGLILMYEIKYGSQVEDQRECV
SRQEYRKYGGAKLNRLNPGNYTARIQATSLSGNGSWTDPVFFYVQAKTGYE
;
A,B
2 'polypeptide(L)' GIVEQCCTSICSLYQLENYCN E
3 'polypeptide(L)' FVNQHLCGSHLVEALYLVCGERGFFYTPKT F
#
# COMPACT_ATOMS: atom_id res chain seq x y z
N GLU A 31 13.71 -69.71 -1.53
CA GLU A 31 12.43 -70.24 -1.16
C GLU A 31 11.29 -69.45 -1.80
N ILE A 32 10.09 -69.65 -1.32
CA ILE A 32 8.98 -68.87 -1.79
C ILE A 32 8.21 -68.79 -0.52
N CYS A 33 8.30 -67.69 0.19
CA CYS A 33 7.73 -67.52 1.54
C CYS A 33 6.22 -67.68 1.52
N GLY A 34 5.65 -68.12 2.64
CA GLY A 34 4.20 -68.30 2.76
C GLY A 34 3.57 -66.94 2.89
N PRO A 35 2.35 -66.84 3.47
CA PRO A 35 1.62 -65.61 3.40
C PRO A 35 2.19 -64.57 4.32
N GLY A 36 2.75 -63.49 3.82
CA GLY A 36 3.15 -62.36 4.68
C GLY A 36 4.31 -62.68 5.59
N ILE A 37 5.06 -61.68 6.07
CA ILE A 37 6.13 -61.93 7.07
C ILE A 37 6.11 -60.74 8.01
N ASP A 38 5.58 -60.79 9.23
CA ASP A 38 5.49 -59.64 10.19
C ASP A 38 6.62 -59.70 11.23
N ILE A 39 7.72 -58.94 11.09
CA ILE A 39 8.90 -58.88 11.99
C ILE A 39 8.65 -57.82 13.07
N ARG A 40 8.65 -58.10 14.37
CA ARG A 40 8.29 -57.06 15.38
C ARG A 40 8.73 -57.47 16.79
N ASN A 41 8.35 -56.77 17.83
CA ASN A 41 8.87 -57.06 19.14
C ASN A 41 10.42 -56.81 19.16
N ASP A 42 11.33 -57.68 18.68
CA ASP A 42 12.79 -57.31 18.70
C ASP A 42 13.74 -57.77 17.55
N TYR A 43 14.83 -57.04 17.24
CA TYR A 43 15.74 -57.39 16.13
C TYR A 43 16.05 -58.87 15.96
N GLN A 44 15.91 -59.68 16.97
CA GLN A 44 16.11 -61.13 16.96
C GLN A 44 15.12 -61.80 16.02
N GLN A 45 13.84 -61.50 16.17
CA GLN A 45 12.83 -62.15 15.35
C GLN A 45 13.02 -61.86 13.87
N LEU A 46 13.69 -60.76 13.52
CA LEU A 46 13.93 -60.48 12.12
C LEU A 46 14.63 -61.65 11.43
N LYS A 47 15.30 -62.50 12.21
CA LYS A 47 15.95 -63.68 11.66
C LYS A 47 15.03 -64.52 10.79
N ARG A 48 13.70 -64.36 10.93
CA ARG A 48 12.81 -65.19 10.11
C ARG A 48 13.01 -64.96 8.63
N LEU A 49 13.56 -63.81 8.22
CA LEU A 49 13.81 -63.54 6.81
C LEU A 49 15.12 -64.14 6.32
N GLU A 50 15.81 -64.94 7.13
CA GLU A 50 17.21 -65.26 6.87
C GLU A 50 17.39 -66.05 5.57
N ASN A 51 16.42 -66.87 5.21
CA ASN A 51 16.54 -67.74 4.03
C ASN A 51 15.82 -67.21 2.80
N CYS A 52 14.86 -66.31 2.99
CA CYS A 52 13.77 -66.15 2.04
C CYS A 52 14.19 -65.21 0.91
N THR A 53 13.85 -65.60 -0.33
CA THR A 53 14.28 -64.87 -1.51
C THR A 53 13.15 -64.15 -2.24
N VAL A 54 11.93 -64.65 -2.16
CA VAL A 54 10.76 -63.95 -2.70
C VAL A 54 9.59 -64.21 -1.75
N ILE A 55 8.77 -63.19 -1.54
CA ILE A 55 7.70 -63.21 -0.55
C ILE A 55 6.38 -63.07 -1.28
N GLU A 56 5.48 -64.03 -1.08
CA GLU A 56 4.13 -63.90 -1.62
C GLU A 56 3.25 -63.14 -0.63
N GLY A 57 3.67 -61.96 -0.21
CA GLY A 57 2.91 -61.22 0.76
C GLY A 57 3.63 -59.97 1.20
N TYR A 58 2.89 -59.15 1.93
CA TYR A 58 3.43 -57.93 2.54
C TYR A 58 4.63 -58.23 3.41
N LEU A 59 5.41 -57.21 3.74
CA LEU A 59 6.53 -57.34 4.67
C LEU A 59 6.44 -56.20 5.67
N HIS A 60 6.11 -56.54 6.92
CA HIS A 60 5.99 -55.59 8.01
C HIS A 60 7.22 -55.62 8.90
N ILE A 61 7.85 -54.46 9.09
CA ILE A 61 8.92 -54.29 10.08
C ILE A 61 8.47 -53.15 10.99
N LEU A 62 8.02 -53.49 12.19
CA LEU A 62 7.31 -52.53 13.04
C LEU A 62 7.80 -52.58 14.47
N LEU A 63 7.86 -51.41 15.10
CA LEU A 63 7.90 -51.27 16.55
C LEU A 63 8.98 -52.16 17.17
N ILE A 64 10.18 -52.10 16.61
CA ILE A 64 11.36 -52.69 17.23
C ILE A 64 11.89 -51.64 18.19
N SER A 65 11.31 -51.62 19.40
CA SER A 65 11.58 -50.52 20.31
C SER A 65 12.98 -50.58 20.91
N LYS A 66 13.55 -51.79 21.04
CA LYS A 66 14.84 -51.92 21.70
C LYS A 66 15.92 -51.13 20.97
N ALA A 67 15.95 -51.23 19.64
CA ALA A 67 16.82 -50.41 18.80
C ALA A 67 18.30 -50.62 19.12
N GLU A 68 18.66 -51.78 19.67
CA GLU A 68 20.01 -52.02 20.15
C GLU A 68 20.85 -52.83 19.15
N ASP A 69 20.37 -54.01 18.76
CA ASP A 69 21.19 -54.91 17.96
C ASP A 69 21.59 -54.28 16.62
N TYR A 70 20.65 -53.59 15.98
CA TYR A 70 20.93 -52.78 14.79
C TYR A 70 21.64 -53.59 13.70
N ARG A 71 22.95 -53.40 13.53
CA ARG A 71 23.67 -53.92 12.37
C ARG A 71 23.99 -55.41 12.49
N SER A 72 23.45 -56.12 13.47
CA SER A 72 23.77 -57.53 13.67
C SER A 72 23.06 -58.46 12.70
N TYR A 73 22.29 -57.94 11.74
CA TYR A 73 21.54 -58.80 10.84
C TYR A 73 21.64 -58.29 9.40
N ARG A 74 21.67 -59.24 8.47
CA ARG A 74 21.72 -58.95 7.04
C ARG A 74 20.89 -60.00 6.30
N PHE A 75 20.38 -59.62 5.13
CA PHE A 75 19.46 -60.47 4.38
C PHE A 75 19.59 -60.18 2.89
N PRO A 76 20.63 -60.72 2.25
CA PRO A 76 20.77 -60.52 0.79
C PRO A 76 19.84 -61.38 -0.05
N LYS A 77 19.16 -62.36 0.53
CA LYS A 77 18.33 -63.27 -0.26
C LYS A 77 17.14 -62.55 -0.90
N LEU A 78 16.50 -61.65 -0.17
CA LEU A 78 15.27 -61.04 -0.66
C LEU A 78 15.53 -60.23 -1.91
N THR A 79 14.77 -60.50 -2.97
CA THR A 79 14.90 -59.76 -4.22
C THR A 79 13.57 -59.25 -4.75
N VAL A 80 12.48 -59.98 -4.49
CA VAL A 80 11.16 -59.63 -5.02
C VAL A 80 10.12 -59.75 -3.92
N ILE A 81 9.32 -58.70 -3.77
CA ILE A 81 8.15 -58.70 -2.89
C ILE A 81 6.93 -58.48 -3.75
N THR A 82 5.93 -59.34 -3.61
CA THR A 82 4.75 -59.29 -4.45
C THR A 82 3.64 -58.41 -3.87
N GLU A 83 3.84 -57.82 -2.71
CA GLU A 83 2.91 -56.85 -2.14
C GLU A 83 3.73 -55.72 -1.53
N TYR A 84 3.07 -54.86 -0.76
CA TYR A 84 3.70 -53.65 -0.26
C TYR A 84 4.78 -53.99 0.76
N LEU A 85 5.48 -52.94 1.20
CA LEU A 85 6.55 -53.05 2.20
C LEU A 85 6.40 -51.90 3.19
N LEU A 86 6.29 -52.22 4.47
CA LEU A 86 5.97 -51.22 5.49
C LEU A 86 7.02 -51.24 6.59
N LEU A 87 7.52 -50.06 6.94
CA LEU A 87 8.44 -49.89 8.06
C LEU A 87 7.90 -48.81 8.98
N PHE A 88 7.80 -49.12 10.27
CA PHE A 88 7.20 -48.21 11.24
C PHE A 88 7.99 -48.24 12.54
N ARG A 89 8.47 -47.07 12.95
CA ARG A 89 9.11 -46.88 14.26
C ARG A 89 10.08 -48.02 14.59
N VAL A 90 11.01 -48.27 13.67
CA VAL A 90 12.15 -49.15 13.95
C VAL A 90 13.27 -48.23 14.39
N ALA A 91 13.32 -47.95 15.70
CA ALA A 91 14.11 -46.83 16.21
C ALA A 91 15.62 -47.04 16.03
N GLY A 92 16.09 -48.27 15.92
CA GLY A 92 17.51 -48.54 15.91
C GLY A 92 18.18 -48.60 14.55
N LEU A 93 17.43 -48.47 13.46
CA LEU A 93 18.00 -48.64 12.13
C LEU A 93 18.45 -47.31 11.55
N GLU A 94 19.53 -47.35 10.79
CA GLU A 94 20.12 -46.17 10.17
C GLU A 94 19.71 -46.01 8.71
N SER A 95 19.77 -47.08 7.93
CA SER A 95 19.44 -47.03 6.51
C SER A 95 19.03 -48.42 6.05
N LEU A 96 17.99 -48.48 5.21
CA LEU A 96 17.52 -49.78 4.72
C LEU A 96 18.56 -50.49 3.88
N GLY A 97 19.56 -49.78 3.37
CA GLY A 97 20.60 -50.43 2.59
C GLY A 97 21.34 -51.49 3.36
N ASP A 98 21.31 -51.43 4.70
CA ASP A 98 21.95 -52.46 5.51
C ASP A 98 21.14 -53.75 5.49
N LEU A 99 19.81 -53.65 5.40
CA LEU A 99 18.93 -54.81 5.53
C LEU A 99 18.66 -55.50 4.19
N PHE A 100 18.24 -54.73 3.18
CA PHE A 100 17.70 -55.27 1.94
C PHE A 100 18.50 -54.72 0.77
N PRO A 101 19.75 -55.17 0.60
CA PRO A 101 20.58 -54.64 -0.50
C PRO A 101 20.03 -54.95 -1.88
N ASN A 102 19.37 -56.09 -2.07
CA ASN A 102 19.03 -56.57 -3.41
C ASN A 102 17.54 -56.58 -3.70
N LEU A 103 16.72 -55.91 -2.89
CA LEU A 103 15.30 -55.80 -3.21
C LEU A 103 15.17 -55.11 -4.56
N THR A 104 14.67 -55.84 -5.56
CA THR A 104 14.72 -55.39 -6.95
C THR A 104 13.37 -54.92 -7.49
N VAL A 105 12.28 -55.61 -7.16
CA VAL A 105 10.96 -55.24 -7.63
C VAL A 105 9.98 -55.36 -6.48
N ILE A 106 9.15 -54.33 -6.31
CA ILE A 106 8.03 -54.38 -5.37
C ILE A 106 6.75 -54.36 -6.20
N ARG A 107 6.22 -55.53 -6.51
CA ARG A 107 5.18 -55.62 -7.53
C ARG A 107 3.92 -54.87 -7.10
N GLY A 108 3.66 -54.77 -5.81
CA GLY A 108 2.48 -54.06 -5.36
C GLY A 108 1.20 -54.65 -5.91
N TRP A 109 1.10 -55.98 -5.97
CA TRP A 109 -0.14 -56.60 -6.39
C TRP A 109 -1.28 -56.32 -5.43
N LYS A 110 -0.96 -56.01 -4.18
CA LYS A 110 -1.87 -55.37 -3.23
C LYS A 110 -1.28 -54.03 -2.86
N LEU A 111 -1.95 -53.32 -1.95
CA LEU A 111 -1.49 -51.99 -1.58
C LEU A 111 -1.85 -51.70 -0.13
N PHE A 112 -1.16 -50.71 0.44
CA PHE A 112 -1.39 -50.21 1.79
C PHE A 112 -1.86 -48.77 1.67
N TYR A 113 -3.17 -48.60 1.47
CA TYR A 113 -3.76 -47.27 1.33
C TYR A 113 -3.13 -46.52 0.15
N ASN A 114 -3.30 -47.10 -1.04
CA ASN A 114 -2.84 -46.51 -2.29
C ASN A 114 -1.33 -46.59 -2.48
N TYR A 115 -0.61 -47.10 -1.49
CA TYR A 115 0.85 -47.10 -1.50
C TYR A 115 1.41 -48.51 -1.45
N ALA A 116 2.53 -48.70 -2.14
CA ALA A 116 3.24 -49.98 -2.16
C ALA A 116 4.47 -49.98 -1.27
N LEU A 117 4.96 -48.82 -0.86
CA LEU A 117 6.11 -48.71 0.03
C LEU A 117 5.82 -47.59 1.02
N VAL A 118 5.85 -47.90 2.31
CA VAL A 118 5.58 -46.91 3.35
C VAL A 118 6.69 -46.98 4.39
N ILE A 119 7.25 -45.81 4.72
CA ILE A 119 8.31 -45.68 5.70
C ILE A 119 7.88 -44.54 6.61
N PHE A 120 7.25 -44.88 7.74
CA PHE A 120 6.55 -43.87 8.55
C PHE A 120 7.16 -43.82 9.94
N GLU A 121 7.40 -42.59 10.42
CA GLU A 121 7.84 -42.37 11.80
C GLU A 121 9.09 -43.17 12.13
N MET A 122 9.98 -43.29 11.14
CA MET A 122 11.28 -43.92 11.37
C MET A 122 12.18 -42.87 12.00
N THR A 123 12.21 -42.87 13.33
CA THR A 123 12.79 -41.75 14.07
C THR A 123 14.28 -41.59 13.82
N ASN A 124 14.97 -42.64 13.37
CA ASN A 124 16.43 -42.62 13.28
C ASN A 124 16.95 -42.93 11.88
N LEU A 125 16.08 -42.95 10.87
CA LEU A 125 16.49 -43.33 9.52
C LEU A 125 17.09 -42.11 8.81
N LYS A 126 18.33 -42.25 8.35
CA LYS A 126 19.03 -41.13 7.72
C LYS A 126 18.96 -41.16 6.20
N ASP A 127 19.01 -42.35 5.60
CA ASP A 127 18.96 -42.47 4.15
C ASP A 127 18.20 -43.73 3.78
N ILE A 128 17.51 -43.68 2.64
CA ILE A 128 16.68 -44.79 2.22
C ILE A 128 17.54 -45.98 1.81
N GLY A 129 18.35 -45.81 0.78
CA GLY A 129 19.14 -46.91 0.25
C GLY A 129 18.40 -47.63 -0.86
N LEU A 130 18.26 -48.95 -0.73
CA LEU A 130 17.60 -49.77 -1.74
C LEU A 130 18.16 -49.47 -3.13
N TYR A 131 19.49 -49.39 -3.22
CA TYR A 131 20.11 -48.86 -4.43
C TYR A 131 19.91 -49.76 -5.64
N ASN A 132 19.58 -51.03 -5.43
CA ASN A 132 19.29 -51.93 -6.55
C ASN A 132 17.84 -51.86 -7.00
N LEU A 133 16.96 -51.25 -6.21
CA LEU A 133 15.57 -51.11 -6.62
C LEU A 133 15.49 -50.37 -7.94
N ARG A 134 14.71 -50.90 -8.89
CA ARG A 134 14.69 -50.35 -10.23
C ARG A 134 13.30 -50.22 -10.84
N ASN A 135 12.27 -50.86 -10.28
CA ASN A 135 10.93 -50.77 -10.88
C ASN A 135 9.89 -51.11 -9.83
N ILE A 136 9.01 -50.15 -9.54
CA ILE A 136 7.80 -50.37 -8.74
C ILE A 136 6.62 -50.36 -9.69
N THR A 137 5.78 -51.38 -9.60
CA THR A 137 4.82 -51.65 -10.67
C THR A 137 3.53 -50.85 -10.57
N ARG A 138 2.87 -50.87 -9.42
CA ARG A 138 1.47 -50.44 -9.35
C ARG A 138 1.26 -49.21 -8.47
N GLY A 139 1.77 -49.20 -7.24
CA GLY A 139 1.42 -48.18 -6.29
C GLY A 139 2.38 -47.00 -6.29
N ALA A 140 2.00 -45.99 -5.50
CA ALA A 140 2.84 -44.82 -5.27
C ALA A 140 3.68 -45.05 -4.03
N ILE A 141 4.34 -44.01 -3.52
CA ILE A 141 5.17 -44.09 -2.34
C ILE A 141 4.79 -42.98 -1.38
N ARG A 142 4.73 -43.30 -0.09
CA ARG A 142 4.57 -42.32 0.97
C ARG A 142 5.76 -42.41 1.91
N ILE A 143 6.44 -41.30 2.10
CA ILE A 143 7.52 -41.18 3.07
C ILE A 143 7.23 -39.95 3.91
N GLU A 144 7.02 -40.12 5.21
CA GLU A 144 6.42 -39.07 6.02
C GLU A 144 6.96 -39.11 7.44
N LYS A 145 7.01 -37.92 8.06
CA LYS A 145 7.38 -37.74 9.46
C LYS A 145 8.73 -38.36 9.83
N ASN A 146 9.55 -38.68 8.84
CA ASN A 146 10.89 -39.16 9.15
C ASN A 146 11.77 -37.97 9.50
N ALA A 147 12.20 -37.90 10.76
CA ALA A 147 12.79 -36.68 11.28
C ALA A 147 14.07 -36.30 10.52
N ASP A 148 14.93 -37.28 10.27
CA ASP A 148 16.26 -37.01 9.72
C ASP A 148 16.53 -37.80 8.44
N LEU A 149 15.50 -38.04 7.63
CA LEU A 149 15.67 -38.73 6.35
C LEU A 149 15.96 -37.69 5.27
N CYS A 150 17.22 -37.58 4.88
CA CYS A 150 17.60 -36.73 3.76
C CYS A 150 17.66 -37.61 2.50
N TYR A 151 18.19 -37.07 1.40
CA TYR A 151 18.21 -37.75 0.11
C TYR A 151 16.82 -38.03 -0.42
N LEU A 152 15.84 -37.21 -0.02
CA LEU A 152 14.49 -37.30 -0.53
C LEU A 152 14.31 -36.31 -1.67
N SER A 153 13.72 -36.78 -2.77
CA SER A 153 13.57 -36.02 -4.01
C SER A 153 14.91 -35.78 -4.69
N THR A 154 16.00 -36.30 -4.15
CA THR A 154 17.32 -36.22 -4.78
C THR A 154 17.54 -37.37 -5.75
N VAL A 155 16.51 -38.17 -6.00
CA VAL A 155 16.59 -39.34 -6.87
C VAL A 155 15.37 -39.31 -7.79
N ASP A 156 15.60 -39.44 -9.09
CA ASP A 156 14.53 -39.24 -10.07
C ASP A 156 13.55 -40.39 -9.97
N TRP A 157 12.40 -40.14 -9.34
CA TRP A 157 11.42 -41.19 -9.11
C TRP A 157 10.70 -41.60 -10.39
N SER A 158 10.57 -40.69 -11.35
CA SER A 158 9.93 -41.05 -12.61
C SER A 158 10.68 -42.17 -13.32
N LEU A 159 11.96 -42.36 -13.00
CA LEU A 159 12.73 -43.45 -13.60
C LEU A 159 12.40 -44.79 -12.99
N ILE A 160 11.89 -44.82 -11.77
CA ILE A 160 11.62 -46.07 -11.05
C ILE A 160 10.15 -46.46 -11.13
N LEU A 161 9.24 -45.49 -11.09
CA LEU A 161 7.82 -45.75 -11.25
C LEU A 161 7.19 -44.63 -12.07
N ASP A 162 6.06 -44.94 -12.70
CA ASP A 162 5.31 -43.95 -13.42
C ASP A 162 4.39 -43.17 -12.47
N ALA A 163 3.85 -42.06 -12.96
CA ALA A 163 2.90 -41.25 -12.20
C ALA A 163 3.54 -40.73 -10.91
N VAL A 164 4.59 -39.93 -11.08
CA VAL A 164 5.23 -39.29 -9.93
C VAL A 164 4.28 -38.36 -9.20
N SER A 165 3.19 -37.95 -9.86
CA SER A 165 2.23 -37.06 -9.21
C SER A 165 1.49 -37.73 -8.06
N ASN A 166 1.44 -39.06 -8.03
CA ASN A 166 0.76 -39.78 -6.96
C ASN A 166 1.66 -40.04 -5.76
N ASN A 167 2.95 -39.73 -5.86
CA ASN A 167 3.82 -39.82 -4.69
C ASN A 167 3.39 -38.78 -3.66
N TYR A 168 3.87 -38.96 -2.43
CA TYR A 168 3.58 -38.00 -1.37
C TYR A 168 4.73 -38.03 -0.36
N ILE A 169 5.63 -37.05 -0.47
CA ILE A 169 6.73 -36.87 0.48
C ILE A 169 6.52 -35.53 1.17
N VAL A 170 6.32 -35.55 2.48
CA VAL A 170 6.13 -34.36 3.30
C VAL A 170 6.66 -34.62 4.70
N GLY A 171 6.69 -33.57 5.52
CA GLY A 171 7.01 -33.70 6.92
C GLY A 171 8.41 -34.19 7.23
N ASN A 172 9.24 -34.40 6.23
CA ASN A 172 10.58 -34.92 6.46
C ASN A 172 11.50 -33.81 6.96
N LYS A 173 12.78 -34.14 7.08
CA LYS A 173 13.76 -33.14 7.50
C LYS A 173 13.74 -31.97 6.51
N PRO A 174 13.77 -30.73 6.99
CA PRO A 174 13.64 -29.61 6.08
C PRO A 174 14.76 -29.60 5.07
N PRO A 175 14.50 -29.15 3.84
CA PRO A 175 15.50 -29.30 2.77
C PRO A 175 16.87 -28.74 3.09
N LYS A 176 16.94 -27.49 3.58
CA LYS A 176 18.20 -26.78 3.66
C LYS A 176 19.13 -27.29 4.75
N GLU A 177 18.67 -28.19 5.61
CA GLU A 177 19.41 -28.43 6.85
C GLU A 177 20.63 -29.31 6.62
N CYS A 178 20.45 -30.50 6.04
CA CYS A 178 21.57 -31.42 5.88
C CYS A 178 22.39 -31.10 4.64
N GLY A 179 21.77 -31.20 3.46
CA GLY A 179 22.47 -31.01 2.21
C GLY A 179 22.87 -32.32 1.57
N ASP A 180 22.12 -32.73 0.54
CA ASP A 180 22.41 -33.99 -0.14
C ASP A 180 23.75 -33.92 -0.84
N LEU A 181 24.41 -35.08 -0.96
CA LEU A 181 25.65 -35.17 -1.70
C LEU A 181 25.87 -36.61 -2.16
N CYS A 182 26.63 -36.75 -3.23
CA CYS A 182 27.22 -38.01 -3.67
C CYS A 182 28.73 -37.96 -3.54
N PRO A 183 29.41 -39.09 -3.69
CA PRO A 183 30.87 -39.08 -3.61
C PRO A 183 31.47 -38.15 -4.66
N GLY A 184 32.48 -37.39 -4.25
CA GLY A 184 33.12 -36.43 -5.13
C GLY A 184 32.35 -35.14 -5.34
N THR A 185 31.13 -35.03 -4.81
CA THR A 185 30.31 -33.85 -5.00
C THR A 185 30.53 -32.85 -3.88
N MET A 191 30.87 -35.92 -10.92
CA MET A 191 31.51 -37.16 -10.49
C MET A 191 30.48 -38.25 -10.22
N CYS A 192 29.27 -38.07 -10.77
CA CYS A 192 28.19 -39.02 -10.54
C CYS A 192 27.17 -38.86 -11.67
N GLU A 193 26.31 -39.86 -11.79
CA GLU A 193 25.33 -39.86 -12.88
C GLU A 193 24.37 -38.69 -12.74
N LYS A 194 23.83 -38.24 -13.88
CA LYS A 194 23.07 -37.00 -13.93
C LYS A 194 21.83 -37.17 -14.79
N THR A 195 20.84 -36.32 -14.52
CA THR A 195 19.71 -36.11 -15.41
C THR A 195 19.02 -34.81 -14.96
N THR A 196 17.92 -34.48 -15.63
CA THR A 196 17.12 -33.31 -15.25
C THR A 196 16.11 -33.76 -14.21
N ILE A 197 16.49 -33.63 -12.94
CA ILE A 197 15.58 -33.97 -11.84
C ILE A 197 14.44 -32.95 -11.86
N ASN A 198 13.25 -33.39 -12.25
CA ASN A 198 12.15 -32.45 -12.47
C ASN A 198 12.65 -31.38 -13.44
N ASN A 199 12.59 -30.11 -13.05
CA ASN A 199 13.19 -29.05 -13.84
C ASN A 199 14.63 -28.74 -13.42
N GLU A 200 15.14 -29.39 -12.39
CA GLU A 200 16.50 -29.18 -11.94
C GLU A 200 17.48 -29.99 -12.79
N TYR A 201 18.76 -29.93 -12.44
CA TYR A 201 19.80 -30.70 -13.11
C TYR A 201 20.93 -30.87 -12.12
N ASN A 202 21.09 -32.08 -11.59
CA ASN A 202 22.02 -32.31 -10.50
C ASN A 202 22.32 -33.80 -10.40
N TYR A 203 23.29 -34.14 -9.55
CA TYR A 203 23.55 -35.52 -9.19
C TYR A 203 22.29 -36.16 -8.62
N ARG A 204 22.24 -37.49 -8.65
CA ARG A 204 21.17 -38.24 -8.03
C ARG A 204 21.77 -39.26 -7.08
N CYS A 205 21.30 -39.25 -5.82
CA CYS A 205 22.00 -39.90 -4.72
C CYS A 205 21.01 -40.74 -3.93
N TRP A 206 21.16 -42.07 -3.98
CA TRP A 206 20.53 -42.92 -2.98
C TRP A 206 21.09 -42.64 -1.60
N THR A 207 22.41 -42.50 -1.50
CA THR A 207 23.08 -42.28 -0.23
C THR A 207 24.45 -41.67 -0.51
N THR A 208 25.08 -41.17 0.56
CA THR A 208 26.36 -40.48 0.41
C THR A 208 27.43 -41.37 -0.21
N ASN A 209 27.28 -42.69 -0.11
CA ASN A 209 28.30 -43.62 -0.61
C ASN A 209 27.96 -44.22 -1.97
N ARG A 210 26.70 -44.17 -2.40
CA ARG A 210 26.28 -44.83 -3.62
C ARG A 210 25.43 -43.89 -4.45
N CYS A 211 25.77 -43.75 -5.73
CA CYS A 211 24.88 -43.08 -6.68
C CYS A 211 23.71 -43.99 -7.05
N GLN A 212 22.71 -43.38 -7.67
CA GLN A 212 21.55 -44.12 -8.16
C GLN A 212 21.98 -44.92 -9.39
N LYS A 213 22.18 -46.23 -9.21
CA LYS A 213 22.60 -47.08 -10.31
C LYS A 213 21.57 -47.03 -11.43
N MET A 214 21.93 -46.39 -12.54
CA MET A 214 21.11 -46.28 -13.73
C MET A 214 21.97 -46.43 -14.97
N CYS A 215 21.48 -47.18 -15.91
CA CYS A 215 22.11 -47.43 -17.20
C CYS A 215 21.47 -46.57 -18.28
N PRO A 216 22.18 -46.28 -19.37
CA PRO A 216 21.77 -45.22 -20.28
C PRO A 216 20.42 -45.49 -20.93
N SER A 217 19.93 -44.48 -21.65
CA SER A 217 18.67 -44.60 -22.36
C SER A 217 18.75 -45.53 -23.56
N THR A 218 19.97 -45.94 -23.95
CA THR A 218 20.11 -46.77 -25.14
C THR A 218 19.26 -48.03 -25.07
N CYS A 219 19.09 -48.59 -23.87
CA CYS A 219 18.25 -49.77 -23.73
C CYS A 219 16.77 -49.46 -23.90
N GLY A 220 16.37 -48.20 -23.76
CA GLY A 220 14.98 -47.85 -23.91
C GLY A 220 14.13 -48.57 -22.88
N LYS A 221 13.15 -49.32 -23.36
CA LYS A 221 12.24 -50.04 -22.48
C LYS A 221 12.85 -51.29 -21.88
N ARG A 222 13.99 -51.75 -22.40
CA ARG A 222 14.56 -53.01 -21.95
C ARG A 222 15.24 -52.86 -20.60
N ALA A 223 15.50 -54.00 -19.96
CA ALA A 223 16.31 -54.05 -18.76
C ALA A 223 17.79 -54.12 -19.13
N CYS A 224 18.65 -53.99 -18.11
CA CYS A 224 20.08 -53.88 -18.34
C CYS A 224 20.84 -54.45 -17.15
N THR A 225 22.05 -54.93 -17.43
CA THR A 225 22.89 -55.60 -16.45
C THR A 225 23.99 -54.66 -15.96
N GLU A 226 24.82 -55.19 -15.05
CA GLU A 226 26.01 -54.45 -14.62
C GLU A 226 26.92 -54.21 -15.81
N ASN A 227 27.58 -53.05 -15.78
CA ASN A 227 28.32 -52.49 -16.92
C ASN A 227 27.37 -51.89 -17.95
N ASN A 228 26.07 -51.86 -17.64
CA ASN A 228 25.10 -51.13 -18.45
C ASN A 228 24.96 -51.73 -19.85
N GLU A 229 24.67 -53.03 -19.90
CA GLU A 229 24.36 -53.73 -21.13
C GLU A 229 22.91 -54.20 -21.10
N CYS A 230 22.20 -54.02 -22.21
CA CYS A 230 20.77 -54.30 -22.27
C CYS A 230 20.50 -55.79 -22.34
N CYS A 231 19.60 -56.27 -21.49
CA CYS A 231 19.23 -57.69 -21.44
C CYS A 231 17.94 -57.93 -22.21
N HIS A 232 17.40 -59.14 -22.05
CA HIS A 232 16.19 -59.56 -22.75
C HIS A 232 15.01 -58.69 -22.32
N PRO A 233 14.06 -58.42 -23.21
CA PRO A 233 12.92 -57.56 -22.84
C PRO A 233 11.93 -58.20 -21.87
N GLU A 234 12.19 -59.41 -21.37
CA GLU A 234 11.36 -59.98 -20.30
C GLU A 234 12.00 -59.83 -18.93
N CYS A 235 13.30 -59.59 -18.85
CA CYS A 235 13.90 -59.26 -17.56
C CYS A 235 13.35 -57.93 -17.08
N LEU A 236 13.03 -57.86 -15.78
CA LEU A 236 12.65 -56.62 -15.12
C LEU A 236 13.69 -56.32 -14.06
N GLY A 237 14.03 -55.04 -13.92
CA GLY A 237 15.11 -54.72 -13.00
C GLY A 237 16.41 -55.30 -13.49
N SER A 238 17.24 -55.72 -12.54
CA SER A 238 18.57 -56.22 -12.87
C SER A 238 18.45 -57.51 -13.69
N CYS A 239 19.62 -58.00 -14.12
CA CYS A 239 19.72 -59.16 -15.00
C CYS A 239 21.15 -59.65 -14.98
N SER A 240 21.35 -60.91 -14.60
CA SER A 240 22.68 -61.41 -14.29
C SER A 240 23.53 -61.65 -15.55
N ALA A 241 22.89 -61.80 -16.71
CA ALA A 241 23.61 -62.04 -17.95
C ALA A 241 22.93 -61.28 -19.07
N PRO A 242 23.67 -60.89 -20.12
CA PRO A 242 23.08 -60.08 -21.19
C PRO A 242 22.23 -60.93 -22.12
N ASP A 243 20.95 -60.57 -22.23
CA ASP A 243 20.05 -61.11 -23.24
C ASP A 243 19.80 -62.60 -23.06
N ASN A 244 19.79 -63.06 -21.81
CA ASN A 244 19.46 -64.44 -21.48
C ASN A 244 18.19 -64.45 -20.64
N ASP A 245 17.22 -65.26 -21.05
CA ASP A 245 15.93 -65.28 -20.36
C ASP A 245 16.09 -65.75 -18.91
N THR A 246 16.90 -66.78 -18.68
CA THR A 246 17.05 -67.32 -17.34
C THR A 246 17.72 -66.34 -16.38
N ALA A 247 18.58 -65.45 -16.89
CA ALA A 247 19.32 -64.55 -16.03
C ALA A 247 18.45 -63.46 -15.42
N CYS A 248 17.22 -63.30 -15.87
CA CYS A 248 16.34 -62.27 -15.32
C CYS A 248 16.19 -62.46 -13.82
N VAL A 249 16.40 -61.39 -13.06
CA VAL A 249 16.14 -61.45 -11.62
C VAL A 249 14.64 -61.59 -11.37
N ALA A 250 13.83 -60.84 -12.09
CA ALA A 250 12.38 -60.90 -11.97
C ALA A 250 11.79 -60.82 -13.37
N CYS A 251 10.50 -61.12 -13.47
CA CYS A 251 9.80 -61.21 -14.74
C CYS A 251 8.75 -60.11 -14.81
N ARG A 252 8.82 -59.30 -15.86
CA ARG A 252 7.86 -58.20 -15.98
C ARG A 252 6.47 -58.67 -16.36
N HIS A 253 6.31 -59.90 -16.84
CA HIS A 253 4.99 -60.48 -17.03
C HIS A 253 4.75 -61.67 -16.13
N TYR A 254 5.56 -62.72 -16.21
CA TYR A 254 5.32 -63.92 -15.41
C TYR A 254 6.61 -64.72 -15.28
N TYR A 255 6.66 -65.53 -14.23
CA TYR A 255 7.80 -66.38 -13.92
C TYR A 255 7.35 -67.84 -13.90
N TYR A 256 8.14 -68.71 -14.52
CA TYR A 256 7.82 -70.14 -14.52
C TYR A 256 9.07 -70.93 -14.85
N ALA A 257 9.35 -71.95 -14.05
CA ALA A 257 10.47 -72.86 -14.27
C ALA A 257 11.78 -72.09 -14.46
N GLY A 258 11.96 -71.05 -13.65
CA GLY A 258 13.20 -70.31 -13.67
C GLY A 258 13.41 -69.45 -14.90
N VAL A 259 12.39 -69.28 -15.74
CA VAL A 259 12.50 -68.52 -16.98
C VAL A 259 11.37 -67.51 -17.04
N CYS A 260 11.72 -66.26 -17.36
CA CYS A 260 10.72 -65.23 -17.57
C CYS A 260 10.09 -65.37 -18.95
N VAL A 261 8.80 -65.09 -19.02
CA VAL A 261 8.00 -65.32 -20.22
C VAL A 261 6.90 -64.29 -20.29
N PRO A 262 6.64 -63.67 -21.46
CA PRO A 262 5.55 -62.69 -21.53
C PRO A 262 4.19 -63.28 -21.19
N ALA A 263 3.98 -64.56 -21.47
CA ALA A 263 2.79 -65.28 -21.04
C ALA A 263 3.21 -66.68 -20.63
N CYS A 264 2.69 -67.15 -19.50
CA CYS A 264 3.21 -68.39 -18.97
C CYS A 264 2.68 -69.58 -19.80
N PRO A 265 3.41 -70.69 -19.79
CA PRO A 265 3.13 -71.78 -20.75
C PRO A 265 1.68 -72.25 -20.66
N PRO A 266 1.22 -72.98 -21.68
CA PRO A 266 -0.14 -73.54 -21.61
C PRO A 266 -0.29 -74.49 -20.43
N ASN A 267 -1.52 -74.56 -19.92
CA ASN A 267 -1.88 -75.38 -18.76
C ASN A 267 -1.27 -74.86 -17.47
N THR A 268 -0.72 -73.65 -17.49
CA THR A 268 -0.15 -73.01 -16.31
C THR A 268 -1.09 -71.90 -15.87
N TYR A 269 -1.55 -71.96 -14.63
CA TYR A 269 -2.60 -71.09 -14.13
C TYR A 269 -1.97 -69.91 -13.38
N ARG A 270 -2.24 -68.70 -13.86
CA ARG A 270 -1.68 -67.52 -13.21
C ARG A 270 -2.10 -67.47 -11.74
N PHE A 271 -1.11 -67.35 -10.86
CA PHE A 271 -1.33 -67.35 -9.41
C PHE A 271 -0.66 -66.14 -8.80
N GLU A 272 -1.39 -65.41 -7.96
CA GLU A 272 -0.88 -64.23 -7.28
C GLU A 272 -0.23 -63.26 -8.27
N GLY A 273 -0.60 -63.37 -9.54
CA GLY A 273 -0.18 -62.43 -10.56
C GLY A 273 1.30 -62.38 -10.86
N TRP A 274 2.10 -63.34 -10.41
CA TRP A 274 3.50 -63.36 -10.80
C TRP A 274 4.04 -64.73 -11.17
N ARG A 275 3.35 -65.83 -10.84
CA ARG A 275 3.79 -67.17 -11.21
C ARG A 275 2.57 -68.02 -11.55
N CYS A 276 2.77 -68.98 -12.44
CA CYS A 276 1.72 -69.89 -12.85
C CYS A 276 2.03 -71.29 -12.30
N VAL A 277 0.97 -71.99 -11.88
CA VAL A 277 1.08 -73.28 -11.21
C VAL A 277 0.07 -74.23 -11.83
N ASP A 278 -0.04 -75.42 -11.24
CA ASP A 278 -0.94 -76.48 -11.70
C ASP A 278 -1.83 -76.92 -10.54
N ARG A 279 -2.72 -77.87 -10.84
CA ARG A 279 -3.66 -78.37 -9.83
C ARG A 279 -2.97 -79.02 -8.64
N ASP A 280 -1.71 -79.42 -8.80
CA ASP A 280 -0.98 -79.96 -7.65
C ASP A 280 -0.89 -78.93 -6.53
N PHE A 281 -0.87 -77.64 -6.87
CA PHE A 281 -0.71 -76.59 -5.88
C PHE A 281 -2.04 -76.02 -5.42
N CYS A 282 -2.84 -75.50 -6.34
CA CYS A 282 -4.08 -74.84 -5.96
C CYS A 282 -5.03 -75.79 -5.22
N ALA A 283 -4.90 -77.09 -5.47
CA ALA A 283 -5.75 -78.07 -4.79
C ALA A 283 -5.34 -78.29 -3.34
N ASN A 284 -4.17 -77.81 -2.93
CA ASN A 284 -3.63 -78.11 -1.62
C ASN A 284 -3.40 -76.89 -0.74
N ILE A 285 -3.70 -75.68 -1.23
CA ILE A 285 -3.68 -74.51 -0.36
C ILE A 285 -4.86 -74.59 0.61
N LEU A 286 -4.65 -74.08 1.81
CA LEU A 286 -5.67 -74.17 2.84
C LEU A 286 -6.85 -73.26 2.51
N SER A 287 -8.06 -73.83 2.57
CA SER A 287 -9.27 -73.09 2.22
C SER A 287 -9.47 -71.90 3.14
N PHE A 296 -10.57 -74.15 -2.94
CA PHE A 296 -10.12 -73.31 -4.04
C PHE A 296 -10.81 -73.71 -5.35
N VAL A 297 -10.62 -72.89 -6.37
CA VAL A 297 -11.32 -73.08 -7.65
C VAL A 297 -10.41 -72.62 -8.79
N ILE A 298 -10.84 -72.87 -10.03
CA ILE A 298 -10.14 -72.40 -11.22
C ILE A 298 -11.13 -71.69 -12.13
N HIS A 299 -10.63 -70.69 -12.86
CA HIS A 299 -11.43 -69.96 -13.82
C HIS A 299 -10.55 -69.10 -14.72
N ASP A 300 -10.79 -69.18 -16.04
CA ASP A 300 -10.10 -68.33 -17.01
C ASP A 300 -8.60 -68.32 -16.76
N GLY A 301 -8.04 -69.47 -16.40
CA GLY A 301 -6.63 -69.61 -16.16
C GLY A 301 -6.14 -69.01 -14.86
N GLU A 302 -6.95 -68.22 -14.16
CA GLU A 302 -6.57 -67.67 -12.86
C GLU A 302 -6.92 -68.66 -11.76
N CYS A 303 -6.02 -68.81 -10.80
CA CYS A 303 -6.27 -69.57 -9.59
C CYS A 303 -6.75 -68.61 -8.51
N MET A 304 -8.01 -68.74 -8.11
CA MET A 304 -8.64 -67.77 -7.22
C MET A 304 -9.24 -68.50 -6.02
N GLN A 305 -9.60 -67.69 -5.01
CA GLN A 305 -10.26 -68.21 -3.83
C GLN A 305 -11.72 -68.59 -4.09
N GLU A 306 -12.36 -67.99 -5.10
CA GLU A 306 -13.76 -68.23 -5.37
C GLU A 306 -14.07 -67.88 -6.82
N CYS A 307 -15.17 -68.42 -7.32
CA CYS A 307 -15.60 -68.11 -8.67
C CYS A 307 -16.21 -66.70 -8.72
N PRO A 308 -16.05 -65.99 -9.82
CA PRO A 308 -16.52 -64.61 -9.91
C PRO A 308 -18.01 -64.53 -10.24
N SER A 309 -18.49 -63.30 -10.40
CA SER A 309 -19.87 -63.09 -10.79
C SER A 309 -20.14 -63.69 -12.16
N GLY A 310 -21.35 -64.24 -12.35
CA GLY A 310 -21.71 -64.90 -13.56
C GLY A 310 -21.22 -66.33 -13.67
N PHE A 311 -20.36 -66.77 -12.75
CA PHE A 311 -19.89 -68.14 -12.71
C PHE A 311 -19.97 -68.63 -11.27
N ILE A 312 -20.27 -69.92 -11.11
CA ILE A 312 -20.53 -70.49 -9.79
C ILE A 312 -19.93 -71.89 -9.74
N ARG A 313 -19.73 -72.38 -8.52
CA ARG A 313 -19.27 -73.75 -8.33
C ARG A 313 -20.23 -74.73 -8.97
N ASN A 314 -19.65 -75.75 -9.62
CA ASN A 314 -20.40 -76.90 -10.11
C ASN A 314 -19.91 -78.14 -9.36
N GLY A 315 -20.86 -78.89 -8.79
CA GLY A 315 -20.50 -80.00 -7.93
C GLY A 315 -19.93 -81.20 -8.66
N SER A 316 -20.02 -81.24 -9.99
CA SER A 316 -19.44 -82.36 -10.72
C SER A 316 -17.94 -82.46 -10.46
N GLN A 317 -17.24 -81.34 -10.51
CA GLN A 317 -15.83 -81.27 -10.16
C GLN A 317 -15.54 -79.89 -9.62
N SER A 318 -14.61 -79.82 -8.65
CA SER A 318 -14.32 -78.55 -7.99
C SER A 318 -13.77 -77.50 -8.94
N MET A 319 -13.19 -77.92 -10.06
CA MET A 319 -12.58 -76.97 -10.98
C MET A 319 -13.60 -76.12 -11.72
N TYR A 320 -14.84 -76.60 -11.86
CA TYR A 320 -15.82 -75.97 -12.73
C TYR A 320 -16.43 -74.75 -12.04
N CYS A 321 -15.97 -73.56 -12.43
CA CYS A 321 -16.68 -72.32 -12.12
C CYS A 321 -17.73 -72.11 -13.23
N ILE A 322 -18.78 -72.93 -13.16
CA ILE A 322 -19.74 -73.00 -14.26
C ILE A 322 -20.44 -71.66 -14.41
N PRO A 323 -20.70 -71.17 -15.64
CA PRO A 323 -21.45 -69.92 -15.82
C PRO A 323 -22.89 -70.02 -15.34
N PRO A 329 -24.29 -64.45 -9.38
CA PRO A 329 -24.20 -63.33 -8.43
C PRO A 329 -23.00 -63.43 -7.50
N LYS A 330 -22.77 -62.36 -6.73
CA LYS A 330 -21.65 -62.30 -5.80
C LYS A 330 -21.93 -61.16 -4.83
N VAL A 331 -21.89 -61.46 -3.53
CA VAL A 331 -22.37 -60.55 -2.50
C VAL A 331 -21.22 -60.21 -1.55
N CYS A 332 -20.96 -58.92 -1.38
CA CYS A 332 -20.15 -58.47 -0.26
C CYS A 332 -21.00 -58.43 1.01
N GLU A 333 -20.37 -58.73 2.14
CA GLU A 333 -21.02 -58.69 3.44
C GLU A 333 -20.69 -57.38 4.14
N GLU A 334 -21.50 -57.06 5.15
CA GLU A 334 -21.36 -55.82 5.89
C GLU A 334 -21.09 -56.12 7.35
N GLU A 335 -20.21 -55.33 7.96
CA GLU A 335 -20.02 -55.31 9.40
C GLU A 335 -20.33 -53.95 9.98
N LYS A 336 -19.86 -52.88 9.34
CA LYS A 336 -20.36 -51.54 9.58
C LYS A 336 -21.56 -51.28 8.67
N LYS A 337 -22.48 -50.46 9.15
CA LYS A 337 -23.52 -49.96 8.26
C LYS A 337 -22.92 -49.09 7.17
N THR A 338 -22.00 -48.20 7.54
CA THR A 338 -21.41 -47.23 6.62
C THR A 338 -20.05 -47.77 6.16
N LYS A 339 -19.99 -48.25 4.92
CA LYS A 339 -18.75 -48.76 4.34
C LYS A 339 -18.08 -47.62 3.58
N THR A 340 -17.42 -46.74 4.34
CA THR A 340 -16.76 -45.59 3.75
C THR A 340 -15.67 -46.04 2.78
N ILE A 341 -15.51 -45.28 1.70
CA ILE A 341 -14.51 -45.55 0.68
C ILE A 341 -13.62 -44.34 0.54
N ASP A 342 -12.32 -44.53 0.72
CA ASP A 342 -11.35 -43.46 0.59
C ASP A 342 -10.11 -43.85 -0.19
N SER A 343 -9.88 -45.13 -0.47
CA SER A 343 -8.63 -45.57 -1.06
C SER A 343 -8.84 -46.87 -1.81
N VAL A 344 -7.88 -47.20 -2.68
CA VAL A 344 -7.94 -48.46 -3.41
C VAL A 344 -7.78 -49.64 -2.47
N THR A 345 -7.16 -49.44 -1.31
CA THR A 345 -7.07 -50.53 -0.34
C THR A 345 -8.45 -50.91 0.18
N SER A 346 -9.29 -49.91 0.46
CA SER A 346 -10.65 -50.18 0.94
C SER A 346 -11.60 -50.49 -0.21
N ALA A 347 -11.37 -49.90 -1.39
CA ALA A 347 -12.22 -50.20 -2.53
C ALA A 347 -11.98 -51.60 -3.05
N GLN A 348 -10.75 -52.12 -2.92
CA GLN A 348 -10.44 -53.45 -3.43
C GLN A 348 -11.18 -54.54 -2.68
N MET A 349 -11.63 -54.27 -1.45
CA MET A 349 -12.40 -55.26 -0.71
C MET A 349 -13.71 -55.62 -1.42
N LEU A 350 -14.19 -54.75 -2.32
CA LEU A 350 -15.43 -54.97 -3.03
C LEU A 350 -15.25 -55.67 -4.37
N GLN A 351 -14.02 -56.06 -4.71
CA GLN A 351 -13.75 -56.57 -6.05
C GLN A 351 -14.61 -57.79 -6.35
N GLY A 352 -15.38 -57.72 -7.42
CA GLY A 352 -16.15 -58.84 -7.91
C GLY A 352 -17.56 -58.94 -7.36
N CYS A 353 -17.98 -58.06 -6.47
CA CYS A 353 -19.30 -58.15 -5.88
C CYS A 353 -20.37 -57.61 -6.81
N THR A 354 -21.48 -58.34 -6.91
CA THR A 354 -22.62 -57.95 -7.73
C THR A 354 -23.64 -57.16 -6.92
N ILE A 355 -23.88 -57.54 -5.67
CA ILE A 355 -24.87 -56.91 -4.82
C ILE A 355 -24.19 -56.49 -3.52
N PHE A 356 -24.28 -55.20 -3.19
CA PHE A 356 -23.72 -54.64 -1.97
C PHE A 356 -24.86 -54.28 -1.03
N LYS A 357 -24.99 -55.04 0.06
CA LYS A 357 -26.05 -54.82 1.04
C LYS A 357 -25.52 -54.00 2.22
N GLY A 358 -25.04 -52.79 1.90
CA GLY A 358 -24.55 -51.88 2.92
C GLY A 358 -24.82 -50.43 2.56
N ASN A 359 -24.11 -49.51 3.21
CA ASN A 359 -24.21 -48.08 2.92
C ASN A 359 -22.87 -47.61 2.39
N LEU A 360 -22.91 -46.82 1.31
CA LEU A 360 -21.70 -46.25 0.73
C LEU A 360 -21.56 -44.79 1.11
N LEU A 361 -20.37 -44.42 1.53
CA LEU A 361 -19.96 -43.02 1.69
C LEU A 361 -18.63 -42.87 0.98
N ILE A 362 -18.52 -41.86 0.12
CA ILE A 362 -17.37 -41.69 -0.76
C ILE A 362 -16.70 -40.37 -0.42
N ASN A 363 -15.41 -40.41 -0.10
CA ASN A 363 -14.68 -39.26 0.39
C ASN A 363 -13.32 -39.15 -0.28
N ILE A 364 -13.24 -39.44 -1.57
CA ILE A 364 -11.95 -39.51 -2.26
C ILE A 364 -11.36 -38.10 -2.37
N ARG A 365 -10.45 -37.76 -1.47
CA ARG A 365 -9.85 -36.43 -1.47
C ARG A 365 -8.93 -36.22 -2.67
N ARG A 366 -8.03 -37.18 -2.91
CA ARG A 366 -6.97 -36.99 -3.89
C ARG A 366 -6.87 -38.21 -4.79
N GLY A 367 -6.04 -38.08 -5.83
CA GLY A 367 -5.84 -39.13 -6.80
C GLY A 367 -5.94 -38.59 -8.21
N ASN A 368 -4.89 -38.78 -9.00
CA ASN A 368 -4.89 -38.24 -10.37
C ASN A 368 -5.77 -39.09 -11.27
N ASN A 369 -5.74 -40.41 -11.11
CA ASN A 369 -6.50 -41.31 -11.96
C ASN A 369 -7.11 -42.46 -11.16
N ILE A 370 -7.48 -42.21 -9.89
CA ILE A 370 -8.07 -43.26 -9.07
C ILE A 370 -9.34 -43.79 -9.72
N ALA A 371 -10.07 -42.93 -10.44
CA ALA A 371 -11.32 -43.36 -11.07
C ALA A 371 -11.10 -44.57 -11.97
N SER A 372 -9.92 -44.70 -12.56
CA SER A 372 -9.66 -45.84 -13.43
C SER A 372 -9.70 -47.15 -12.66
N GLU A 373 -9.15 -47.16 -11.44
CA GLU A 373 -9.10 -48.40 -10.67
C GLU A 373 -10.42 -48.71 -9.98
N LEU A 374 -11.13 -47.67 -9.51
CA LEU A 374 -12.40 -47.91 -8.85
C LEU A 374 -13.39 -48.61 -9.77
N GLU A 375 -13.28 -48.38 -11.08
CA GLU A 375 -14.17 -49.04 -12.02
C GLU A 375 -14.00 -50.56 -11.97
N ASN A 376 -12.76 -51.03 -11.89
CA ASN A 376 -12.51 -52.47 -11.93
C ASN A 376 -13.03 -53.17 -10.68
N PHE A 377 -13.01 -52.49 -9.53
CA PHE A 377 -13.47 -53.09 -8.29
C PHE A 377 -14.96 -52.90 -8.09
N MET A 378 -15.46 -51.67 -8.26
CA MET A 378 -16.84 -51.35 -7.96
C MET A 378 -17.73 -51.37 -9.20
N GLY A 379 -17.14 -51.41 -10.40
CA GLY A 379 -17.94 -51.32 -11.62
C GLY A 379 -18.92 -52.45 -11.80
N LEU A 380 -18.75 -53.55 -11.09
CA LEU A 380 -19.63 -54.70 -11.21
C LEU A 380 -20.77 -54.70 -10.21
N ILE A 381 -20.90 -53.64 -9.40
CA ILE A 381 -22.03 -53.53 -8.48
C ILE A 381 -23.27 -53.10 -9.25
N GLU A 382 -24.39 -53.77 -8.97
CA GLU A 382 -25.66 -53.42 -9.58
C GLU A 382 -26.73 -52.96 -8.60
N VAL A 383 -26.61 -53.30 -7.32
CA VAL A 383 -27.60 -52.94 -6.31
C VAL A 383 -26.89 -52.45 -5.07
N VAL A 384 -27.31 -51.28 -4.58
CA VAL A 384 -26.91 -50.78 -3.27
C VAL A 384 -28.19 -50.66 -2.45
N THR A 385 -28.33 -51.51 -1.43
CA THR A 385 -29.60 -51.59 -0.71
C THR A 385 -29.82 -50.40 0.21
N GLY A 386 -28.76 -49.83 0.74
CA GLY A 386 -28.86 -48.68 1.64
C GLY A 386 -28.75 -47.37 0.90
N TYR A 387 -28.55 -46.30 1.67
CA TYR A 387 -28.41 -44.99 1.08
C TYR A 387 -27.03 -44.83 0.43
N VAL A 388 -26.92 -43.79 -0.39
CA VAL A 388 -25.66 -43.42 -1.02
C VAL A 388 -25.41 -41.95 -0.74
N LYS A 389 -24.15 -41.61 -0.46
CA LYS A 389 -23.78 -40.26 -0.07
C LYS A 389 -22.43 -39.94 -0.69
N ILE A 390 -22.15 -38.65 -0.82
CA ILE A 390 -20.84 -38.17 -1.24
C ILE A 390 -20.47 -36.98 -0.35
N ARG A 391 -19.17 -36.77 -0.22
CA ARG A 391 -18.65 -35.78 0.73
C ARG A 391 -17.24 -35.40 0.32
N HIS A 392 -17.00 -34.15 0.13
CA HIS A 392 -15.64 -33.69 -0.19
C HIS A 392 -14.93 -34.62 -1.19
N SER A 393 -15.60 -35.34 -2.11
CA SER A 393 -14.94 -36.16 -3.16
C SER A 393 -14.40 -35.19 -4.18
N HIS A 394 -13.38 -34.41 -3.87
CA HIS A 394 -12.84 -33.36 -4.75
C HIS A 394 -12.07 -33.99 -5.91
N ALA A 395 -11.92 -35.32 -6.01
CA ALA A 395 -11.13 -36.01 -7.05
C ALA A 395 -12.04 -36.47 -8.15
N LEU A 396 -13.29 -36.73 -7.80
CA LEU A 396 -14.23 -37.22 -8.81
C LEU A 396 -14.57 -36.11 -9.79
N VAL A 397 -14.31 -36.36 -11.08
CA VAL A 397 -14.80 -35.51 -12.15
C VAL A 397 -16.00 -36.11 -12.85
N SER A 398 -16.31 -37.38 -12.58
CA SER A 398 -17.43 -38.06 -13.22
C SER A 398 -17.74 -39.32 -12.43
N LEU A 399 -19.03 -39.59 -12.22
CA LEU A 399 -19.47 -40.83 -11.59
C LEU A 399 -19.58 -41.96 -12.60
N SER A 400 -18.95 -41.83 -13.77
CA SER A 400 -19.04 -42.87 -14.78
C SER A 400 -18.48 -44.20 -14.29
N PHE A 401 -17.52 -44.17 -13.37
CA PHE A 401 -16.84 -45.40 -12.97
C PHE A 401 -17.82 -46.43 -12.41
N LEU A 402 -18.91 -45.99 -11.79
CA LEU A 402 -19.92 -46.90 -11.24
C LEU A 402 -20.74 -47.50 -12.38
N LYS A 403 -20.06 -48.32 -13.18
CA LYS A 403 -20.53 -48.65 -14.52
C LYS A 403 -21.94 -49.21 -14.52
N ASN A 404 -22.21 -50.22 -13.68
CA ASN A 404 -23.42 -51.02 -13.80
C ASN A 404 -24.37 -50.86 -12.61
N LEU A 405 -24.28 -49.76 -11.88
CA LEU A 405 -25.25 -49.51 -10.82
C LEU A 405 -26.63 -49.29 -11.43
N ARG A 406 -27.64 -49.92 -10.82
CA ARG A 406 -29.02 -49.73 -11.24
C ARG A 406 -29.89 -49.15 -10.13
N LEU A 407 -29.90 -49.77 -8.95
CA LEU A 407 -30.91 -49.50 -7.94
C LEU A 407 -30.29 -48.99 -6.66
N ILE A 408 -31.00 -48.07 -6.01
CA ILE A 408 -30.67 -47.60 -4.66
C ILE A 408 -31.95 -47.78 -3.85
N LEU A 409 -32.09 -48.93 -3.20
CA LEU A 409 -33.36 -49.32 -2.61
C LEU A 409 -33.73 -48.49 -1.38
N GLY A 410 -32.79 -47.76 -0.80
CA GLY A 410 -33.12 -46.90 0.33
C GLY A 410 -33.73 -47.64 1.51
N GLU A 411 -33.21 -48.82 1.82
CA GLU A 411 -33.65 -49.52 3.03
C GLU A 411 -33.31 -48.71 4.28
N GLU A 412 -32.25 -47.91 4.22
CA GLU A 412 -31.88 -47.00 5.28
C GLU A 412 -31.60 -45.63 4.68
N GLN A 413 -31.91 -44.58 5.44
CA GLN A 413 -31.79 -43.23 4.94
C GLN A 413 -31.11 -42.33 5.97
N LEU A 414 -30.47 -41.28 5.48
CA LEU A 414 -29.85 -40.29 6.34
C LEU A 414 -30.90 -39.59 7.19
N GLU A 415 -30.43 -38.80 8.15
CA GLU A 415 -31.33 -37.95 8.91
C GLU A 415 -32.06 -37.01 7.95
N GLY A 416 -33.37 -36.90 8.12
CA GLY A 416 -34.20 -36.19 7.18
C GLY A 416 -34.70 -37.03 6.02
N ASN A 417 -34.38 -38.32 5.99
CA ASN A 417 -34.94 -39.26 5.01
C ASN A 417 -34.44 -38.97 3.59
N TYR A 418 -33.15 -38.67 3.47
CA TYR A 418 -32.49 -38.59 2.18
C TYR A 418 -31.90 -39.94 1.82
N SER A 419 -32.13 -40.40 0.59
CA SER A 419 -31.58 -41.65 0.10
C SER A 419 -30.43 -41.46 -0.89
N PHE A 420 -30.28 -40.26 -1.43
CA PHE A 420 -29.16 -39.94 -2.31
C PHE A 420 -28.73 -38.52 -1.98
N TYR A 421 -27.46 -38.34 -1.65
CA TYR A 421 -27.02 -37.12 -0.99
C TYR A 421 -25.67 -36.71 -1.58
N VAL A 422 -25.54 -35.45 -1.97
CA VAL A 422 -24.34 -34.94 -2.60
C VAL A 422 -24.05 -33.57 -2.00
N LEU A 423 -22.79 -33.34 -1.62
CA LEU A 423 -22.47 -32.11 -0.90
C LEU A 423 -21.00 -31.76 -1.07
N ASP A 424 -20.75 -30.50 -1.44
CA ASP A 424 -19.40 -29.93 -1.47
C ASP A 424 -18.43 -30.75 -2.31
N ASN A 425 -18.85 -31.14 -3.51
CA ASN A 425 -17.96 -31.75 -4.49
C ASN A 425 -17.40 -30.63 -5.35
N GLN A 426 -16.23 -30.14 -4.99
CA GLN A 426 -15.65 -28.96 -5.61
C GLN A 426 -15.27 -29.19 -7.07
N ASN A 427 -15.34 -30.44 -7.54
CA ASN A 427 -14.91 -30.72 -8.90
C ASN A 427 -15.84 -31.70 -9.62
N LEU A 428 -17.00 -32.04 -9.05
CA LEU A 428 -17.89 -32.98 -9.71
C LEU A 428 -18.57 -32.30 -10.89
N GLN A 429 -18.00 -32.44 -12.09
CA GLN A 429 -18.51 -31.77 -13.27
C GLN A 429 -19.60 -32.56 -13.99
N GLN A 430 -19.75 -33.84 -13.67
CA GLN A 430 -20.59 -34.72 -14.49
C GLN A 430 -21.19 -35.82 -13.63
N LEU A 431 -22.50 -36.00 -13.71
CA LEU A 431 -23.13 -37.21 -13.21
C LEU A 431 -23.15 -38.27 -14.31
N TRP A 432 -23.51 -39.49 -13.91
CA TRP A 432 -23.46 -40.63 -14.80
C TRP A 432 -24.82 -40.95 -15.42
N ASP A 433 -25.83 -40.12 -15.17
CA ASP A 433 -27.18 -40.37 -15.68
C ASP A 433 -27.37 -39.79 -17.07
N TRP A 434 -26.50 -40.20 -17.99
CA TRP A 434 -26.77 -39.99 -19.40
C TRP A 434 -27.92 -40.88 -19.86
N ASP A 435 -28.72 -40.35 -20.79
CA ASP A 435 -29.93 -41.05 -21.23
C ASP A 435 -29.65 -42.47 -21.70
N HIS A 436 -28.40 -42.81 -21.97
CA HIS A 436 -28.06 -44.16 -22.44
C HIS A 436 -28.21 -45.20 -21.34
N ARG A 437 -28.14 -44.80 -20.07
CA ARG A 437 -28.09 -45.72 -18.95
C ARG A 437 -29.11 -45.29 -17.89
N ASN A 438 -29.62 -46.27 -17.14
CA ASN A 438 -30.73 -46.06 -16.23
C ASN A 438 -30.27 -46.05 -14.78
N LEU A 439 -31.00 -45.32 -13.95
CA LEU A 439 -30.77 -45.26 -12.51
C LEU A 439 -32.11 -45.12 -11.83
N THR A 440 -32.50 -46.13 -11.04
CA THR A 440 -33.81 -46.15 -10.39
C THR A 440 -33.62 -46.15 -8.88
N ILE A 441 -34.09 -45.08 -8.25
CA ILE A 441 -34.17 -45.04 -6.78
C ILE A 441 -35.58 -45.46 -6.38
N LYS A 442 -35.66 -46.45 -5.50
CA LYS A 442 -36.93 -47.08 -5.15
C LYS A 442 -37.63 -46.38 -3.99
N ALA A 443 -37.00 -45.40 -3.36
CA ALA A 443 -37.62 -44.66 -2.27
C ALA A 443 -36.68 -43.54 -1.83
N GLY A 444 -37.20 -42.65 -1.00
CA GLY A 444 -36.38 -41.64 -0.35
C GLY A 444 -36.21 -40.39 -1.19
N LYS A 445 -35.70 -39.36 -0.51
CA LYS A 445 -35.47 -38.05 -1.10
C LYS A 445 -34.13 -38.00 -1.82
N MET A 446 -33.88 -36.87 -2.48
CA MET A 446 -32.56 -36.45 -2.93
C MET A 446 -32.12 -35.22 -2.15
N TYR A 447 -30.92 -34.75 -2.44
CA TYR A 447 -30.43 -33.49 -1.88
C TYR A 447 -29.16 -33.10 -2.63
N PHE A 448 -29.01 -31.81 -2.88
CA PHE A 448 -27.85 -31.30 -3.59
C PHE A 448 -27.48 -29.94 -3.04
N ALA A 449 -26.18 -29.73 -2.83
CA ALA A 449 -25.70 -28.45 -2.32
C ALA A 449 -24.22 -28.32 -2.62
N PHE A 450 -23.78 -27.07 -2.79
CA PHE A 450 -22.36 -26.75 -2.93
C PHE A 450 -21.68 -27.63 -3.96
N ASN A 451 -22.25 -27.66 -5.16
CA ASN A 451 -21.62 -28.34 -6.28
C ASN A 451 -21.15 -27.29 -7.28
N PRO A 452 -20.03 -26.62 -7.00
CA PRO A 452 -19.70 -25.42 -7.77
C PRO A 452 -19.58 -25.65 -9.27
N LYS A 453 -19.01 -26.78 -9.69
CA LYS A 453 -18.72 -27.01 -11.09
C LYS A 453 -19.73 -27.95 -11.76
N LEU A 454 -20.77 -28.38 -11.03
CA LEU A 454 -21.83 -29.17 -11.61
C LEU A 454 -22.92 -28.24 -12.12
N CYS A 455 -23.18 -28.29 -13.43
CA CYS A 455 -24.21 -27.46 -14.00
C CYS A 455 -25.58 -27.95 -13.56
N VAL A 456 -26.42 -27.02 -13.10
CA VAL A 456 -27.65 -27.40 -12.40
C VAL A 456 -28.60 -28.16 -13.31
N SER A 457 -28.63 -27.81 -14.60
CA SER A 457 -29.52 -28.51 -15.52
C SER A 457 -29.25 -30.01 -15.53
N GLU A 458 -27.99 -30.41 -15.29
CA GLU A 458 -27.67 -31.84 -15.27
C GLU A 458 -28.40 -32.54 -14.13
N ILE A 459 -28.45 -31.92 -12.95
CA ILE A 459 -29.22 -32.49 -11.84
C ILE A 459 -30.67 -32.66 -12.26
N TYR A 460 -31.25 -31.62 -12.86
CA TYR A 460 -32.63 -31.72 -13.31
C TYR A 460 -32.77 -32.77 -14.41
N ARG A 461 -31.77 -32.84 -15.29
CA ARG A 461 -31.77 -33.88 -16.32
C ARG A 461 -31.83 -35.26 -15.67
N MET A 462 -31.01 -35.48 -14.64
CA MET A 462 -31.10 -36.72 -13.87
C MET A 462 -32.42 -36.79 -13.12
N GLU A 463 -32.91 -35.64 -12.64
CA GLU A 463 -34.18 -35.62 -11.93
C GLU A 463 -35.29 -36.20 -12.79
N GLU A 464 -35.22 -35.99 -14.11
CA GLU A 464 -36.24 -36.51 -15.02
C GLU A 464 -36.16 -38.01 -15.14
N VAL A 465 -34.94 -38.55 -15.29
CA VAL A 465 -34.78 -39.97 -15.60
C VAL A 465 -35.35 -40.83 -14.48
N THR A 466 -35.11 -40.44 -13.23
CA THR A 466 -35.65 -41.18 -12.10
C THR A 466 -37.12 -40.88 -11.84
N GLY A 467 -37.63 -39.77 -12.37
CA GLY A 467 -39.04 -39.41 -12.18
C GLY A 467 -39.39 -39.12 -10.74
N THR A 468 -38.59 -38.31 -10.05
CA THR A 468 -38.69 -38.11 -8.61
C THR A 468 -38.86 -36.64 -8.24
N LYS A 469 -39.51 -35.85 -9.11
CA LYS A 469 -39.66 -34.42 -8.82
C LYS A 469 -40.53 -34.18 -7.59
N GLY A 470 -41.58 -34.98 -7.41
CA GLY A 470 -42.54 -34.71 -6.36
C GLY A 470 -42.09 -35.11 -4.98
N ARG A 471 -40.85 -34.78 -4.60
CA ARG A 471 -40.37 -35.07 -3.26
C ARG A 471 -39.47 -34.00 -2.66
N GLN A 472 -39.20 -32.90 -3.35
CA GLN A 472 -38.14 -31.98 -2.94
C GLN A 472 -38.62 -30.54 -2.95
N SER A 473 -38.09 -29.76 -2.02
CA SER A 473 -38.35 -28.32 -1.91
C SER A 473 -37.25 -27.54 -2.61
N LYS A 474 -37.21 -26.23 -2.40
CA LYS A 474 -36.14 -25.42 -2.98
C LYS A 474 -34.78 -25.80 -2.41
N GLY A 475 -34.68 -25.95 -1.09
CA GLY A 475 -33.40 -26.18 -0.47
C GLY A 475 -32.71 -27.43 -0.98
N ASP A 476 -33.49 -28.48 -1.23
CA ASP A 476 -32.92 -29.75 -1.69
C ASP A 476 -32.23 -29.59 -3.03
N ILE A 477 -32.85 -28.88 -3.97
CA ILE A 477 -32.35 -28.80 -5.33
C ILE A 477 -32.19 -27.32 -5.71
N ASN A 478 -31.91 -26.49 -4.70
CA ASN A 478 -31.73 -25.07 -4.94
C ASN A 478 -30.73 -24.82 -6.06
N THR A 479 -30.92 -23.71 -6.77
CA THR A 479 -29.99 -23.24 -7.79
C THR A 479 -29.00 -22.21 -7.25
N ARG A 480 -29.17 -21.76 -6.01
CA ARG A 480 -28.39 -20.67 -5.46
C ARG A 480 -27.02 -21.12 -4.99
N ASN A 481 -26.77 -22.43 -4.90
CA ASN A 481 -25.44 -22.95 -4.62
C ASN A 481 -25.02 -24.09 -5.54
N ASN A 482 -25.97 -24.89 -6.08
CA ASN A 482 -25.67 -26.08 -6.89
C ASN A 482 -25.47 -25.80 -8.30
N GLY A 483 -24.28 -25.45 -8.67
CA GLY A 483 -24.02 -25.32 -10.05
C GLY A 483 -24.04 -23.95 -10.50
N GLU A 484 -22.92 -23.28 -10.34
CA GLU A 484 -22.85 -21.90 -10.68
C GLU A 484 -21.49 -21.66 -11.20
N ARG A 485 -21.07 -22.51 -12.09
CA ARG A 485 -19.82 -22.25 -12.75
C ARG A 485 -19.64 -23.13 -13.94
N ALA A 486 -20.72 -23.74 -14.42
CA ALA A 486 -20.63 -24.67 -15.56
C ALA A 486 -21.68 -24.36 -16.55
N SER A 487 -21.30 -24.26 -17.82
CA SER A 487 -22.24 -23.81 -18.83
C SER A 487 -22.72 -24.86 -19.72
N CYS A 488 -23.74 -24.53 -20.49
CA CYS A 488 -24.29 -25.49 -21.42
C CYS A 488 -25.49 -24.99 -22.22
N GLU A 489 -26.68 -25.03 -21.65
CA GLU A 489 -27.88 -24.73 -22.41
C GLU A 489 -28.23 -23.30 -22.34
N SER A 490 -28.49 -22.71 -23.48
CA SER A 490 -28.72 -21.33 -23.46
C SER A 490 -29.22 -20.70 -24.67
N ASP A 491 -30.36 -20.03 -24.59
CA ASP A 491 -30.66 -19.25 -25.78
C ASP A 491 -29.57 -18.22 -26.02
N VAL A 492 -29.65 -17.58 -27.18
CA VAL A 492 -28.71 -16.54 -27.56
C VAL A 492 -29.46 -15.23 -27.71
N LEU A 493 -29.04 -14.21 -26.97
CA LEU A 493 -29.52 -12.86 -27.19
C LEU A 493 -28.65 -12.17 -28.25
N HIS A 494 -29.28 -11.31 -29.04
CA HIS A 494 -28.61 -10.62 -30.12
C HIS A 494 -28.53 -9.13 -29.81
N PHE A 495 -27.31 -8.61 -29.74
CA PHE A 495 -27.10 -7.17 -29.56
C PHE A 495 -27.59 -6.45 -30.81
N THR A 496 -28.67 -5.68 -30.67
CA THR A 496 -29.24 -4.99 -31.82
C THR A 496 -28.43 -3.75 -32.19
N SER A 497 -27.91 -3.03 -31.20
CA SER A 497 -27.24 -1.76 -31.45
C SER A 497 -26.16 -1.51 -30.41
N THR A 498 -25.11 -0.82 -30.83
CA THR A 498 -24.03 -0.38 -29.95
C THR A 498 -23.70 1.06 -30.25
N THR A 499 -23.41 1.83 -29.21
CA THR A 499 -23.02 3.23 -29.36
C THR A 499 -21.95 3.53 -28.31
N THR A 500 -20.90 4.24 -28.75
CA THR A 500 -19.74 4.45 -27.91
C THR A 500 -19.30 5.91 -27.99
N SER A 501 -18.65 6.36 -26.92
CA SER A 501 -18.10 7.71 -26.83
C SER A 501 -16.75 7.61 -26.13
N LYS A 502 -16.20 8.74 -25.70
CA LYS A 502 -14.91 8.71 -25.04
C LYS A 502 -14.98 8.23 -23.60
N ASN A 503 -16.17 8.28 -22.98
CA ASN A 503 -16.28 7.85 -21.59
C ASN A 503 -17.55 7.05 -21.30
N ARG A 504 -18.35 6.70 -22.30
CA ARG A 504 -19.62 6.02 -22.06
C ARG A 504 -19.87 5.00 -23.16
N ILE A 505 -20.67 3.99 -22.84
CA ILE A 505 -21.08 2.96 -23.78
C ILE A 505 -22.58 2.74 -23.65
N ILE A 506 -23.28 2.72 -24.77
CA ILE A 506 -24.71 2.45 -24.82
C ILE A 506 -24.95 1.25 -25.71
N ILE A 507 -25.65 0.23 -25.20
CA ILE A 507 -25.94 -0.98 -25.94
C ILE A 507 -27.40 -1.34 -25.74
N THR A 508 -27.93 -2.12 -26.69
CA THR A 508 -29.29 -2.62 -26.62
C THR A 508 -29.33 -4.03 -27.20
N TRP A 509 -30.25 -4.85 -26.69
CA TRP A 509 -30.39 -6.21 -27.16
C TRP A 509 -31.85 -6.53 -27.41
N HIS A 510 -32.07 -7.52 -28.28
CA HIS A 510 -33.41 -7.88 -28.70
C HIS A 510 -34.27 -8.30 -27.52
N ARG A 511 -35.59 -8.27 -27.72
CA ARG A 511 -36.56 -8.61 -26.69
C ARG A 511 -36.63 -10.12 -26.53
N TYR A 512 -36.09 -10.64 -25.43
CA TYR A 512 -36.20 -12.07 -25.14
C TYR A 512 -37.63 -12.40 -24.73
N ARG A 513 -38.32 -13.18 -25.55
CA ARG A 513 -39.67 -13.63 -25.25
C ARG A 513 -39.61 -15.11 -24.89
N PRO A 514 -39.52 -15.47 -23.61
CA PRO A 514 -39.48 -16.88 -23.23
C PRO A 514 -40.80 -17.57 -23.52
N PRO A 515 -40.88 -18.89 -23.37
CA PRO A 515 -42.17 -19.56 -23.61
C PRO A 515 -43.27 -19.07 -22.70
N ASP A 516 -42.94 -18.49 -21.56
CA ASP A 516 -43.89 -17.79 -20.71
C ASP A 516 -43.26 -16.46 -20.31
N TYR A 517 -43.85 -15.36 -20.78
CA TYR A 517 -43.24 -14.04 -20.58
C TYR A 517 -43.05 -13.71 -19.12
N ARG A 518 -43.80 -14.35 -18.22
CA ARG A 518 -43.65 -14.06 -16.79
C ARG A 518 -42.39 -14.67 -16.20
N ASP A 519 -41.73 -15.59 -16.92
CA ASP A 519 -40.54 -16.23 -16.37
C ASP A 519 -39.42 -15.22 -16.13
N LEU A 520 -39.19 -14.33 -17.09
CA LEU A 520 -38.13 -13.34 -16.94
C LEU A 520 -38.48 -12.37 -15.81
N ILE A 521 -37.46 -11.98 -15.05
CA ILE A 521 -37.65 -11.05 -13.93
C ILE A 521 -36.79 -9.82 -14.15
N SER A 522 -35.67 -9.98 -14.85
CA SER A 522 -34.73 -8.89 -15.05
C SER A 522 -33.61 -9.39 -15.97
N PHE A 523 -32.77 -8.45 -16.39
CA PHE A 523 -31.56 -8.75 -17.15
C PHE A 523 -30.36 -8.25 -16.36
N THR A 524 -29.27 -9.01 -16.40
CA THR A 524 -28.03 -8.67 -15.72
C THR A 524 -26.94 -8.49 -16.76
N VAL A 525 -26.16 -7.41 -16.62
CA VAL A 525 -25.10 -7.07 -17.57
C VAL A 525 -23.77 -7.14 -16.84
N TYR A 526 -22.86 -7.95 -17.36
CA TYR A 526 -21.52 -8.11 -16.80
C TYR A 526 -20.51 -7.40 -17.71
N TYR A 527 -19.53 -6.73 -17.10
CA TYR A 527 -18.48 -6.11 -17.88
C TYR A 527 -17.23 -5.96 -17.03
N LYS A 528 -16.07 -6.01 -17.68
CA LYS A 528 -14.80 -5.79 -17.01
C LYS A 528 -13.78 -5.32 -18.04
N GLU A 529 -12.68 -4.78 -17.54
CA GLU A 529 -11.57 -4.41 -18.41
C GLU A 529 -10.91 -5.67 -18.95
N ALA A 530 -10.73 -5.74 -20.26
CA ALA A 530 -10.20 -6.93 -20.93
C ALA A 530 -9.36 -6.51 -22.12
N PRO A 531 -8.08 -6.19 -21.89
CA PRO A 531 -7.22 -5.81 -23.02
C PRO A 531 -7.08 -6.90 -24.06
N PHE A 532 -7.06 -8.16 -23.65
CA PHE A 532 -6.86 -9.29 -24.56
C PHE A 532 -8.11 -10.15 -24.57
N LYS A 533 -8.30 -10.88 -25.67
CA LYS A 533 -9.53 -11.63 -25.88
C LYS A 533 -9.53 -12.98 -25.17
N ASN A 534 -8.44 -13.34 -24.48
CA ASN A 534 -8.40 -14.58 -23.70
C ASN A 534 -9.10 -14.35 -22.36
N VAL A 535 -10.42 -14.16 -22.44
CA VAL A 535 -11.26 -13.89 -21.29
C VAL A 535 -12.47 -14.81 -21.34
N THR A 536 -12.91 -15.25 -20.16
CA THR A 536 -14.05 -16.16 -20.04
C THR A 536 -14.93 -15.69 -18.89
N GLU A 537 -16.19 -16.12 -18.93
CA GLU A 537 -17.16 -15.66 -17.93
C GLU A 537 -16.70 -15.99 -16.51
N TYR A 538 -15.91 -17.04 -16.35
CA TYR A 538 -15.59 -17.59 -15.04
C TYR A 538 -14.20 -17.17 -14.56
N ASP A 539 -13.77 -15.96 -14.91
CA ASP A 539 -12.46 -15.44 -14.56
C ASP A 539 -12.44 -14.73 -13.21
N GLY A 540 -13.42 -15.03 -12.34
CA GLY A 540 -13.50 -14.37 -11.05
C GLY A 540 -14.64 -13.37 -11.00
N GLN A 541 -15.46 -13.45 -9.96
CA GLN A 541 -16.62 -12.57 -9.82
C GLN A 541 -16.74 -12.07 -8.38
N SER A 548 -13.91 -9.56 -10.21
CA SER A 548 -13.46 -8.53 -11.14
C SER A 548 -14.61 -8.11 -12.05
N TRP A 549 -15.42 -9.07 -12.49
CA TRP A 549 -16.60 -8.78 -13.29
C TRP A 549 -17.56 -7.87 -12.53
N ASN A 550 -17.78 -6.67 -13.04
CA ASN A 550 -18.80 -5.80 -12.49
C ASN A 550 -20.19 -6.30 -12.86
N MET A 551 -21.11 -6.26 -11.91
CA MET A 551 -22.50 -6.65 -12.13
C MET A 551 -23.40 -5.42 -12.09
N VAL A 552 -24.26 -5.30 -13.10
CA VAL A 552 -25.26 -4.24 -13.15
C VAL A 552 -26.62 -4.90 -13.38
N ASP A 553 -27.64 -4.32 -12.76
CA ASP A 553 -29.01 -4.81 -12.89
C ASP A 553 -29.81 -3.87 -13.77
N VAL A 554 -30.58 -4.44 -14.69
CA VAL A 554 -31.45 -3.67 -15.57
C VAL A 554 -32.77 -4.40 -15.68
N ASP A 555 -33.85 -3.63 -15.76
CA ASP A 555 -35.20 -4.18 -15.78
C ASP A 555 -35.84 -3.94 -17.13
N LEU A 556 -36.64 -4.90 -17.58
CA LEU A 556 -37.33 -4.77 -18.85
C LEU A 556 -38.32 -3.62 -18.76
N PRO A 557 -38.27 -2.64 -19.65
CA PRO A 557 -39.17 -1.49 -19.54
C PRO A 557 -40.62 -1.93 -19.68
N PRO A 558 -41.55 -1.31 -18.95
CA PRO A 558 -42.96 -1.74 -19.04
C PRO A 558 -43.49 -1.71 -20.46
N ASN A 559 -43.07 -0.74 -21.28
CA ASN A 559 -43.52 -0.70 -22.67
C ASN A 559 -42.96 -1.90 -23.43
N LYS A 560 -43.83 -2.63 -24.11
CA LYS A 560 -43.43 -3.84 -24.82
C LYS A 560 -42.98 -3.57 -26.25
N ASP A 561 -43.05 -2.32 -26.71
CA ASP A 561 -42.63 -1.98 -28.06
C ASP A 561 -41.17 -1.54 -28.13
N VAL A 562 -40.52 -1.34 -26.99
CA VAL A 562 -39.14 -0.84 -26.94
C VAL A 562 -38.23 -1.94 -26.42
N GLU A 563 -37.22 -2.28 -27.20
CA GLU A 563 -36.21 -3.22 -26.74
C GLU A 563 -35.38 -2.60 -25.63
N PRO A 564 -34.96 -3.38 -24.64
CA PRO A 564 -34.21 -2.80 -23.51
C PRO A 564 -32.81 -2.35 -23.93
N GLY A 565 -32.16 -1.67 -23.00
CA GLY A 565 -30.79 -1.21 -23.22
C GLY A 565 -30.21 -0.67 -21.93
N ILE A 566 -28.92 -0.39 -21.96
CA ILE A 566 -28.20 0.12 -20.80
C ILE A 566 -27.26 1.23 -21.24
N LEU A 567 -27.00 2.15 -20.32
CA LEU A 567 -25.94 3.14 -20.45
C LEU A 567 -24.90 2.86 -19.36
N LEU A 568 -23.66 2.60 -19.79
CA LEU A 568 -22.55 2.39 -18.87
C LEU A 568 -21.71 3.66 -18.84
N HIS A 569 -21.34 4.08 -17.63
CA HIS A 569 -20.61 5.33 -17.44
C HIS A 569 -19.43 5.10 -16.51
N GLY A 570 -18.42 5.97 -16.65
CA GLY A 570 -17.23 5.87 -15.83
C GLY A 570 -16.16 4.94 -16.37
N LEU A 571 -16.12 4.72 -17.68
CA LEU A 571 -15.16 3.81 -18.28
C LEU A 571 -13.91 4.56 -18.73
N LYS A 572 -12.80 3.84 -18.79
CA LYS A 572 -11.55 4.42 -19.26
C LYS A 572 -11.62 4.65 -20.76
N PRO A 573 -11.23 5.83 -21.26
CA PRO A 573 -11.17 6.02 -22.71
C PRO A 573 -10.12 5.11 -23.34
N TRP A 574 -10.34 4.79 -24.62
CA TRP A 574 -9.31 4.18 -25.47
C TRP A 574 -9.00 2.75 -25.02
N THR A 575 -9.95 2.10 -24.33
CA THR A 575 -9.70 0.82 -23.67
C THR A 575 -10.73 -0.21 -24.09
N GLN A 576 -10.32 -1.47 -24.06
CA GLN A 576 -11.17 -2.59 -24.45
C GLN A 576 -11.98 -3.07 -23.24
N TYR A 577 -13.29 -3.19 -23.42
CA TYR A 577 -14.19 -3.65 -22.38
C TYR A 577 -14.99 -4.83 -22.89
N ALA A 578 -15.05 -5.90 -22.10
CA ALA A 578 -15.85 -7.06 -22.44
C ALA A 578 -17.25 -6.89 -21.83
N VAL A 579 -18.26 -7.35 -22.57
CA VAL A 579 -19.65 -7.23 -22.13
C VAL A 579 -20.42 -8.44 -22.60
N TYR A 580 -21.20 -9.04 -21.71
CA TYR A 580 -22.16 -10.06 -22.10
C TYR A 580 -23.36 -9.97 -21.17
N VAL A 581 -24.44 -10.63 -21.58
CA VAL A 581 -25.76 -10.47 -20.98
C VAL A 581 -26.28 -11.84 -20.58
N LYS A 582 -26.79 -11.95 -19.35
CA LYS A 582 -27.43 -13.17 -18.87
C LYS A 582 -28.79 -12.80 -18.33
N ALA A 583 -29.84 -13.44 -18.85
CA ALA A 583 -31.19 -13.18 -18.38
C ALA A 583 -31.48 -14.00 -17.14
N VAL A 584 -32.26 -13.41 -16.24
CA VAL A 584 -32.62 -14.04 -14.97
C VAL A 584 -34.05 -14.58 -15.08
N THR A 585 -34.22 -15.85 -14.74
CA THR A 585 -35.50 -16.53 -14.88
C THR A 585 -35.80 -17.33 -13.62
N LEU A 586 -37.10 -17.60 -13.41
CA LEU A 586 -37.57 -18.36 -12.25
C LEU A 586 -37.44 -19.85 -12.57
N THR A 587 -36.34 -20.45 -12.13
CA THR A 587 -36.03 -21.85 -12.43
C THR A 587 -36.84 -22.75 -11.50
N MET A 588 -38.10 -22.99 -11.88
CA MET A 588 -38.99 -23.80 -11.07
C MET A 588 -40.15 -24.27 -11.94
N VAL A 589 -40.96 -25.18 -11.39
CA VAL A 589 -42.21 -25.69 -11.93
C VAL A 589 -41.98 -26.54 -13.19
N GLU A 590 -41.18 -26.05 -14.14
CA GLU A 590 -40.83 -26.84 -15.32
C GLU A 590 -39.32 -27.00 -15.48
N ASN A 591 -38.58 -26.76 -14.39
CA ASN A 591 -37.18 -27.18 -14.26
C ASN A 591 -36.34 -26.77 -15.46
N ASP A 592 -35.86 -27.73 -16.25
CA ASP A 592 -34.98 -27.41 -17.37
C ASP A 592 -35.72 -26.68 -18.49
N HIS A 593 -37.05 -26.79 -18.54
CA HIS A 593 -37.82 -26.05 -19.55
C HIS A 593 -37.78 -24.54 -19.32
N ILE A 594 -37.31 -24.10 -18.15
CA ILE A 594 -36.94 -22.71 -17.97
C ILE A 594 -35.62 -22.51 -18.72
N ARG A 595 -35.70 -21.83 -19.86
CA ARG A 595 -34.71 -22.03 -20.92
C ARG A 595 -33.38 -21.36 -20.59
N GLY A 596 -33.43 -20.17 -19.99
CA GLY A 596 -32.21 -19.44 -19.70
C GLY A 596 -31.63 -18.82 -20.96
N ALA A 597 -30.98 -17.68 -20.83
CA ALA A 597 -30.42 -16.98 -22.00
C ALA A 597 -29.07 -16.39 -21.63
N LYS A 598 -28.19 -16.34 -22.62
CA LYS A 598 -26.87 -15.75 -22.45
C LYS A 598 -26.42 -15.14 -23.77
N SER A 599 -26.04 -13.87 -23.74
CA SER A 599 -25.47 -13.25 -24.93
C SER A 599 -24.00 -13.64 -25.06
N GLU A 600 -23.49 -13.48 -26.28
CA GLU A 600 -22.08 -13.74 -26.53
C GLU A 600 -21.22 -12.65 -25.90
N ILE A 601 -19.94 -12.96 -25.73
CA ILE A 601 -18.99 -11.98 -25.24
C ILE A 601 -18.68 -11.00 -26.36
N LEU A 602 -18.88 -9.72 -26.09
CA LEU A 602 -18.72 -8.67 -27.08
C LEU A 602 -17.62 -7.71 -26.63
N TYR A 603 -16.75 -7.35 -27.55
CA TYR A 603 -15.59 -6.50 -27.25
C TYR A 603 -15.86 -5.11 -27.79
N ILE A 604 -15.70 -4.10 -26.94
CA ILE A 604 -15.95 -2.71 -27.28
C ILE A 604 -14.76 -1.87 -26.85
N ARG A 605 -14.35 -0.87 -27.59
CA ARG A 605 -13.33 0.05 -27.15
C ARG A 605 -13.85 1.42 -27.35
N THR A 606 -13.79 2.27 -26.34
CA THR A 606 -14.32 3.62 -26.39
C THR A 606 -13.29 4.56 -26.99
N ASN A 607 -13.67 5.64 -27.70
CA ASN A 607 -12.72 6.52 -28.42
C ASN A 607 -11.53 7.12 -27.62
N ALA A 608 -11.08 8.35 -27.88
CA ALA A 608 -9.92 8.84 -27.13
C ALA A 608 -9.81 10.30 -26.97
N SER A 609 -8.76 10.73 -26.30
CA SER A 609 -8.55 12.16 -26.05
C SER A 609 -7.05 12.62 -25.99
N VAL A 610 -6.50 13.15 -24.89
CA VAL A 610 -5.10 13.63 -24.89
C VAL A 610 -4.28 13.16 -23.69
N PRO A 611 -2.96 13.48 -23.57
CA PRO A 611 -2.07 12.98 -22.48
C PRO A 611 -1.40 13.81 -21.37
N SER A 612 -0.10 13.60 -21.05
CA SER A 612 0.72 14.46 -20.15
C SER A 612 2.19 14.69 -20.60
N ILE A 613 3.03 15.28 -19.78
CA ILE A 613 4.39 15.77 -20.24
C ILE A 613 5.76 15.17 -19.92
N PRO A 614 6.85 16.01 -20.23
CA PRO A 614 8.03 15.18 -19.92
C PRO A 614 8.34 15.20 -18.43
N LEU A 615 8.77 14.05 -17.91
CA LEU A 615 9.08 13.91 -16.51
C LEU A 615 10.59 13.96 -16.28
N ASP A 616 10.97 14.46 -15.11
CA ASP A 616 12.37 14.51 -14.69
C ASP A 616 13.23 15.24 -15.72
N VAL A 617 12.71 16.35 -16.26
CA VAL A 617 13.51 17.17 -17.16
C VAL A 617 14.69 17.73 -16.40
N LEU A 618 15.89 17.42 -16.86
CA LEU A 618 17.12 17.84 -16.21
C LEU A 618 18.13 18.17 -17.29
N SER A 619 19.10 19.01 -16.94
CA SER A 619 20.10 19.43 -17.90
C SER A 619 21.39 19.79 -17.18
N ALA A 620 22.49 19.74 -17.93
CA ALA A 620 23.80 20.05 -17.40
C ALA A 620 24.73 20.37 -18.56
N SER A 621 25.98 20.71 -18.22
CA SER A 621 27.01 21.04 -19.20
C SER A 621 28.23 20.17 -18.95
N ASN A 622 28.61 19.37 -19.95
CA ASN A 622 29.83 18.57 -19.89
C ASN A 622 31.00 19.20 -20.63
N SER A 623 30.73 19.92 -21.72
CA SER A 623 31.79 20.54 -22.51
C SER A 623 31.25 21.83 -23.11
N SER A 624 32.19 22.71 -23.48
CA SER A 624 31.81 24.01 -24.02
C SER A 624 30.95 23.85 -25.26
N SER A 625 29.95 24.71 -25.38
CA SER A 625 29.00 24.73 -26.50
C SER A 625 28.12 23.49 -26.53
N GLN A 626 28.18 22.63 -25.51
CA GLN A 626 27.36 21.42 -25.45
C GLN A 626 26.56 21.44 -24.17
N LEU A 627 25.37 20.83 -24.22
CA LEU A 627 24.49 20.76 -23.07
C LEU A 627 23.73 19.45 -23.12
N ILE A 628 23.80 18.67 -22.05
CA ILE A 628 23.19 17.35 -21.99
C ILE A 628 21.84 17.46 -21.29
N VAL A 629 20.81 16.84 -21.86
CA VAL A 629 19.44 16.95 -21.39
C VAL A 629 18.87 15.55 -21.21
N LYS A 630 18.20 15.32 -20.08
CA LYS A 630 17.53 14.06 -19.80
C LYS A 630 16.12 14.32 -19.31
N TRP A 631 15.27 13.30 -19.42
CA TRP A 631 13.88 13.36 -18.98
C TRP A 631 13.32 11.94 -19.01
N ASN A 632 12.01 11.83 -18.81
CA ASN A 632 11.33 10.54 -18.76
C ASN A 632 10.01 10.60 -19.51
N PRO A 633 9.29 9.47 -19.62
CA PRO A 633 7.96 9.52 -20.21
C PRO A 633 7.00 10.28 -19.30
N PRO A 634 5.93 10.84 -19.86
CA PRO A 634 4.94 11.54 -19.04
C PRO A 634 4.15 10.59 -18.17
N SER A 635 3.51 11.15 -17.15
CA SER A 635 2.79 10.33 -16.18
C SER A 635 1.62 9.60 -16.82
N LEU A 636 0.69 10.22 -17.56
CA LEU A 636 -0.50 9.48 -18.11
C LEU A 636 -0.53 9.70 -19.61
N PRO A 637 0.29 9.00 -20.41
CA PRO A 637 0.19 9.12 -21.88
C PRO A 637 -1.27 9.04 -22.41
N ASN A 638 -2.14 8.22 -21.81
CA ASN A 638 -3.56 8.07 -22.28
C ASN A 638 -3.48 7.72 -23.76
N GLY A 639 -2.34 7.18 -24.16
CA GLY A 639 -2.23 6.64 -25.50
C GLY A 639 -0.78 6.35 -25.84
N ASN A 640 -0.58 5.92 -27.07
CA ASN A 640 0.76 5.55 -27.53
C ASN A 640 1.63 6.79 -27.67
N LEU A 641 2.69 6.86 -26.87
CA LEU A 641 3.68 7.90 -27.02
C LEU A 641 4.40 7.76 -28.35
N SER A 642 4.82 8.90 -28.91
CA SER A 642 5.52 8.93 -30.19
C SER A 642 6.89 9.58 -30.09
N TYR A 643 7.01 10.73 -29.42
CA TYR A 643 8.25 11.49 -29.47
C TYR A 643 8.18 12.66 -28.49
N TYR A 644 9.31 13.35 -28.36
CA TYR A 644 9.43 14.59 -27.60
C TYR A 644 9.91 15.72 -28.50
N ILE A 645 9.68 16.94 -28.02
CA ILE A 645 10.04 18.17 -28.70
C ILE A 645 10.93 18.96 -27.75
N VAL A 646 12.11 19.36 -28.20
CA VAL A 646 13.04 20.14 -27.39
C VAL A 646 13.22 21.52 -28.02
N ARG A 647 12.97 22.56 -27.23
CA ARG A 647 13.14 23.94 -27.63
C ARG A 647 14.18 24.58 -26.73
N TRP A 648 14.96 25.52 -27.27
CA TRP A 648 15.97 26.17 -26.47
C TRP A 648 16.20 27.60 -26.94
N GLN A 649 16.63 28.45 -26.00
CA GLN A 649 16.71 29.89 -26.20
C GLN A 649 17.85 30.44 -25.36
N ARG A 650 18.51 31.47 -25.89
CA ARG A 650 19.45 32.27 -25.13
C ARG A 650 18.71 33.18 -24.17
N GLN A 651 19.18 33.23 -22.93
CA GLN A 651 18.73 34.25 -21.99
C GLN A 651 19.86 35.23 -21.77
N PRO A 652 19.59 36.53 -21.83
CA PRO A 652 20.67 37.49 -22.08
C PRO A 652 21.72 37.49 -20.98
N GLN A 653 22.96 37.75 -21.37
CA GLN A 653 23.95 38.16 -20.41
C GLN A 653 23.41 39.38 -19.66
N ASP A 654 23.61 39.39 -18.35
CA ASP A 654 22.85 40.31 -17.50
C ASP A 654 23.26 41.74 -17.82
N GLY A 655 22.46 42.43 -18.63
CA GLY A 655 22.51 43.88 -18.64
C GLY A 655 22.01 44.43 -17.32
N TYR A 656 21.16 43.68 -16.65
CA TYR A 656 20.81 43.97 -15.26
C TYR A 656 22.06 44.00 -14.37
N LEU A 657 23.13 43.26 -14.74
CA LEU A 657 24.35 43.07 -13.87
C LEU A 657 25.59 43.91 -14.31
N TYR A 658 25.80 44.31 -15.59
CA TYR A 658 26.99 45.16 -15.95
C TYR A 658 26.63 46.61 -15.61
N ARG A 659 25.49 46.89 -14.97
CA ARG A 659 25.17 48.27 -14.48
C ARG A 659 25.82 48.46 -13.08
N HIS A 660 26.28 47.40 -12.39
CA HIS A 660 26.80 47.46 -11.03
C HIS A 660 28.30 47.72 -11.03
N ASN A 661 28.74 48.58 -10.11
CA ASN A 661 30.16 48.86 -9.90
C ASN A 661 30.64 47.97 -8.76
N TYR A 662 31.23 46.82 -9.11
CA TYR A 662 31.65 45.88 -8.08
C TYR A 662 32.89 46.33 -7.32
N CYS A 663 33.62 47.34 -7.82
CA CYS A 663 34.59 48.01 -6.97
C CYS A 663 33.93 48.86 -5.90
N SER A 664 32.67 49.21 -6.07
CA SER A 664 31.95 50.00 -5.08
C SER A 664 31.47 49.09 -3.96
N LYS A 665 30.62 49.62 -3.09
CA LYS A 665 30.19 48.87 -1.92
C LYS A 665 29.55 47.55 -2.32
N ASP A 666 29.75 46.54 -1.47
CA ASP A 666 29.06 45.26 -1.60
C ASP A 666 28.68 44.80 -0.20
N LYS A 667 27.54 44.13 -0.10
CA LYS A 667 26.99 43.79 1.21
C LYS A 667 27.86 42.76 1.91
N ILE A 668 27.88 42.83 3.23
CA ILE A 668 28.70 41.93 4.05
C ILE A 668 28.17 40.51 3.89
N PRO A 669 29.03 39.50 3.73
CA PRO A 669 28.55 38.11 3.77
C PRO A 669 28.12 37.76 5.19
N ILE A 670 26.92 37.19 5.31
CA ILE A 670 26.33 36.97 6.63
C ILE A 670 27.21 36.02 7.45
N ARG A 671 27.70 34.96 6.83
CA ARG A 671 28.57 34.01 7.51
C ARG A 671 29.76 33.66 6.60
N LYS A 672 30.93 33.54 7.22
CA LYS A 672 32.14 33.17 6.49
C LYS A 672 32.42 34.14 5.36
N CYS A 700 7.30 -8.17 4.36
CA CYS A 700 7.70 -7.61 5.65
C CYS A 700 7.60 -6.09 5.59
N ALA A 701 6.40 -5.61 5.31
CA ALA A 701 6.13 -4.18 5.18
C ALA A 701 5.34 -3.74 6.41
N CYS A 702 6.01 -2.98 7.29
CA CYS A 702 5.44 -2.49 8.53
C CYS A 702 4.08 -1.85 8.29
N PRO A 703 3.19 -1.84 9.30
CA PRO A 703 1.89 -1.20 9.16
C PRO A 703 1.95 0.31 9.14
N LYS A 704 0.79 0.96 9.23
CA LYS A 704 0.67 2.39 8.96
C LYS A 704 -0.40 2.97 9.87
N THR A 705 0.00 3.93 10.70
CA THR A 705 -0.89 4.58 11.66
C THR A 705 -2.03 5.32 10.97
N GLU A 706 -3.15 5.49 11.70
CA GLU A 706 -4.35 6.08 11.13
C GLU A 706 -4.12 7.52 10.67
N ALA A 707 -3.65 8.36 11.60
CA ALA A 707 -3.34 9.76 11.30
C ALA A 707 -2.56 9.89 10.00
N GLU A 708 -1.53 9.06 9.84
CA GLU A 708 -0.82 8.97 8.57
C GLU A 708 -1.80 8.87 7.41
N LYS A 709 -2.57 7.78 7.40
CA LYS A 709 -3.58 7.55 6.36
C LYS A 709 -4.31 8.83 6.01
N GLN A 710 -4.86 9.51 7.03
CA GLN A 710 -5.57 10.76 6.80
C GLN A 710 -4.67 11.78 6.07
N ALA A 711 -3.48 12.00 6.62
CA ALA A 711 -2.49 12.91 6.04
C ALA A 711 -2.24 12.64 4.56
N GLU A 712 -1.75 11.45 4.23
CA GLU A 712 -1.49 11.11 2.82
C GLU A 712 -2.77 10.95 2.01
N LYS A 713 -3.93 11.11 2.63
CA LYS A 713 -5.14 11.36 1.86
C LYS A 713 -5.23 12.82 1.43
N GLU A 714 -5.09 13.73 2.38
CA GLU A 714 -5.26 15.15 2.13
C GLU A 714 -4.43 15.64 0.94
N GLU A 715 -3.13 15.38 0.97
CA GLU A 715 -2.23 15.73 -0.13
C GLU A 715 -2.75 15.19 -1.45
N ALA A 716 -3.33 14.00 -1.42
CA ALA A 716 -3.93 13.42 -2.62
C ALA A 716 -5.03 14.32 -3.16
N GLU A 717 -5.99 14.69 -2.30
CA GLU A 717 -7.05 15.57 -2.80
C GLU A 717 -6.44 16.85 -3.35
N TYR A 718 -5.40 17.36 -2.69
CA TYR A 718 -4.78 18.58 -3.17
C TYR A 718 -4.29 18.40 -4.60
N ARG A 719 -3.40 17.43 -4.83
CA ARG A 719 -2.86 17.25 -6.16
C ARG A 719 -3.90 16.82 -7.20
N LYS A 720 -5.08 16.34 -6.78
CA LYS A 720 -6.10 16.07 -7.79
C LYS A 720 -6.87 17.33 -8.17
N VAL A 721 -6.89 18.36 -7.35
CA VAL A 721 -7.68 19.60 -7.62
C VAL A 721 -7.24 20.45 -8.72
N PHE A 722 -6.11 20.17 -9.28
CA PHE A 722 -5.57 21.02 -10.26
C PHE A 722 -5.64 20.33 -11.54
N GLU A 723 -5.26 19.08 -11.56
CA GLU A 723 -5.21 18.37 -12.81
C GLU A 723 -6.46 18.64 -13.61
N ASN A 724 -7.66 18.54 -13.02
CA ASN A 724 -8.91 18.89 -13.72
C ASN A 724 -8.97 20.36 -14.07
N PHE A 725 -7.84 20.97 -14.40
CA PHE A 725 -7.76 22.37 -14.71
C PHE A 725 -6.84 22.38 -15.84
N LEU A 726 -5.81 21.54 -15.79
CA LEU A 726 -4.79 21.60 -16.80
C LEU A 726 -5.48 21.13 -17.94
N HIS A 727 -6.51 20.32 -17.70
CA HIS A 727 -7.27 19.76 -18.80
C HIS A 727 -8.06 20.82 -19.51
N ASN A 728 -9.37 20.80 -19.38
CA ASN A 728 -10.14 21.74 -20.16
C ASN A 728 -9.43 21.56 -21.42
N SER A 729 -9.07 20.32 -21.68
CA SER A 729 -8.30 20.00 -22.86
C SER A 729 -7.40 21.12 -23.39
N ILE A 730 -6.55 21.72 -22.55
CA ILE A 730 -5.59 22.66 -23.07
C ILE A 730 -5.20 21.99 -24.36
N PHE A 731 -5.19 22.67 -25.49
CA PHE A 731 -5.00 21.95 -26.74
C PHE A 731 -3.83 22.28 -27.73
N VAL A 732 -2.78 23.00 -27.36
CA VAL A 732 -1.61 23.23 -28.26
C VAL A 732 -1.79 22.60 -29.61
N PRO A 733 -2.62 23.19 -30.45
CA PRO A 733 -2.92 22.54 -31.73
C PRO A 733 -1.70 22.18 -32.58
N ARG A 734 -0.96 23.17 -33.01
CA ARG A 734 0.21 22.94 -33.83
C ARG A 734 -0.19 22.19 -35.08
N GLU A 774 14.03 38.42 -26.58
CA GLU A 774 15.38 38.80 -26.97
C GLU A 774 15.95 37.88 -28.04
N TYR A 775 15.47 36.64 -28.10
CA TYR A 775 16.08 35.69 -29.00
C TYR A 775 15.05 34.58 -29.23
N PRO A 776 14.86 34.10 -30.45
CA PRO A 776 13.82 33.11 -30.70
C PRO A 776 14.26 31.69 -30.32
N PHE A 777 13.26 30.82 -30.18
CA PHE A 777 13.51 29.43 -29.79
C PHE A 777 13.95 28.60 -30.99
N PHE A 778 15.14 28.01 -30.87
CA PHE A 778 15.54 26.94 -31.77
C PHE A 778 14.95 25.63 -31.31
N GLU A 779 14.63 24.76 -32.28
CA GLU A 779 13.73 23.65 -32.04
C GLU A 779 14.27 22.40 -32.72
N SER A 780 13.95 21.25 -32.11
CA SER A 780 14.20 19.95 -32.70
C SER A 780 13.27 18.96 -32.02
N ARG A 781 13.14 17.78 -32.62
CA ARG A 781 12.24 16.76 -32.12
C ARG A 781 13.01 15.48 -31.85
N VAL A 782 12.55 14.74 -30.84
CA VAL A 782 13.21 13.53 -30.38
C VAL A 782 12.68 12.34 -31.16
N ASP A 783 13.58 11.39 -31.44
CA ASP A 783 13.26 10.25 -32.30
C ASP A 783 12.92 9.00 -31.50
N ASN A 784 13.83 8.55 -30.63
CA ASN A 784 13.65 7.27 -29.96
C ASN A 784 13.92 7.28 -28.47
N LYS A 785 14.62 8.27 -27.92
CA LYS A 785 15.21 8.17 -26.59
C LYS A 785 14.83 9.38 -25.75
N GLU A 786 14.71 9.16 -24.45
CA GLU A 786 14.33 10.21 -23.50
C GLU A 786 15.52 11.05 -23.05
N ARG A 787 16.59 11.06 -23.81
CA ARG A 787 17.75 11.90 -23.58
C ARG A 787 18.16 12.53 -24.90
N THR A 788 18.66 13.77 -24.83
CA THR A 788 19.15 14.44 -26.03
C THR A 788 20.23 15.43 -25.64
N VAL A 789 21.05 15.77 -26.62
CA VAL A 789 22.19 16.67 -26.45
C VAL A 789 22.12 17.74 -27.52
N ILE A 790 22.30 19.00 -27.12
CA ILE A 790 22.35 20.13 -28.05
C ILE A 790 23.73 20.75 -27.94
N SER A 791 24.37 20.96 -29.09
CA SER A 791 25.77 21.37 -29.15
C SER A 791 25.91 22.64 -29.96
N ASN A 792 27.15 23.13 -30.04
CA ASN A 792 27.48 24.33 -30.82
C ASN A 792 26.74 25.55 -30.28
N LEU A 793 26.69 25.68 -28.96
CA LEU A 793 26.05 26.82 -28.33
C LEU A 793 27.10 27.86 -27.94
N ARG A 794 26.64 29.06 -27.63
CA ARG A 794 27.54 30.10 -27.19
C ARG A 794 28.09 29.73 -25.82
N PRO A 795 29.41 29.58 -25.65
CA PRO A 795 29.94 29.15 -24.35
C PRO A 795 29.58 30.11 -23.21
N PHE A 796 29.28 29.53 -22.05
CA PHE A 796 28.96 30.25 -20.81
C PHE A 796 27.78 31.19 -20.95
N THR A 797 27.00 31.09 -22.02
CA THR A 797 25.80 31.88 -22.15
C THR A 797 24.60 31.08 -21.67
N LEU A 798 23.78 31.73 -20.85
CA LEU A 798 22.64 31.04 -20.25
C LEU A 798 21.59 30.75 -21.31
N TYR A 799 20.82 29.68 -21.09
CA TYR A 799 19.80 29.28 -22.04
C TYR A 799 18.56 28.81 -21.28
N ARG A 800 17.52 28.52 -22.05
CA ARG A 800 16.34 27.82 -21.59
C ARG A 800 16.16 26.56 -22.40
N ILE A 801 15.76 25.48 -21.73
CA ILE A 801 15.43 24.21 -22.39
C ILE A 801 13.98 23.90 -22.06
N ASP A 802 13.17 23.70 -23.09
CA ASP A 802 11.74 23.45 -22.94
C ASP A 802 11.38 22.20 -23.72
N ILE A 803 10.61 21.31 -23.09
CA ILE A 803 10.33 19.99 -23.66
C ILE A 803 8.85 19.68 -23.53
N HIS A 804 8.22 19.37 -24.65
CA HIS A 804 6.87 18.83 -24.68
C HIS A 804 6.92 17.31 -24.75
N SER A 805 5.76 16.68 -24.54
CA SER A 805 5.65 15.23 -24.58
C SER A 805 4.41 14.85 -25.38
N CYS A 806 4.60 13.97 -26.36
CA CYS A 806 3.64 13.76 -27.44
C CYS A 806 3.17 12.31 -27.49
N ASN A 807 1.96 12.11 -28.00
CA ASN A 807 1.41 10.79 -28.29
C ASN A 807 1.12 10.65 -29.78
N HIS A 808 0.73 9.44 -30.16
CA HIS A 808 0.41 9.18 -31.56
C HIS A 808 -0.74 10.04 -32.06
N GLU A 809 -1.58 10.56 -31.16
CA GLU A 809 -2.62 11.50 -31.52
C GLU A 809 -2.26 12.95 -31.23
N ALA A 810 -1.05 13.21 -30.70
CA ALA A 810 -0.58 14.58 -30.58
C ALA A 810 -0.35 15.22 -31.94
N GLU A 811 -0.28 14.41 -33.01
CA GLU A 811 -0.15 14.96 -34.36
C GLU A 811 -1.43 15.65 -34.81
N LYS A 812 -2.58 15.28 -34.24
CA LYS A 812 -3.86 15.93 -34.54
C LYS A 812 -4.44 16.68 -33.35
N LEU A 813 -4.43 16.11 -32.15
CA LEU A 813 -5.01 16.76 -30.99
C LEU A 813 -4.07 17.75 -30.33
N GLY A 814 -2.78 17.71 -30.61
CA GLY A 814 -1.84 18.60 -29.98
C GLY A 814 -1.05 17.91 -28.88
N CYS A 815 0.17 18.39 -28.66
CA CYS A 815 1.14 17.73 -27.79
C CYS A 815 1.17 18.39 -26.41
N SER A 816 1.39 17.58 -25.38
CA SER A 816 1.27 18.02 -24.01
C SER A 816 2.23 19.18 -23.71
N ALA A 817 1.99 19.85 -22.59
CA ALA A 817 2.74 21.05 -22.23
C ALA A 817 4.15 20.68 -21.79
N SER A 818 4.89 21.68 -21.31
CA SER A 818 6.33 21.56 -21.13
C SER A 818 6.73 21.47 -19.66
N ASN A 819 7.87 20.83 -19.44
CA ASN A 819 8.66 20.97 -18.22
C ASN A 819 10.04 21.48 -18.64
N PHE A 820 10.43 22.64 -18.15
CA PHE A 820 11.56 23.37 -18.71
C PHE A 820 12.64 23.60 -17.66
N VAL A 821 13.83 23.94 -18.16
CA VAL A 821 15.00 24.19 -17.34
C VAL A 821 15.88 25.21 -18.05
N PHE A 822 16.84 25.78 -17.32
CA PHE A 822 17.85 26.68 -17.87
C PHE A 822 19.21 26.00 -17.82
N ALA A 823 20.16 26.56 -18.56
CA ALA A 823 21.51 26.01 -18.57
C ALA A 823 22.51 27.08 -18.97
N ARG A 824 23.67 27.06 -18.31
CA ARG A 824 24.81 27.89 -18.68
C ARG A 824 25.95 26.97 -19.09
N THR A 825 26.49 27.19 -20.29
CA THR A 825 27.44 26.26 -20.88
C THR A 825 28.80 26.38 -20.21
N MET A 826 29.65 25.38 -20.47
CA MET A 826 31.01 25.41 -19.94
C MET A 826 31.77 26.58 -20.57
N PRO A 827 32.48 27.38 -19.77
CA PRO A 827 33.27 28.46 -20.36
C PRO A 827 34.53 27.92 -21.04
N ALA A 828 35.02 28.70 -22.00
CA ALA A 828 36.30 28.38 -22.64
C ALA A 828 37.43 28.94 -21.77
N GLU A 829 38.13 28.05 -21.08
CA GLU A 829 39.14 28.48 -20.12
C GLU A 829 40.17 29.38 -20.80
N GLY A 830 40.41 30.54 -20.20
CA GLY A 830 41.33 31.51 -20.76
C GLY A 830 40.74 32.41 -21.81
N ALA A 831 39.52 32.14 -22.28
CA ALA A 831 38.89 33.04 -23.25
C ALA A 831 38.61 34.40 -22.64
N ASP A 832 38.40 34.45 -21.32
CA ASP A 832 38.27 35.70 -20.60
C ASP A 832 39.60 36.42 -20.43
N ASP A 833 40.71 35.76 -20.73
CA ASP A 833 42.02 36.39 -20.57
C ASP A 833 42.24 37.48 -21.61
N ILE A 834 43.21 38.33 -21.34
CA ILE A 834 43.49 39.47 -22.22
C ILE A 834 43.95 38.94 -23.57
N PRO A 835 43.30 39.33 -24.67
CA PRO A 835 43.64 38.78 -25.99
C PRO A 835 44.85 39.41 -26.65
N GLY A 836 45.64 40.20 -25.93
CA GLY A 836 46.77 40.88 -26.52
C GLY A 836 47.75 41.36 -25.48
N PRO A 837 48.74 42.14 -25.91
CA PRO A 837 49.75 42.64 -24.97
C PRO A 837 49.36 43.96 -24.33
N VAL A 838 49.95 44.20 -23.16
CA VAL A 838 49.67 45.40 -22.40
C VAL A 838 50.60 46.52 -22.87
N THR A 839 50.06 47.73 -22.94
CA THR A 839 50.81 48.91 -23.37
C THR A 839 50.72 49.97 -22.30
N TRP A 840 51.82 50.72 -22.12
CA TRP A 840 51.94 51.71 -21.08
C TRP A 840 52.49 53.01 -21.64
N GLU A 841 52.02 54.12 -21.08
CA GLU A 841 52.48 55.45 -21.45
C GLU A 841 52.57 56.29 -20.18
N PRO A 842 53.49 57.25 -20.14
CA PRO A 842 53.60 58.12 -18.97
C PRO A 842 52.46 59.13 -18.90
N ARG A 843 52.21 59.62 -17.69
CA ARG A 843 51.19 60.61 -17.42
C ARG A 843 51.72 61.60 -16.38
N PRO A 844 51.19 62.82 -16.37
CA PRO A 844 51.71 63.84 -15.45
C PRO A 844 51.50 63.47 -13.99
N GLU A 845 52.14 64.24 -13.11
CA GLU A 845 52.07 64.00 -11.67
C GLU A 845 52.63 62.63 -11.32
N ASN A 846 53.66 62.20 -12.05
CA ASN A 846 54.26 60.88 -11.86
C ASN A 846 53.19 59.80 -12.00
N SER A 847 52.27 59.98 -12.93
CA SER A 847 51.19 59.04 -13.19
C SER A 847 51.55 58.15 -14.37
N ILE A 848 50.84 57.03 -14.46
CA ILE A 848 51.08 56.04 -15.51
C ILE A 848 49.73 55.58 -16.06
N PHE A 849 49.63 55.54 -17.39
CA PHE A 849 48.46 55.01 -18.08
C PHE A 849 48.82 53.66 -18.69
N LEU A 850 47.99 52.65 -18.40
CA LEU A 850 48.14 51.32 -18.96
C LEU A 850 46.99 51.06 -19.91
N LYS A 851 47.31 50.76 -21.17
CA LYS A 851 46.31 50.53 -22.21
C LYS A 851 46.43 49.10 -22.68
N TRP A 852 45.32 48.35 -22.61
CA TRP A 852 45.26 46.95 -23.00
C TRP A 852 43.96 46.70 -23.75
N PRO A 853 43.93 45.69 -24.61
CA PRO A 853 42.70 45.37 -25.34
C PRO A 853 41.71 44.64 -24.47
N GLU A 854 40.42 44.88 -24.75
CA GLU A 854 39.37 44.18 -24.04
C GLU A 854 39.16 42.79 -24.64
N PRO A 855 38.88 41.77 -23.82
CA PRO A 855 38.59 40.44 -24.38
C PRO A 855 37.38 40.49 -25.30
N GLU A 856 37.60 40.11 -26.56
CA GLU A 856 36.57 40.27 -27.57
C GLU A 856 35.31 39.49 -27.21
N ASN A 857 35.46 38.22 -26.85
CA ASN A 857 34.34 37.36 -26.48
C ASN A 857 34.50 36.91 -25.04
N PRO A 858 33.71 37.42 -24.10
CA PRO A 858 33.88 37.05 -22.70
C PRO A 858 33.18 35.74 -22.37
N ASN A 859 33.49 35.22 -21.18
CA ASN A 859 32.76 34.08 -20.62
C ASN A 859 31.55 34.65 -19.88
N GLY A 860 30.57 35.07 -20.67
CA GLY A 860 29.38 35.71 -20.13
C GLY A 860 29.44 37.22 -20.07
N LEU A 861 30.59 37.77 -19.67
CA LEU A 861 30.73 39.21 -19.50
C LEU A 861 32.15 39.52 -19.05
N ILE A 862 32.56 40.76 -19.27
CA ILE A 862 33.72 41.34 -18.62
C ILE A 862 33.20 42.21 -17.48
N LEU A 863 33.57 41.86 -16.25
CA LEU A 863 33.08 42.54 -15.06
C LEU A 863 34.05 43.59 -14.55
N MET A 864 35.36 43.31 -14.62
CA MET A 864 36.36 44.04 -13.87
C MET A 864 37.75 43.72 -14.41
N TYR A 865 38.70 44.56 -14.03
CA TYR A 865 40.12 44.30 -14.20
C TYR A 865 40.84 44.62 -12.89
N GLU A 866 41.87 43.83 -12.58
CA GLU A 866 42.67 44.04 -11.38
C GLU A 866 44.13 44.20 -11.76
N ILE A 867 44.80 45.18 -11.15
CA ILE A 867 46.20 45.50 -11.43
C ILE A 867 46.98 45.33 -10.14
N LYS A 868 47.99 44.46 -10.16
CA LYS A 868 48.96 44.36 -9.08
C LYS A 868 50.30 44.88 -9.59
N TYR A 869 50.89 45.81 -8.84
CA TYR A 869 52.14 46.43 -9.25
C TYR A 869 52.90 46.89 -8.01
N GLY A 870 54.13 47.31 -8.21
CA GLY A 870 54.96 47.80 -7.11
C GLY A 870 56.32 48.20 -7.63
N SER A 871 57.13 48.75 -6.73
CA SER A 871 58.44 49.26 -7.11
C SER A 871 59.47 48.14 -7.22
N GLN A 872 59.75 47.46 -6.12
CA GLN A 872 60.62 46.30 -6.11
C GLN A 872 59.86 44.99 -5.99
N VAL A 873 58.74 45.00 -5.26
CA VAL A 873 57.81 43.88 -5.21
C VAL A 873 56.42 44.43 -5.44
N GLU A 874 55.63 43.70 -6.21
CA GLU A 874 54.30 44.17 -6.66
C GLU A 874 53.31 44.10 -5.50
N ASP A 875 53.51 45.00 -4.53
CA ASP A 875 52.63 45.07 -3.38
C ASP A 875 51.31 45.77 -3.71
N GLN A 876 51.35 46.82 -4.52
CA GLN A 876 50.17 47.63 -4.75
C GLN A 876 49.08 46.83 -5.46
N ARG A 877 47.83 47.08 -5.05
CA ARG A 877 46.67 46.41 -5.61
C ARG A 877 45.50 47.39 -5.57
N GLU A 878 44.68 47.39 -6.62
CA GLU A 878 43.53 48.27 -6.67
C GLU A 878 42.46 47.62 -7.54
N CYS A 879 41.24 48.17 -7.43
CA CYS A 879 40.09 47.63 -8.15
C CYS A 879 39.72 48.60 -9.27
N VAL A 880 39.66 48.10 -10.51
CA VAL A 880 39.35 48.90 -11.68
C VAL A 880 37.98 48.49 -12.18
N SER A 881 37.03 49.42 -12.17
CA SER A 881 35.67 49.14 -12.61
C SER A 881 35.62 49.00 -14.12
N ARG A 882 34.61 48.25 -14.59
CA ARG A 882 34.40 48.10 -16.02
C ARG A 882 34.10 49.43 -16.69
N GLN A 883 33.29 50.28 -16.04
CA GLN A 883 32.94 51.55 -16.65
C GLN A 883 34.15 52.46 -16.82
N GLU A 884 35.11 52.38 -15.88
CA GLU A 884 36.34 53.16 -16.03
C GLU A 884 37.06 52.78 -17.31
N TYR A 885 37.16 51.48 -17.60
CA TYR A 885 37.77 51.04 -18.85
C TYR A 885 36.97 51.51 -20.05
N ARG A 886 35.63 51.49 -19.95
CA ARG A 886 34.81 51.95 -21.06
C ARG A 886 35.09 53.39 -21.40
N LYS A 887 35.22 54.26 -20.39
CA LYS A 887 35.45 55.67 -20.64
C LYS A 887 36.79 55.91 -21.33
N TYR A 888 37.86 55.29 -20.80
CA TYR A 888 39.21 55.58 -21.24
C TYR A 888 39.89 54.42 -21.96
N GLY A 889 39.33 53.21 -21.89
CA GLY A 889 40.06 52.05 -22.35
C GLY A 889 41.19 51.65 -21.45
N GLY A 890 41.16 52.09 -20.19
CA GLY A 890 42.26 51.82 -19.28
C GLY A 890 42.07 52.61 -18.00
N ALA A 891 43.19 52.79 -17.28
CA ALA A 891 43.16 53.53 -16.02
C ALA A 891 44.47 54.28 -15.87
N LYS A 892 44.40 55.41 -15.14
CA LYS A 892 45.58 56.21 -14.81
C LYS A 892 45.96 55.93 -13.36
N LEU A 893 47.09 55.28 -13.16
CA LEU A 893 47.67 55.17 -11.83
C LEU A 893 48.39 56.47 -11.52
N ASN A 894 47.92 57.19 -10.50
CA ASN A 894 48.33 58.57 -10.26
C ASN A 894 49.08 58.68 -8.94
N ARG A 895 50.02 59.64 -8.91
CA ARG A 895 50.75 59.99 -7.70
C ARG A 895 51.58 58.81 -7.19
N LEU A 896 52.30 58.17 -8.10
CA LEU A 896 53.21 57.10 -7.75
C LEU A 896 54.51 57.67 -7.17
N ASN A 897 55.15 56.88 -6.31
CA ASN A 897 56.41 57.29 -5.72
C ASN A 897 57.54 57.13 -6.73
N PRO A 898 58.65 57.85 -6.53
CA PRO A 898 59.78 57.72 -7.46
C PRO A 898 60.34 56.30 -7.46
N GLY A 899 60.87 55.89 -8.61
CA GLY A 899 61.52 54.62 -8.77
C GLY A 899 60.92 53.79 -9.89
N ASN A 900 61.60 52.68 -10.17
CA ASN A 900 61.12 51.74 -11.18
C ASN A 900 59.91 50.97 -10.67
N TYR A 901 59.20 50.34 -11.60
CA TYR A 901 57.99 49.60 -11.26
C TYR A 901 57.79 48.46 -12.24
N THR A 902 56.98 47.45 -11.83
CA THR A 902 56.53 46.30 -12.66
C THR A 902 54.99 46.18 -12.46
N ALA A 903 54.16 45.48 -13.27
CA ALA A 903 52.67 45.47 -13.12
C ALA A 903 51.93 44.39 -13.94
N ARG A 904 51.01 43.56 -13.39
CA ARG A 904 50.20 42.57 -14.20
C ARG A 904 48.71 42.91 -14.03
N ILE A 905 47.79 42.33 -14.84
CA ILE A 905 46.34 42.71 -14.90
C ILE A 905 45.44 41.46 -14.98
N GLN A 906 44.35 41.32 -14.24
CA GLN A 906 43.50 40.10 -14.27
C GLN A 906 42.08 40.51 -14.58
N ALA A 907 41.67 40.42 -15.86
CA ALA A 907 40.25 40.70 -15.99
C ALA A 907 39.44 39.64 -15.26
N THR A 908 38.31 40.05 -14.71
CA THR A 908 37.39 39.15 -14.02
C THR A 908 36.15 39.03 -14.89
N SER A 909 35.88 37.82 -15.36
CA SER A 909 34.68 37.55 -16.14
C SER A 909 33.66 36.85 -15.25
N LEU A 910 32.53 36.45 -15.86
CA LEU A 910 31.47 35.82 -15.10
C LEU A 910 31.81 34.38 -14.71
N SER A 911 32.77 33.76 -15.40
CA SER A 911 33.21 32.41 -15.10
C SER A 911 34.39 32.37 -14.15
N GLY A 912 34.76 33.50 -13.56
CA GLY A 912 35.87 33.58 -12.63
C GLY A 912 37.00 34.41 -13.21
N ASN A 913 38.02 34.61 -12.37
CA ASN A 913 39.16 35.42 -12.76
C ASN A 913 39.89 34.80 -13.94
N GLY A 914 40.37 35.63 -14.86
CA GLY A 914 41.21 35.18 -15.94
C GLY A 914 42.63 34.98 -15.45
N SER A 915 43.54 34.82 -16.40
CA SER A 915 44.95 34.71 -16.06
C SER A 915 45.62 36.09 -16.08
N TRP A 916 46.66 36.22 -15.27
CA TRP A 916 47.34 37.50 -15.14
C TRP A 916 48.16 37.85 -16.37
N THR A 917 48.12 39.12 -16.76
CA THR A 917 48.84 39.57 -17.95
C THR A 917 50.35 39.43 -17.76
N ASP A 918 51.05 39.59 -18.88
CA ASP A 918 52.51 39.59 -18.83
C ASP A 918 53.01 40.81 -18.06
N PRO A 919 54.21 40.74 -17.48
CA PRO A 919 54.69 41.87 -16.67
C PRO A 919 54.78 43.16 -17.48
N VAL A 920 54.43 44.27 -16.83
CA VAL A 920 54.45 45.59 -17.43
C VAL A 920 55.50 46.40 -16.70
N PHE A 921 56.47 46.92 -17.45
CA PHE A 921 57.63 47.61 -16.88
C PHE A 921 57.48 49.10 -17.09
N PHE A 922 57.54 49.87 -16.00
CA PHE A 922 57.49 51.33 -16.08
C PHE A 922 58.21 51.89 -14.86
N TYR A 923 58.55 53.17 -14.94
CA TYR A 923 59.37 53.82 -13.92
C TYR A 923 58.89 55.25 -13.71
N VAL A 924 59.22 55.78 -12.53
CA VAL A 924 58.92 57.15 -12.15
C VAL A 924 60.24 57.86 -11.87
N GLN A 925 60.44 59.01 -12.51
CA GLN A 925 61.67 59.77 -12.33
C GLN A 925 61.58 60.62 -11.07
N ALA A 926 62.66 60.61 -10.28
CA ALA A 926 62.71 61.43 -9.07
C ALA A 926 62.93 62.90 -9.40
N LYS A 927 63.59 63.20 -10.51
CA LYS A 927 63.87 64.57 -10.89
C LYS A 927 62.82 65.09 -11.86
N GLU B 31 -18.13 50.07 -6.15
CA GLU B 31 -19.16 49.00 -6.29
C GLU B 31 -18.64 47.70 -5.70
N ILE B 32 -19.55 46.97 -5.03
CA ILE B 32 -19.20 45.74 -4.26
C ILE B 32 -19.48 44.57 -5.19
N CYS B 33 -18.48 44.04 -5.88
CA CYS B 33 -18.65 42.91 -6.82
C CYS B 33 -19.37 41.79 -6.07
N GLY B 34 -20.06 40.91 -6.80
CA GLY B 34 -20.91 39.87 -6.19
C GLY B 34 -20.11 38.63 -5.98
N PRO B 35 -20.63 37.42 -6.21
CA PRO B 35 -19.90 36.24 -5.81
C PRO B 35 -18.62 35.98 -6.60
N GLY B 36 -17.94 34.88 -6.31
CA GLY B 36 -16.62 34.64 -6.90
C GLY B 36 -16.48 34.87 -8.40
N ILE B 37 -15.60 35.75 -8.84
CA ILE B 37 -15.31 35.90 -10.24
C ILE B 37 -14.32 34.90 -10.69
N ASP B 38 -14.47 34.32 -11.87
CA ASP B 38 -13.50 33.42 -12.47
C ASP B 38 -13.20 34.10 -13.75
N ILE B 39 -11.98 34.08 -14.19
CA ILE B 39 -11.60 34.82 -15.36
C ILE B 39 -10.60 34.06 -16.10
N ARG B 40 -11.04 33.10 -16.87
CA ARG B 40 -10.14 32.32 -17.69
C ARG B 40 -10.19 32.57 -19.18
N ASN B 41 -9.18 32.11 -19.88
CA ASN B 41 -9.07 32.23 -21.35
C ASN B 41 -8.82 33.58 -22.06
N ASP B 42 -8.77 34.72 -21.36
CA ASP B 42 -8.42 35.98 -22.03
C ASP B 42 -8.40 37.12 -21.02
N TYR B 43 -7.55 38.12 -21.31
CA TYR B 43 -7.59 39.37 -20.54
C TYR B 43 -8.91 40.10 -20.73
N GLN B 44 -9.46 40.10 -21.94
CA GLN B 44 -10.60 40.96 -22.21
C GLN B 44 -11.77 40.66 -21.27
N GLN B 45 -11.82 39.47 -20.69
CA GLN B 45 -12.78 39.22 -19.62
C GLN B 45 -12.30 39.74 -18.27
N LEU B 46 -10.99 39.98 -18.12
CA LEU B 46 -10.49 40.59 -16.89
C LEU B 46 -11.11 41.97 -16.70
N LYS B 47 -11.48 42.64 -17.79
CA LYS B 47 -12.07 43.97 -17.72
C LYS B 47 -13.29 44.04 -16.81
N ARG B 48 -13.85 42.89 -16.42
CA ARG B 48 -14.98 42.91 -15.49
C ARG B 48 -14.62 43.58 -14.16
N LEU B 49 -13.34 43.62 -13.81
CA LEU B 49 -12.90 44.14 -12.52
C LEU B 49 -12.88 45.66 -12.46
N GLU B 50 -13.42 46.36 -13.45
CA GLU B 50 -13.17 47.79 -13.59
C GLU B 50 -13.87 48.61 -12.52
N ASN B 51 -15.12 48.28 -12.16
CA ASN B 51 -15.95 49.21 -11.41
C ASN B 51 -16.10 48.89 -9.92
N CYS B 52 -15.79 47.67 -9.47
CA CYS B 52 -16.08 47.30 -8.09
C CYS B 52 -14.83 47.39 -7.22
N THR B 53 -15.01 47.90 -6.00
CA THR B 53 -13.92 48.12 -5.06
C THR B 53 -13.87 47.06 -3.97
N VAL B 54 -14.86 46.19 -3.87
CA VAL B 54 -14.85 45.06 -2.95
C VAL B 54 -15.34 43.84 -3.69
N ILE B 55 -14.62 42.73 -3.55
CA ILE B 55 -15.02 41.45 -4.13
C ILE B 55 -15.48 40.53 -3.01
N GLU B 56 -16.69 40.02 -3.14
CA GLU B 56 -17.20 39.02 -2.22
C GLU B 56 -16.83 37.64 -2.74
N GLY B 57 -16.13 36.87 -1.92
CA GLY B 57 -15.76 35.51 -2.28
C GLY B 57 -14.43 35.43 -2.97
N TYR B 58 -14.12 34.22 -3.43
CA TYR B 58 -12.83 33.90 -4.03
C TYR B 58 -12.63 34.67 -5.32
N LEU B 59 -11.45 34.52 -5.93
CA LEU B 59 -11.18 35.14 -7.23
C LEU B 59 -10.22 34.22 -7.97
N HIS B 60 -10.72 33.53 -8.99
CA HIS B 60 -9.93 32.59 -9.78
C HIS B 60 -9.52 33.26 -11.08
N ILE B 61 -8.25 33.12 -11.44
CA ILE B 61 -7.73 33.62 -12.71
C ILE B 61 -6.92 32.49 -13.33
N LEU B 62 -7.46 31.88 -14.39
CA LEU B 62 -7.03 30.57 -14.86
C LEU B 62 -6.66 30.59 -16.34
N LEU B 63 -5.50 30.02 -16.66
CA LEU B 63 -5.14 29.60 -18.02
C LEU B 63 -5.18 30.74 -19.03
N ILE B 64 -5.00 31.98 -18.59
CA ILE B 64 -4.99 33.07 -19.55
C ILE B 64 -3.76 32.97 -20.43
N SER B 65 -3.85 33.60 -21.61
CA SER B 65 -2.69 33.75 -22.48
C SER B 65 -2.82 35.08 -23.21
N LYS B 66 -1.72 35.83 -23.26
CA LYS B 66 -1.76 37.15 -23.88
C LYS B 66 -2.21 37.04 -25.33
N ALA B 67 -3.14 37.92 -25.71
CA ALA B 67 -3.67 37.93 -27.06
C ALA B 67 -2.93 38.94 -27.92
N ARG B 71 -0.44 43.13 -22.71
CA ARG B 71 -1.26 44.33 -22.70
C ARG B 71 -1.38 44.89 -21.29
N SER B 72 -1.48 46.21 -21.19
CA SER B 72 -1.51 46.90 -19.91
C SER B 72 -2.93 46.98 -19.38
N TYR B 73 -3.14 46.49 -18.16
CA TYR B 73 -4.40 46.63 -17.45
C TYR B 73 -4.11 47.01 -16.01
N ARG B 74 -4.93 47.91 -15.48
CA ARG B 74 -4.79 48.35 -14.09
C ARG B 74 -6.18 48.48 -13.48
N PHE B 75 -6.31 48.03 -12.23
CA PHE B 75 -7.58 48.02 -11.52
C PHE B 75 -7.39 48.61 -10.14
N PRO B 76 -7.13 49.92 -10.05
CA PRO B 76 -6.90 50.55 -8.75
C PRO B 76 -8.12 50.62 -7.86
N LYS B 77 -9.29 50.16 -8.32
CA LYS B 77 -10.47 50.15 -7.46
C LYS B 77 -10.39 49.06 -6.40
N LEU B 78 -9.90 47.88 -6.76
CA LEU B 78 -9.95 46.76 -5.84
C LEU B 78 -9.10 47.03 -4.60
N THR B 79 -9.71 46.86 -3.43
CA THR B 79 -9.00 47.07 -2.16
C THR B 79 -9.13 45.89 -1.21
N VAL B 80 -10.28 45.25 -1.15
CA VAL B 80 -10.55 44.19 -0.18
C VAL B 80 -11.09 42.97 -0.92
N ILE B 81 -10.45 41.83 -0.73
CA ILE B 81 -10.96 40.54 -1.19
C ILE B 81 -11.33 39.73 0.03
N THR B 82 -12.61 39.65 0.36
CA THR B 82 -13.10 38.75 1.43
C THR B 82 -12.83 37.35 0.88
N GLU B 83 -12.68 36.31 1.66
CA GLU B 83 -12.27 34.93 1.19
C GLU B 83 -10.86 34.97 0.56
N TYR B 84 -10.49 34.18 -0.44
CA TYR B 84 -9.09 34.04 -0.94
C TYR B 84 -8.83 34.58 -2.34
N LEU B 85 -7.62 34.42 -2.88
CA LEU B 85 -7.22 34.80 -4.25
C LEU B 85 -6.49 33.59 -4.78
N LEU B 86 -6.48 33.33 -6.06
CA LEU B 86 -5.79 32.25 -6.74
C LEU B 86 -5.38 32.69 -8.13
N LEU B 87 -4.17 32.33 -8.54
CA LEU B 87 -3.71 32.51 -9.91
C LEU B 87 -3.00 31.25 -10.37
N PHE B 88 -3.20 30.89 -11.64
CA PHE B 88 -2.62 29.67 -12.19
C PHE B 88 -2.39 29.85 -13.68
N ARG B 89 -1.15 29.61 -14.12
CA ARG B 89 -0.72 29.73 -15.51
C ARG B 89 -1.38 30.92 -16.21
N VAL B 90 -1.26 32.10 -15.60
CA VAL B 90 -1.67 33.33 -16.26
C VAL B 90 -0.45 33.82 -17.02
N ALA B 91 -0.26 33.26 -18.23
CA ALA B 91 0.98 33.47 -18.95
C ALA B 91 1.15 34.93 -19.36
N GLY B 92 2.41 35.36 -19.45
CA GLY B 92 2.74 36.70 -19.90
C GLY B 92 2.72 37.75 -18.81
N LEU B 93 2.36 37.40 -17.58
CA LEU B 93 2.19 38.36 -16.51
C LEU B 93 3.48 38.44 -15.71
N GLU B 94 4.05 39.65 -15.61
CA GLU B 94 5.34 39.83 -14.96
C GLU B 94 5.24 40.06 -13.46
N SER B 95 4.13 40.61 -12.97
CA SER B 95 4.01 40.90 -11.56
C SER B 95 2.56 41.26 -11.25
N LEU B 96 2.09 40.84 -10.07
CA LEU B 96 0.76 41.23 -9.61
C LEU B 96 0.68 42.71 -9.29
N GLY B 97 1.82 43.38 -9.13
CA GLY B 97 1.81 44.83 -8.97
C GLY B 97 1.27 45.57 -10.18
N ASP B 98 1.17 44.89 -11.32
CA ASP B 98 0.60 45.51 -12.51
C ASP B 98 -0.91 45.65 -12.39
N LEU B 99 -1.56 44.67 -11.75
CA LEU B 99 -3.02 44.62 -11.72
C LEU B 99 -3.60 45.30 -10.49
N PHE B 100 -3.22 44.85 -9.30
CA PHE B 100 -3.87 45.29 -8.06
C PHE B 100 -2.90 46.10 -7.22
N PRO B 101 -2.61 47.34 -7.60
CA PRO B 101 -1.75 48.18 -6.76
C PRO B 101 -2.36 48.51 -5.42
N ASN B 102 -3.68 48.40 -5.26
CA ASN B 102 -4.37 48.89 -4.07
C ASN B 102 -5.02 47.77 -3.27
N LEU B 103 -4.65 46.52 -3.50
CA LEU B 103 -5.18 45.43 -2.68
C LEU B 103 -4.59 45.53 -1.29
N THR B 104 -5.43 45.81 -0.30
CA THR B 104 -4.96 46.12 1.05
C THR B 104 -5.28 45.04 2.08
N VAL B 105 -6.34 44.26 1.88
CA VAL B 105 -6.73 43.24 2.85
C VAL B 105 -7.28 42.03 2.12
N ILE B 106 -6.94 40.84 2.62
CA ILE B 106 -7.54 39.58 2.19
C ILE B 106 -8.09 38.93 3.45
N ARG B 107 -9.37 39.17 3.74
CA ARG B 107 -9.89 38.78 5.05
C ARG B 107 -9.97 37.27 5.23
N GLY B 108 -9.89 36.49 4.16
CA GLY B 108 -9.74 35.05 4.31
C GLY B 108 -10.82 34.40 5.16
N TRP B 109 -12.08 34.80 4.97
CA TRP B 109 -13.14 34.26 5.82
C TRP B 109 -13.40 32.80 5.50
N LYS B 110 -13.22 32.39 4.25
CA LYS B 110 -13.17 30.99 3.85
C LYS B 110 -11.91 30.76 3.03
N LEU B 111 -11.25 29.62 3.24
CA LEU B 111 -9.90 29.40 2.77
C LEU B 111 -9.84 28.25 1.76
N PHE B 112 -8.77 28.26 0.98
CA PHE B 112 -8.50 27.22 -0.02
C PHE B 112 -7.60 26.17 0.59
N TYR B 113 -8.22 25.20 1.25
CA TYR B 113 -7.50 24.17 2.01
C TYR B 113 -6.52 24.82 2.98
N ASN B 114 -7.02 25.81 3.72
CA ASN B 114 -6.28 26.51 4.76
C ASN B 114 -5.17 27.40 4.20
N TYR B 115 -5.27 27.79 2.94
CA TYR B 115 -4.39 28.80 2.36
C TYR B 115 -5.22 29.99 1.90
N ALA B 116 -4.80 31.19 2.28
CA ALA B 116 -5.48 32.42 1.90
C ALA B 116 -4.92 33.04 0.62
N LEU B 117 -3.91 32.42 0.02
CA LEU B 117 -3.32 32.91 -1.21
C LEU B 117 -2.57 31.78 -1.88
N VAL B 118 -2.74 31.65 -3.18
CA VAL B 118 -2.04 30.62 -3.95
C VAL B 118 -1.59 31.23 -5.27
N ILE B 119 -0.33 30.97 -5.62
CA ILE B 119 0.22 31.39 -6.91
C ILE B 119 1.02 30.22 -7.43
N PHE B 120 0.45 29.48 -8.38
CA PHE B 120 0.95 28.16 -8.74
C PHE B 120 1.28 28.13 -10.23
N GLU B 121 2.52 27.78 -10.56
CA GLU B 121 2.98 27.68 -11.94
C GLU B 121 2.74 28.97 -12.72
N MET B 122 2.94 30.11 -12.06
CA MET B 122 2.99 31.38 -12.75
C MET B 122 4.33 31.45 -13.48
N THR B 123 4.37 30.92 -14.70
CA THR B 123 5.63 30.65 -15.37
C THR B 123 6.44 31.91 -15.65
N ASN B 124 5.81 33.08 -15.70
CA ASN B 124 6.50 34.31 -16.09
C ASN B 124 6.51 35.35 -14.98
N LEU B 125 6.17 34.98 -13.75
CA LEU B 125 6.02 35.92 -12.66
C LEU B 125 7.38 36.13 -11.98
N LYS B 126 7.89 37.36 -12.06
CA LYS B 126 9.22 37.69 -11.58
C LYS B 126 9.21 38.43 -10.24
N ASP B 127 8.04 38.76 -9.73
CA ASP B 127 7.92 39.42 -8.43
C ASP B 127 6.46 39.48 -8.01
N ILE B 128 6.17 39.31 -6.73
CA ILE B 128 4.78 39.31 -6.28
C ILE B 128 4.19 40.72 -6.39
N GLY B 129 4.97 41.74 -6.06
CA GLY B 129 4.44 43.09 -6.04
C GLY B 129 3.46 43.26 -4.90
N LEU B 130 2.21 43.62 -5.21
CA LEU B 130 1.13 43.67 -4.23
C LEU B 130 1.44 44.65 -3.10
N TYR B 131 2.17 45.73 -3.41
CA TYR B 131 2.89 46.44 -2.37
C TYR B 131 1.99 47.10 -1.34
N ASN B 132 0.69 47.22 -1.59
CA ASN B 132 -0.22 47.78 -0.60
C ASN B 132 -0.92 46.73 0.26
N LEU B 133 -0.58 45.46 0.12
CA LEU B 133 -1.16 44.44 0.98
C LEU B 133 -0.64 44.60 2.40
N ARG B 134 -1.53 44.92 3.34
CA ARG B 134 -1.15 45.21 4.72
C ARG B 134 -1.49 44.11 5.70
N ASN B 135 -2.51 43.30 5.45
CA ASN B 135 -2.94 42.32 6.44
C ASN B 135 -3.69 41.18 5.77
N ILE B 136 -3.31 39.96 6.11
CA ILE B 136 -4.05 38.75 5.72
C ILE B 136 -4.63 38.19 7.00
N THR B 137 -5.93 38.40 7.22
CA THR B 137 -6.52 38.12 8.52
C THR B 137 -6.41 36.64 8.88
N ARG B 138 -6.73 35.76 7.94
CA ARG B 138 -6.81 34.32 8.20
C ARG B 138 -5.98 33.55 7.19
N GLY B 139 -5.53 32.37 7.59
CA GLY B 139 -4.93 31.42 6.69
C GLY B 139 -3.44 31.61 6.48
N ALA B 140 -2.86 30.69 5.71
CA ALA B 140 -1.45 30.69 5.36
C ALA B 140 -1.28 31.10 3.90
N ILE B 141 -0.04 31.03 3.42
CA ILE B 141 0.31 31.41 2.05
C ILE B 141 1.07 30.26 1.43
N ARG B 142 0.89 30.05 0.13
CA ARG B 142 1.60 28.99 -0.57
C ARG B 142 2.02 29.48 -1.94
N ILE B 143 3.32 29.40 -2.21
CA ILE B 143 3.92 29.94 -3.43
C ILE B 143 4.91 28.90 -3.95
N GLU B 144 4.53 28.12 -4.96
CA GLU B 144 5.30 26.96 -5.36
C GLU B 144 5.36 26.82 -6.87
N LYS B 145 6.52 26.35 -7.36
CA LYS B 145 6.76 26.05 -8.77
C LYS B 145 6.66 27.28 -9.67
N ASN B 146 6.66 28.48 -9.09
CA ASN B 146 6.70 29.71 -9.88
C ASN B 146 8.15 29.88 -10.33
N ALA B 147 8.46 29.30 -11.49
CA ALA B 147 9.84 29.01 -11.87
C ALA B 147 10.75 30.23 -11.88
N ASP B 148 10.21 31.45 -11.87
CA ASP B 148 11.03 32.66 -11.91
C ASP B 148 10.70 33.62 -10.79
N LEU B 149 10.14 33.13 -9.68
CA LEU B 149 9.65 33.99 -8.62
C LEU B 149 10.74 34.27 -7.61
N CYS B 150 11.31 35.46 -7.67
CA CYS B 150 12.26 35.93 -6.68
C CYS B 150 11.49 36.83 -5.69
N TYR B 151 12.22 37.52 -4.81
CA TYR B 151 11.58 38.38 -3.81
C TYR B 151 10.63 37.57 -2.92
N LEU B 152 11.12 36.43 -2.45
CA LEU B 152 10.36 35.53 -1.60
C LEU B 152 10.68 35.74 -0.12
N SER B 153 11.95 35.89 0.22
CA SER B 153 12.40 36.04 1.60
C SER B 153 12.78 37.48 1.94
N THR B 154 12.46 38.43 1.06
CA THR B 154 12.66 39.85 1.35
C THR B 154 11.40 40.49 1.91
N VAL B 155 10.54 39.70 2.57
CA VAL B 155 9.31 40.20 3.17
C VAL B 155 9.23 39.68 4.59
N ASP B 156 8.93 40.57 5.55
CA ASP B 156 8.69 40.17 6.93
C ASP B 156 7.27 39.62 7.04
N TRP B 157 7.13 38.33 6.72
CA TRP B 157 5.83 37.70 6.76
C TRP B 157 5.23 37.70 8.16
N SER B 158 6.06 37.77 9.20
CA SER B 158 5.54 37.83 10.56
C SER B 158 4.83 39.14 10.85
N LEU B 159 4.95 40.14 9.97
CA LEU B 159 4.28 41.42 10.13
C LEU B 159 2.97 41.50 9.36
N ILE B 160 2.67 40.51 8.54
CA ILE B 160 1.40 40.45 7.81
C ILE B 160 0.48 39.36 8.33
N LEU B 161 1.01 38.33 8.97
CA LEU B 161 0.23 37.18 9.37
C LEU B 161 0.82 36.56 10.63
N ASP B 162 -0.03 35.92 11.41
CA ASP B 162 0.39 35.35 12.70
C ASP B 162 1.10 34.02 12.52
N ALA B 163 0.44 33.06 11.88
CA ALA B 163 0.96 31.69 11.77
C ALA B 163 1.95 31.60 10.60
N VAL B 164 3.15 32.12 10.84
CA VAL B 164 4.22 32.01 9.85
C VAL B 164 4.70 30.58 9.71
N SER B 165 4.43 29.72 10.69
CA SER B 165 4.91 28.34 10.63
C SER B 165 4.24 27.56 9.51
N ASN B 166 2.98 27.87 9.21
CA ASN B 166 2.22 27.09 8.24
C ASN B 166 2.49 27.48 6.79
N ASN B 167 3.25 28.53 6.53
CA ASN B 167 3.57 28.90 5.17
C ASN B 167 4.24 27.73 4.45
N TYR B 168 4.25 27.81 3.12
CA TYR B 168 4.74 26.71 2.29
C TYR B 168 5.27 27.28 1.00
N ILE B 169 6.60 27.30 0.86
CA ILE B 169 7.28 27.84 -0.32
C ILE B 169 8.26 26.78 -0.80
N VAL B 170 8.12 26.35 -2.05
CA VAL B 170 8.88 25.21 -2.56
C VAL B 170 9.11 25.40 -4.06
N GLY B 171 10.24 24.90 -4.54
CA GLY B 171 10.50 24.75 -5.95
C GLY B 171 10.62 26.03 -6.74
N ASN B 172 10.39 27.20 -6.13
CA ASN B 172 10.51 28.46 -6.85
C ASN B 172 11.96 28.65 -7.28
N LYS B 173 12.24 29.75 -7.97
CA LYS B 173 13.61 30.05 -8.33
C LYS B 173 14.46 30.09 -7.07
N PRO B 174 15.61 29.42 -7.04
CA PRO B 174 16.43 29.39 -5.82
C PRO B 174 16.84 30.79 -5.40
N PRO B 175 16.38 31.28 -4.22
CA PRO B 175 16.69 32.65 -3.82
C PRO B 175 18.18 32.93 -3.80
N LYS B 176 18.98 31.87 -3.63
CA LYS B 176 20.43 32.01 -3.66
C LYS B 176 20.93 32.58 -4.99
N GLU B 177 20.24 32.35 -6.12
CA GLU B 177 20.62 32.88 -7.48
C GLU B 177 19.79 34.13 -7.77
N CYS B 178 18.96 34.60 -6.83
CA CYS B 178 18.08 35.78 -7.01
C CYS B 178 18.93 37.04 -6.78
N GLY B 179 18.45 38.19 -7.24
CA GLY B 179 19.13 39.49 -7.03
C GLY B 179 18.61 40.14 -5.76
N ASP B 180 17.30 40.27 -5.61
CA ASP B 180 16.68 40.87 -4.40
C ASP B 180 17.46 42.16 -4.17
N LEU B 181 17.60 43.00 -5.17
CA LEU B 181 18.34 44.29 -5.10
C LEU B 181 17.33 45.44 -5.15
N CYS B 182 16.69 45.75 -4.03
CA CYS B 182 15.72 46.83 -3.90
C CYS B 182 16.41 48.05 -3.30
N PRO B 183 15.81 49.24 -3.43
CA PRO B 183 16.60 50.48 -3.35
C PRO B 183 17.62 50.47 -2.21
N GLY B 184 18.79 51.04 -2.49
CA GLY B 184 19.88 51.08 -1.54
C GLY B 184 21.08 50.30 -2.03
N CYS B 192 14.20 53.25 3.48
CA CYS B 192 13.80 51.86 3.66
C CYS B 192 14.29 51.38 5.03
N GLU B 193 13.61 50.38 5.60
CA GLU B 193 13.89 49.91 6.95
C GLU B 193 14.36 48.46 6.90
N LYS B 194 14.53 47.87 8.08
CA LYS B 194 14.92 46.46 8.19
C LYS B 194 14.47 45.94 9.53
N THR B 195 14.37 44.62 9.64
CA THR B 195 13.91 43.98 10.87
C THR B 195 14.66 42.68 11.08
N THR B 196 14.68 42.23 12.32
CA THR B 196 15.40 41.01 12.70
C THR B 196 14.61 39.79 12.26
N ILE B 197 14.98 39.26 11.10
CA ILE B 197 14.36 38.03 10.60
C ILE B 197 15.01 36.85 11.30
N ASN B 198 14.43 36.40 12.39
CA ASN B 198 15.00 35.31 13.16
C ASN B 198 16.47 35.61 13.48
N ASN B 199 17.40 34.85 12.91
CA ASN B 199 18.81 35.10 13.19
C ASN B 199 19.35 36.30 12.42
N GLU B 200 18.79 36.60 11.25
CA GLU B 200 19.32 37.63 10.38
C GLU B 200 18.43 38.87 10.39
N TYR B 201 19.05 40.03 10.18
CA TYR B 201 18.32 41.29 9.99
C TYR B 201 18.81 41.93 8.69
N ASN B 202 17.87 42.31 7.84
CA ASN B 202 18.20 42.84 6.52
C ASN B 202 16.98 43.59 6.01
N TYR B 203 17.17 44.29 4.89
CA TYR B 203 16.12 45.14 4.34
C TYR B 203 14.92 44.29 3.90
N ARG B 204 13.75 44.93 3.90
CA ARG B 204 12.51 44.28 3.51
C ARG B 204 11.93 45.05 2.33
N CYS B 205 11.43 44.31 1.33
CA CYS B 205 10.93 44.96 0.12
C CYS B 205 10.13 43.98 -0.73
N TRP B 206 9.03 44.49 -1.30
CA TRP B 206 8.17 43.74 -2.21
C TRP B 206 8.78 43.59 -3.60
N THR B 207 9.39 44.64 -4.12
CA THR B 207 9.90 44.64 -5.49
C THR B 207 10.99 45.70 -5.60
N THR B 208 11.58 45.78 -6.79
CA THR B 208 12.77 46.61 -6.98
C THR B 208 12.49 48.09 -6.73
N ASN B 209 11.23 48.52 -6.83
CA ASN B 209 10.88 49.93 -6.70
C ASN B 209 10.18 50.29 -5.41
N ARG B 210 9.93 49.31 -4.52
CA ARG B 210 9.13 49.58 -3.32
C ARG B 210 9.71 48.81 -2.14
N CYS B 211 9.50 49.36 -0.95
CA CYS B 211 9.76 48.66 0.30
C CYS B 211 8.45 48.31 0.99
N GLN B 212 8.51 47.33 1.88
CA GLN B 212 7.35 46.90 2.65
C GLN B 212 7.13 47.91 3.76
N LYS B 213 6.32 48.93 3.46
CA LYS B 213 6.04 49.98 4.43
C LYS B 213 5.37 49.41 5.68
N MET B 214 5.83 49.86 6.86
CA MET B 214 5.24 49.47 8.13
C MET B 214 5.13 50.69 9.04
N CYS B 215 4.29 50.56 10.07
CA CYS B 215 4.12 51.62 11.05
C CYS B 215 5.23 51.60 12.09
N PRO B 216 5.51 52.73 12.73
CA PRO B 216 6.50 52.75 13.82
C PRO B 216 5.90 52.24 15.13
N SER B 217 6.80 51.99 16.08
CA SER B 217 6.38 51.47 17.38
C SER B 217 5.63 52.49 18.22
N THR B 218 5.63 53.77 17.83
CA THR B 218 4.92 54.78 18.61
C THR B 218 3.42 54.49 18.62
N CYS B 219 2.86 54.09 17.48
CA CYS B 219 1.45 53.73 17.41
C CYS B 219 1.17 52.33 17.94
N GLY B 220 2.20 51.54 18.19
CA GLY B 220 1.98 50.20 18.71
C GLY B 220 1.16 49.35 17.74
N LYS B 221 0.12 48.71 18.27
CA LYS B 221 -0.71 47.81 17.48
C LYS B 221 -1.73 48.53 16.63
N ARG B 222 -1.85 49.85 16.75
CA ARG B 222 -2.81 50.59 15.96
C ARG B 222 -2.41 50.60 14.48
N ALA B 223 -3.40 50.86 13.62
CA ALA B 223 -3.11 51.10 12.23
C ALA B 223 -2.51 52.50 12.07
N CYS B 224 -1.99 52.77 10.87
CA CYS B 224 -1.33 54.05 10.64
C CYS B 224 -1.59 54.49 9.20
N THR B 225 -1.44 55.79 8.98
CA THR B 225 -1.49 56.36 7.63
C THR B 225 -0.08 56.37 7.03
N GLU B 226 0.04 56.97 5.85
CA GLU B 226 1.32 56.93 5.15
C GLU B 226 2.38 57.73 5.90
N ASN B 227 2.00 58.85 6.51
CA ASN B 227 2.93 59.72 7.23
C ASN B 227 3.07 59.33 8.71
N ASN B 228 2.81 58.08 9.06
CA ASN B 228 3.04 57.55 10.41
C ASN B 228 2.16 58.20 11.46
N GLU B 229 1.01 58.75 11.07
CA GLU B 229 0.05 59.27 12.04
C GLU B 229 -0.88 58.15 12.49
N CYS B 230 -0.92 57.89 13.80
CA CYS B 230 -1.71 56.78 14.31
C CYS B 230 -3.18 56.94 13.95
N CYS B 231 -3.80 55.86 13.52
CA CYS B 231 -5.15 55.88 12.98
C CYS B 231 -6.18 55.60 14.08
N HIS B 232 -7.44 55.54 13.69
CA HIS B 232 -8.50 55.12 14.59
C HIS B 232 -8.31 53.65 14.96
N PRO B 233 -8.38 53.28 16.24
CA PRO B 233 -8.05 51.90 16.61
C PRO B 233 -8.88 50.85 15.90
N GLU B 234 -10.14 51.15 15.57
CA GLU B 234 -11.01 50.22 14.84
C GLU B 234 -10.76 50.26 13.34
N CYS B 235 -9.62 50.79 12.91
CA CYS B 235 -9.32 50.97 11.49
C CYS B 235 -8.27 49.95 11.06
N LEU B 236 -8.32 49.56 9.79
CA LEU B 236 -7.41 48.58 9.22
C LEU B 236 -6.84 49.11 7.91
N GLY B 237 -5.59 48.76 7.63
CA GLY B 237 -4.94 49.27 6.45
C GLY B 237 -4.64 50.76 6.58
N SER B 238 -4.34 51.36 5.44
CA SER B 238 -4.00 52.77 5.42
C SER B 238 -5.23 53.63 5.73
N CYS B 239 -4.99 54.91 5.95
CA CYS B 239 -6.05 55.86 6.29
C CYS B 239 -5.94 57.10 5.42
N SER B 240 -7.08 57.71 5.13
CA SER B 240 -7.07 59.02 4.48
C SER B 240 -6.82 60.14 5.46
N ALA B 241 -7.30 60.01 6.69
CA ALA B 241 -7.10 61.00 7.75
C ALA B 241 -6.87 60.26 9.06
N PRO B 242 -6.13 60.88 9.99
CA PRO B 242 -5.81 60.19 11.24
C PRO B 242 -6.96 60.22 12.23
N ASP B 243 -7.11 59.11 12.96
CA ASP B 243 -8.09 58.99 14.04
C ASP B 243 -9.47 59.45 13.59
N ASN B 244 -9.90 58.94 12.44
CA ASN B 244 -11.23 59.24 11.91
C ASN B 244 -11.83 57.95 11.36
N ASP B 245 -12.93 57.50 11.98
CA ASP B 245 -13.56 56.25 11.61
C ASP B 245 -14.24 56.28 10.25
N THR B 246 -14.39 57.46 9.65
CA THR B 246 -15.07 57.59 8.37
C THR B 246 -14.10 57.76 7.20
N ALA B 247 -12.80 57.48 7.42
CA ALA B 247 -11.77 57.75 6.42
C ALA B 247 -10.89 56.54 6.16
N CYS B 248 -11.38 55.33 6.43
CA CYS B 248 -10.55 54.13 6.37
C CYS B 248 -10.82 53.31 5.12
N VAL B 249 -9.82 52.52 4.74
CA VAL B 249 -9.95 51.64 3.59
C VAL B 249 -10.72 50.37 3.97
N ALA B 250 -10.39 49.79 5.11
CA ALA B 250 -11.08 48.60 5.59
C ALA B 250 -11.16 48.66 7.11
N CYS B 251 -12.28 48.20 7.65
CA CYS B 251 -12.54 48.21 9.08
C CYS B 251 -12.30 46.83 9.66
N ARG B 252 -11.47 46.76 10.71
CA ARG B 252 -10.99 45.47 11.20
C ARG B 252 -12.13 44.60 11.70
N HIS B 253 -13.06 45.17 12.46
CA HIS B 253 -14.18 44.38 12.97
C HIS B 253 -15.37 44.39 12.02
N TYR B 254 -15.98 45.55 11.80
CA TYR B 254 -17.21 45.59 11.02
C TYR B 254 -17.39 46.96 10.41
N TYR B 255 -18.19 46.99 9.35
CA TYR B 255 -18.41 48.16 8.51
C TYR B 255 -19.89 48.48 8.44
N TYR B 256 -20.23 49.77 8.51
CA TYR B 256 -21.63 50.17 8.46
C TYR B 256 -21.71 51.65 8.07
N ALA B 257 -22.33 51.93 6.92
CA ALA B 257 -22.54 53.29 6.46
C ALA B 257 -21.23 54.08 6.44
N GLY B 258 -20.15 53.42 6.03
CA GLY B 258 -18.87 54.07 5.93
C GLY B 258 -18.18 54.33 7.25
N VAL B 259 -18.72 53.83 8.35
CA VAL B 259 -18.17 54.05 9.69
C VAL B 259 -17.65 52.73 10.21
N CYS B 260 -16.37 52.70 10.57
CA CYS B 260 -15.79 51.51 11.18
C CYS B 260 -16.33 51.36 12.60
N VAL B 261 -16.80 50.16 12.93
CA VAL B 261 -17.44 49.93 14.23
C VAL B 261 -16.92 48.60 14.80
N PRO B 262 -16.68 48.53 16.12
CA PRO B 262 -16.28 47.23 16.69
C PRO B 262 -17.40 46.22 16.64
N ALA B 263 -18.61 46.62 16.98
CA ALA B 263 -19.81 45.80 16.84
C ALA B 263 -20.96 46.72 16.51
N CYS B 264 -21.62 46.48 15.39
CA CYS B 264 -22.60 47.42 14.89
C CYS B 264 -23.87 47.41 15.76
N PRO B 265 -24.64 48.49 15.73
CA PRO B 265 -25.73 48.67 16.70
C PRO B 265 -26.73 47.53 16.64
N PRO B 266 -27.65 47.46 17.62
CA PRO B 266 -28.58 46.34 17.71
C PRO B 266 -29.33 46.02 16.43
N ASN B 267 -29.95 47.03 15.82
CA ASN B 267 -30.90 46.80 14.73
C ASN B 267 -30.20 46.47 13.43
N THR B 268 -28.89 46.20 13.48
CA THR B 268 -28.12 45.75 12.33
C THR B 268 -27.54 44.38 12.64
N TYR B 269 -27.30 43.61 11.58
CA TYR B 269 -26.87 42.22 11.70
C TYR B 269 -25.64 41.96 10.85
N ARG B 270 -24.74 41.12 11.37
CA ARG B 270 -23.49 40.82 10.71
C ARG B 270 -23.75 40.13 9.38
N PHE B 271 -23.04 40.55 8.33
CA PHE B 271 -23.15 39.96 7.00
C PHE B 271 -21.77 39.70 6.43
N GLU B 272 -21.53 38.46 6.01
CA GLU B 272 -20.28 38.04 5.39
C GLU B 272 -19.06 38.47 6.21
N GLY B 273 -19.26 38.71 7.50
CA GLY B 273 -18.15 38.90 8.42
C GLY B 273 -17.31 40.13 8.20
N TRP B 274 -17.77 41.12 7.43
CA TRP B 274 -17.11 42.42 7.47
C TRP B 274 -18.06 43.61 7.50
N ARG B 275 -19.32 43.47 7.11
CA ARG B 275 -20.26 44.58 7.11
C ARG B 275 -21.59 44.15 7.71
N CYS B 276 -22.36 45.13 8.16
CA CYS B 276 -23.68 44.91 8.74
C CYS B 276 -24.77 45.45 7.83
N VAL B 277 -25.98 44.88 7.97
CA VAL B 277 -27.16 45.28 7.21
C VAL B 277 -28.39 45.14 8.10
N ASP B 278 -29.50 45.68 7.61
CA ASP B 278 -30.76 45.63 8.37
C ASP B 278 -31.42 44.26 8.22
N ARG B 279 -32.50 44.07 8.99
CA ARG B 279 -33.23 42.80 8.92
C ARG B 279 -33.82 42.58 7.54
N ASP B 280 -34.43 43.61 6.96
CA ASP B 280 -35.18 43.43 5.72
C ASP B 280 -34.26 43.11 4.54
N PHE B 281 -32.99 43.48 4.62
CA PHE B 281 -32.07 43.16 3.53
C PHE B 281 -31.90 41.65 3.36
N CYS B 282 -31.70 40.94 4.47
CA CYS B 282 -31.48 39.50 4.39
C CYS B 282 -32.70 38.79 3.84
N ALA B 283 -33.90 39.32 4.10
CA ALA B 283 -35.12 38.69 3.61
C ALA B 283 -35.28 38.82 2.10
N ASN B 284 -34.61 39.79 1.48
CA ASN B 284 -34.77 40.07 0.06
C ASN B 284 -33.69 39.43 -0.80
N ILE B 285 -32.81 38.62 -0.21
CA ILE B 285 -31.81 37.86 -0.95
C ILE B 285 -32.29 36.43 -1.06
N LEU B 286 -32.20 35.87 -2.27
CA LEU B 286 -32.58 34.48 -2.53
C LEU B 286 -31.31 33.68 -2.78
N SER B 287 -31.17 32.56 -2.07
CA SER B 287 -29.98 31.73 -2.18
C SER B 287 -29.89 31.10 -3.57
N ALA B 288 -28.82 30.36 -3.82
CA ALA B 288 -28.65 29.72 -5.12
C ALA B 288 -29.83 28.81 -5.42
N GLU B 289 -30.26 28.81 -6.68
CA GLU B 289 -31.43 28.04 -7.07
C GLU B 289 -31.22 26.56 -6.74
N SER B 290 -32.22 25.98 -6.06
CA SER B 290 -32.16 24.59 -5.64
C SER B 290 -33.51 24.22 -5.07
N SER B 291 -33.71 22.92 -4.86
CA SER B 291 -34.96 22.45 -4.27
C SER B 291 -35.14 22.99 -2.85
N ASP B 292 -34.04 23.31 -2.17
CA ASP B 292 -34.09 23.84 -0.82
C ASP B 292 -33.89 25.35 -0.77
N SER B 293 -33.96 26.02 -1.92
CA SER B 293 -33.71 27.46 -1.95
C SER B 293 -34.70 28.20 -1.05
N GLU B 294 -34.18 29.06 -0.19
CA GLU B 294 -34.99 29.83 0.73
C GLU B 294 -34.25 31.10 1.11
N GLY B 295 -34.96 31.99 1.79
CA GLY B 295 -34.36 33.22 2.27
C GLY B 295 -33.42 32.96 3.44
N PHE B 296 -32.69 34.01 3.80
CA PHE B 296 -31.71 33.93 4.87
C PHE B 296 -32.39 33.98 6.23
N VAL B 297 -31.61 33.75 7.28
CA VAL B 297 -32.10 33.68 8.65
C VAL B 297 -31.20 34.52 9.55
N ILE B 298 -31.71 34.83 10.74
CA ILE B 298 -31.01 35.64 11.72
C ILE B 298 -30.78 34.78 12.97
N HIS B 299 -29.54 34.71 13.43
CA HIS B 299 -29.20 33.94 14.61
C HIS B 299 -27.97 34.56 15.26
N ASP B 300 -28.08 34.91 16.53
CA ASP B 300 -27.00 35.57 17.27
C ASP B 300 -26.59 36.87 16.60
N GLY B 301 -27.51 37.50 15.88
CA GLY B 301 -27.19 38.69 15.12
C GLY B 301 -26.47 38.42 13.82
N GLU B 302 -26.20 37.17 13.49
CA GLU B 302 -25.53 36.80 12.25
C GLU B 302 -26.57 36.47 11.19
N CYS B 303 -26.32 36.90 9.96
CA CYS B 303 -27.17 36.59 8.83
C CYS B 303 -26.50 35.50 8.01
N MET B 304 -27.20 34.38 7.80
CA MET B 304 -26.61 33.21 7.16
C MET B 304 -27.58 32.64 6.14
N GLN B 305 -27.02 31.94 5.16
CA GLN B 305 -27.83 31.25 4.16
C GLN B 305 -28.63 30.11 4.77
N GLU B 306 -28.13 29.48 5.83
CA GLU B 306 -28.85 28.40 6.50
C GLU B 306 -28.48 28.39 7.97
N CYS B 307 -29.33 27.75 8.76
CA CYS B 307 -29.09 27.67 10.19
C CYS B 307 -27.84 26.85 10.46
N PRO B 308 -27.12 27.14 11.54
CA PRO B 308 -25.87 26.42 11.83
C PRO B 308 -26.14 25.05 12.44
N SER B 309 -25.09 24.25 12.49
CA SER B 309 -25.17 22.97 13.19
C SER B 309 -25.58 23.20 14.63
N GLY B 310 -26.54 22.41 15.10
CA GLY B 310 -27.12 22.60 16.40
C GLY B 310 -28.37 23.47 16.43
N PHE B 311 -28.73 24.09 15.30
CA PHE B 311 -29.92 24.93 15.21
C PHE B 311 -30.55 24.76 13.84
N ILE B 312 -31.87 24.94 13.77
CA ILE B 312 -32.62 24.78 12.53
C ILE B 312 -33.71 25.83 12.43
N ARG B 313 -34.56 25.75 11.39
CA ARG B 313 -35.55 26.80 11.17
C ARG B 313 -36.83 26.61 11.77
N ASN B 314 -37.58 27.68 11.81
CA ASN B 314 -38.94 27.59 12.24
C ASN B 314 -39.53 27.53 10.88
N GLY B 315 -40.79 27.16 10.76
CA GLY B 315 -41.35 26.90 9.44
C GLY B 315 -41.93 28.01 8.66
N SER B 316 -41.82 29.20 9.17
CA SER B 316 -42.45 30.29 8.49
C SER B 316 -41.57 30.83 7.40
N GLN B 317 -40.76 30.00 6.75
CA GLN B 317 -39.76 30.52 5.82
C GLN B 317 -39.33 31.60 6.73
N SER B 318 -39.15 31.23 7.99
CA SER B 318 -38.89 32.23 8.98
C SER B 318 -37.65 32.88 8.76
N MET B 319 -37.28 33.57 9.79
CA MET B 319 -35.97 34.24 9.69
C MET B 319 -35.43 34.07 11.11
N TYR B 320 -35.68 32.93 11.78
CA TYR B 320 -35.33 32.75 13.22
C TYR B 320 -34.89 31.31 13.52
N CYS B 321 -33.66 30.93 13.63
CA CYS B 321 -33.43 29.54 13.93
C CYS B 321 -33.98 29.34 15.35
N ILE B 322 -33.64 28.25 16.02
CA ILE B 322 -34.25 27.95 17.30
C ILE B 322 -33.45 26.83 17.89
N PRO B 323 -33.65 26.52 19.17
CA PRO B 323 -32.93 25.35 19.67
C PRO B 323 -33.49 24.11 19.09
N CYS B 324 -32.64 23.11 18.86
CA CYS B 324 -33.12 21.84 18.38
C CYS B 324 -33.09 20.93 19.57
N GLU B 325 -34.26 20.61 20.12
CA GLU B 325 -34.35 19.80 21.34
C GLU B 325 -33.39 18.62 21.42
N GLY B 326 -33.01 18.06 20.29
CA GLY B 326 -32.11 16.95 20.27
C GLY B 326 -31.62 16.89 18.85
N PRO B 327 -31.86 15.78 18.16
CA PRO B 327 -31.49 15.74 16.74
C PRO B 327 -32.59 16.39 15.91
N CYS B 328 -32.28 16.91 14.73
CA CYS B 328 -33.27 17.66 13.99
C CYS B 328 -33.87 16.97 12.82
N PRO B 329 -35.19 17.06 12.71
CA PRO B 329 -35.80 16.27 11.68
C PRO B 329 -35.63 16.63 10.25
N LYS B 330 -34.96 15.81 9.48
CA LYS B 330 -34.95 15.98 8.07
C LYS B 330 -36.19 15.18 7.79
N VAL B 331 -36.55 14.90 6.55
CA VAL B 331 -37.67 14.01 6.28
C VAL B 331 -37.55 13.49 4.88
N CYS B 332 -36.34 13.27 4.39
CA CYS B 332 -36.12 12.85 3.02
C CYS B 332 -37.14 11.95 2.46
N GLU B 333 -37.39 12.05 1.18
CA GLU B 333 -38.34 11.19 0.49
C GLU B 333 -37.75 11.06 -0.89
N GLU B 334 -38.22 10.11 -1.67
CA GLU B 334 -37.70 9.91 -3.00
C GLU B 334 -38.76 9.85 -4.05
N GLU B 335 -38.38 9.48 -5.27
CA GLU B 335 -39.32 9.40 -6.36
C GLU B 335 -39.82 7.99 -6.46
N LYS B 336 -38.92 7.02 -6.65
CA LYS B 336 -39.39 5.65 -6.57
C LYS B 336 -40.12 5.41 -5.25
N LYS B 337 -41.05 4.46 -5.25
CA LYS B 337 -41.55 3.97 -3.98
C LYS B 337 -40.42 3.37 -3.16
N THR B 338 -39.36 2.92 -3.83
CA THR B 338 -38.26 2.22 -3.20
C THR B 338 -36.94 2.71 -3.77
N LYS B 339 -36.02 3.08 -2.89
CA LYS B 339 -34.68 3.52 -3.29
C LYS B 339 -33.74 2.32 -3.30
N THR B 340 -33.45 1.79 -4.48
CA THR B 340 -32.45 0.74 -4.60
C THR B 340 -31.05 1.33 -4.45
N ILE B 341 -30.21 0.64 -3.68
CA ILE B 341 -28.80 1.00 -3.52
C ILE B 341 -27.96 -0.11 -4.14
N ASP B 342 -27.22 0.24 -5.20
CA ASP B 342 -26.36 -0.70 -5.89
C ASP B 342 -24.90 -0.51 -5.52
N SER B 343 -24.54 0.63 -4.96
CA SER B 343 -23.16 0.92 -4.58
C SER B 343 -23.17 2.19 -3.73
N VAL B 344 -21.98 2.59 -3.28
CA VAL B 344 -21.87 3.75 -2.39
C VAL B 344 -22.43 5.00 -3.06
N THR B 345 -22.20 5.14 -4.37
CA THR B 345 -22.62 6.36 -5.06
C THR B 345 -24.12 6.56 -4.98
N SER B 346 -24.90 5.48 -5.10
CA SER B 346 -26.35 5.63 -5.02
C SER B 346 -26.80 5.99 -3.62
N ALA B 347 -26.13 5.46 -2.59
CA ALA B 347 -26.44 5.86 -1.21
C ALA B 347 -25.99 7.29 -0.93
N GLN B 348 -25.09 7.84 -1.73
CA GLN B 348 -24.63 9.21 -1.52
C GLN B 348 -25.80 10.19 -1.51
N MET B 349 -26.86 9.88 -2.25
CA MET B 349 -28.00 10.80 -2.30
C MET B 349 -28.67 10.92 -0.93
N LEU B 350 -28.71 9.83 -0.17
CA LEU B 350 -29.18 9.89 1.20
C LEU B 350 -28.23 10.63 2.13
N GLN B 351 -27.02 10.93 1.68
CA GLN B 351 -26.08 11.64 2.54
C GLN B 351 -26.72 12.88 3.11
N GLY B 352 -26.88 12.92 4.43
CA GLY B 352 -27.57 14.00 5.07
C GLY B 352 -29.06 13.82 5.25
N CYS B 353 -29.55 12.59 5.18
CA CYS B 353 -30.94 12.28 5.52
C CYS B 353 -31.01 11.59 6.87
N THR B 354 -32.16 11.74 7.53
CA THR B 354 -32.39 11.10 8.82
C THR B 354 -33.64 10.22 8.82
N ILE B 355 -34.70 10.67 8.19
CA ILE B 355 -35.97 9.95 8.15
C ILE B 355 -36.30 9.70 6.68
N PHE B 356 -36.20 8.45 6.26
CA PHE B 356 -36.45 8.05 4.87
C PHE B 356 -37.86 7.48 4.78
N LYS B 357 -38.78 8.23 4.17
CA LYS B 357 -40.14 7.75 3.95
C LYS B 357 -40.22 6.97 2.65
N GLY B 358 -39.62 5.78 2.68
CA GLY B 358 -39.66 4.90 1.52
C GLY B 358 -39.07 3.56 1.85
N ASN B 359 -39.15 2.67 0.86
CA ASN B 359 -38.58 1.33 0.98
C ASN B 359 -37.08 1.38 0.72
N LEU B 360 -36.40 0.29 1.09
CA LEU B 360 -34.97 0.15 0.80
C LEU B 360 -34.65 -1.26 0.34
N LEU B 361 -33.88 -1.36 -0.74
CA LEU B 361 -33.10 -2.56 -1.03
C LEU B 361 -31.63 -2.24 -0.92
N ILE B 362 -30.84 -3.29 -0.67
CA ILE B 362 -29.39 -3.19 -0.74
C ILE B 362 -28.90 -4.36 -1.59
N ASN B 363 -28.22 -4.04 -2.68
CA ASN B 363 -27.77 -4.99 -3.69
C ASN B 363 -26.28 -4.85 -3.94
N ILE B 364 -25.50 -4.71 -2.89
CA ILE B 364 -24.09 -4.38 -3.01
C ILE B 364 -23.30 -5.64 -3.36
N ARG B 365 -23.12 -5.90 -4.66
CA ARG B 365 -22.46 -7.12 -5.09
C ARG B 365 -20.99 -7.15 -4.65
N ARG B 366 -20.29 -6.04 -4.80
CA ARG B 366 -18.87 -6.01 -4.47
C ARG B 366 -18.41 -4.57 -4.37
N GLY B 367 -17.16 -4.41 -3.94
CA GLY B 367 -16.56 -3.10 -3.74
C GLY B 367 -15.90 -3.09 -2.37
N ASN B 368 -14.83 -2.30 -2.25
CA ASN B 368 -14.01 -2.28 -1.05
C ASN B 368 -14.52 -1.25 -0.05
N ASN B 369 -14.22 -1.50 1.23
CA ASN B 369 -14.49 -0.56 2.34
C ASN B 369 -15.82 0.16 2.16
N ILE B 370 -16.84 -0.59 1.75
CA ILE B 370 -18.15 0.01 1.50
C ILE B 370 -18.82 0.44 2.81
N ALA B 371 -18.76 -0.42 3.84
CA ALA B 371 -19.50 -0.14 5.06
C ALA B 371 -19.03 1.18 5.70
N SER B 372 -17.74 1.47 5.62
CA SER B 372 -17.22 2.69 6.23
C SER B 372 -17.88 3.92 5.63
N GLU B 373 -18.16 3.90 4.32
CA GLU B 373 -18.77 5.04 3.66
C GLU B 373 -20.30 5.02 3.74
N LEU B 374 -20.90 3.83 3.78
CA LEU B 374 -22.32 3.76 4.07
C LEU B 374 -22.62 4.31 5.45
N GLU B 375 -21.68 4.19 6.38
CA GLU B 375 -21.84 4.83 7.69
C GLU B 375 -22.04 6.34 7.54
N ASN B 376 -21.22 6.98 6.71
CA ASN B 376 -21.31 8.43 6.54
C ASN B 376 -22.58 8.80 5.78
N PHE B 377 -22.87 8.12 4.67
CA PHE B 377 -23.95 8.54 3.80
C PHE B 377 -25.33 8.16 4.34
N MET B 378 -25.46 7.02 5.02
CA MET B 378 -26.76 6.45 5.35
C MET B 378 -26.90 6.06 6.81
N GLY B 379 -25.80 6.01 7.58
CA GLY B 379 -25.88 5.47 8.92
C GLY B 379 -26.82 6.23 9.83
N LEU B 380 -27.05 7.51 9.55
CA LEU B 380 -27.86 8.34 10.41
C LEU B 380 -29.35 8.23 10.12
N ILE B 381 -29.75 7.46 9.11
CA ILE B 381 -31.17 7.28 8.82
C ILE B 381 -31.78 6.48 9.96
N GLU B 382 -32.78 7.06 10.61
CA GLU B 382 -33.21 6.62 11.94
C GLU B 382 -34.67 6.14 11.98
N VAL B 383 -35.44 6.34 10.91
CA VAL B 383 -36.77 5.76 10.81
C VAL B 383 -37.06 5.45 9.34
N VAL B 384 -37.29 4.17 9.04
CA VAL B 384 -37.67 3.73 7.70
C VAL B 384 -39.14 3.38 7.74
N THR B 385 -39.95 4.09 6.95
CA THR B 385 -41.40 3.89 7.00
C THR B 385 -41.83 2.63 6.26
N GLY B 386 -41.12 2.25 5.20
CA GLY B 386 -41.42 1.06 4.44
C GLY B 386 -40.81 -0.18 5.05
N TYR B 387 -40.39 -1.10 4.17
CA TYR B 387 -39.67 -2.28 4.59
C TYR B 387 -38.19 -2.11 4.25
N VAL B 388 -37.39 -3.07 4.72
CA VAL B 388 -35.94 -3.07 4.49
C VAL B 388 -35.57 -4.45 3.94
N LYS B 389 -34.84 -4.45 2.83
CA LYS B 389 -34.52 -5.69 2.15
C LYS B 389 -33.06 -5.68 1.71
N ILE B 390 -32.41 -6.83 1.84
CA ILE B 390 -31.03 -7.00 1.42
C ILE B 390 -30.98 -8.27 0.56
N ARG B 391 -30.33 -8.18 -0.60
CA ARG B 391 -30.20 -9.36 -1.43
C ARG B 391 -28.94 -9.27 -2.27
N HIS B 392 -28.22 -10.40 -2.34
CA HIS B 392 -26.97 -10.51 -3.09
C HIS B 392 -25.92 -9.54 -2.59
N SER B 393 -26.05 -9.07 -1.35
CA SER B 393 -25.12 -8.11 -0.77
C SER B 393 -23.86 -8.81 -0.25
N HIS B 394 -23.09 -9.34 -1.19
CA HIS B 394 -21.91 -10.11 -0.83
C HIS B 394 -20.77 -9.27 -0.27
N ALA B 395 -20.94 -7.95 -0.20
CA ALA B 395 -19.90 -7.08 0.36
C ALA B 395 -20.10 -6.78 1.85
N LEU B 396 -21.23 -7.18 2.43
CA LEU B 396 -21.55 -6.83 3.80
C LEU B 396 -21.27 -8.02 4.72
N VAL B 397 -20.41 -7.79 5.71
CA VAL B 397 -20.22 -8.76 6.79
C VAL B 397 -20.92 -8.33 8.07
N SER B 398 -21.38 -7.08 8.15
CA SER B 398 -22.09 -6.59 9.33
C SER B 398 -22.99 -5.44 8.92
N LEU B 399 -24.18 -5.39 9.51
CA LEU B 399 -25.09 -4.26 9.30
C LEU B 399 -24.89 -3.16 10.34
N SER B 400 -23.70 -3.07 10.93
CA SER B 400 -23.45 -1.98 11.87
C SER B 400 -23.55 -0.61 11.22
N PHE B 401 -23.41 -0.53 9.90
CA PHE B 401 -23.40 0.76 9.23
C PHE B 401 -24.72 1.51 9.35
N LEU B 402 -25.82 0.82 9.66
CA LEU B 402 -27.07 1.49 10.01
C LEU B 402 -27.07 1.84 11.50
N LYS B 403 -26.11 2.64 11.94
CA LYS B 403 -25.87 2.88 13.39
C LYS B 403 -27.17 3.14 14.16
N ASN B 404 -27.95 4.17 13.82
CA ASN B 404 -29.08 4.62 14.67
C ASN B 404 -30.47 4.27 14.14
N LEU B 405 -30.72 3.09 13.58
CA LEU B 405 -32.13 2.71 13.20
C LEU B 405 -32.80 2.33 14.52
N ARG B 406 -33.84 3.01 14.94
CA ARG B 406 -34.59 2.71 16.18
C ARG B 406 -36.06 2.52 15.82
N LEU B 407 -36.41 2.26 14.56
CA LEU B 407 -37.82 1.87 14.21
C LEU B 407 -37.98 1.54 12.71
N ILE B 408 -38.58 0.43 12.30
CA ILE B 408 -39.05 0.10 10.96
C ILE B 408 -40.56 0.01 11.07
N LEU B 409 -41.26 0.97 10.47
CA LEU B 409 -42.68 1.14 10.72
C LEU B 409 -43.55 0.23 9.88
N GLY B 410 -42.99 -0.42 8.87
CA GLY B 410 -43.69 -1.51 8.20
C GLY B 410 -44.98 -1.13 7.53
N GLU B 411 -45.09 0.08 6.98
CA GLU B 411 -46.27 0.45 6.22
C GLU B 411 -46.39 -0.32 4.91
N GLU B 412 -45.35 -1.04 4.50
CA GLU B 412 -45.32 -1.79 3.24
C GLU B 412 -44.92 -3.24 3.49
N GLN B 413 -45.57 -3.87 4.47
CA GLN B 413 -45.29 -5.27 4.76
C GLN B 413 -45.54 -6.15 3.54
N LEU B 414 -44.67 -7.14 3.36
CA LEU B 414 -44.67 -7.97 2.16
C LEU B 414 -45.59 -9.18 2.35
N GLU B 415 -45.49 -10.15 1.43
CA GLU B 415 -46.26 -11.38 1.55
C GLU B 415 -46.00 -12.03 2.89
N GLY B 416 -47.08 -12.49 3.53
CA GLY B 416 -46.97 -13.01 4.88
C GLY B 416 -46.64 -11.91 5.86
N ASN B 417 -46.75 -10.67 5.40
CA ASN B 417 -46.46 -9.50 6.22
C ASN B 417 -45.01 -9.49 6.68
N TYR B 418 -44.06 -9.44 5.74
CA TYR B 418 -42.64 -9.29 6.05
C TYR B 418 -42.22 -7.84 5.82
N SER B 419 -41.50 -7.29 6.81
CA SER B 419 -40.99 -5.92 6.73
C SER B 419 -39.48 -5.84 6.81
N PHE B 420 -38.79 -6.89 7.26
CA PHE B 420 -37.35 -6.96 7.21
C PHE B 420 -36.99 -8.29 6.56
N TYR B 421 -36.11 -8.23 5.56
CA TYR B 421 -35.98 -9.35 4.64
C TYR B 421 -34.56 -9.39 4.11
N VAL B 422 -33.81 -10.45 4.41
CA VAL B 422 -32.45 -10.61 3.89
C VAL B 422 -32.36 -11.97 3.20
N LEU B 423 -31.75 -11.99 2.02
CA LEU B 423 -31.77 -13.17 1.17
C LEU B 423 -30.45 -13.29 0.42
N ASP B 424 -29.75 -14.39 0.63
CA ASP B 424 -28.59 -14.77 -0.18
C ASP B 424 -27.41 -13.81 0.03
N ASN B 425 -27.09 -13.54 1.29
CA ASN B 425 -25.89 -12.78 1.65
C ASN B 425 -24.81 -13.78 2.04
N GLN B 426 -23.88 -14.02 1.13
CA GLN B 426 -22.95 -15.13 1.29
C GLN B 426 -21.80 -14.77 2.23
N ASN B 427 -21.87 -13.59 2.86
CA ASN B 427 -20.80 -13.17 3.76
C ASN B 427 -21.30 -12.49 5.03
N LEU B 428 -22.58 -12.56 5.34
CA LEU B 428 -23.13 -11.80 6.46
C LEU B 428 -22.94 -12.59 7.76
N GLN B 429 -22.17 -12.02 8.68
CA GLN B 429 -21.87 -12.64 9.97
C GLN B 429 -22.58 -11.98 11.14
N GLN B 430 -22.85 -10.68 11.18
CA GLN B 430 -23.37 -10.01 12.40
C GLN B 430 -24.46 -8.99 12.14
N LEU B 431 -25.68 -9.26 12.47
CA LEU B 431 -26.67 -8.26 12.35
C LEU B 431 -26.30 -7.18 13.38
N TRP B 432 -27.02 -6.07 13.46
CA TRP B 432 -26.78 -4.97 14.40
C TRP B 432 -27.42 -5.40 15.59
N ASP B 433 -26.78 -6.28 16.29
CA ASP B 433 -27.38 -6.83 17.54
C ASP B 433 -26.19 -7.06 18.45
N TRP B 434 -25.55 -6.00 18.91
CA TRP B 434 -24.51 -6.11 19.94
C TRP B 434 -25.27 -5.96 21.26
N ASP B 435 -24.75 -6.38 22.41
CA ASP B 435 -25.36 -6.14 23.76
C ASP B 435 -25.71 -4.66 23.89
N HIS B 436 -24.92 -3.76 23.27
CA HIS B 436 -25.03 -2.28 23.40
C HIS B 436 -25.89 -1.61 22.32
N ARG B 437 -27.04 -2.17 21.92
CA ARG B 437 -27.99 -1.48 20.97
C ARG B 437 -29.36 -2.11 21.06
N ASN B 438 -30.42 -1.35 20.90
CA ASN B 438 -31.75 -1.94 20.86
C ASN B 438 -32.44 -1.53 19.55
N LEU B 439 -33.56 -2.20 19.26
CA LEU B 439 -34.31 -1.94 18.04
C LEU B 439 -35.77 -2.24 18.29
N THR B 440 -36.63 -1.74 17.41
CA THR B 440 -38.06 -2.02 17.49
C THR B 440 -38.67 -2.03 16.10
N ILE B 441 -39.51 -3.01 15.83
CA ILE B 441 -40.24 -3.13 14.56
C ILE B 441 -41.72 -2.96 14.87
N LYS B 442 -42.33 -1.91 14.33
CA LYS B 442 -43.74 -1.65 14.59
C LYS B 442 -44.62 -2.77 14.05
N ALA B 443 -44.35 -3.24 12.84
CA ALA B 443 -45.19 -4.26 12.23
C ALA B 443 -44.39 -5.00 11.18
N GLY B 444 -44.88 -6.18 10.82
CA GLY B 444 -44.25 -6.98 9.79
C GLY B 444 -43.20 -7.92 10.34
N LYS B 445 -43.34 -9.21 10.07
CA LYS B 445 -42.41 -10.21 10.57
C LYS B 445 -41.13 -10.22 9.72
N MET B 446 -40.21 -11.09 10.07
CA MET B 446 -38.87 -11.13 9.48
C MET B 446 -38.68 -12.39 8.67
N TYR B 447 -37.64 -12.38 7.83
CA TYR B 447 -37.33 -13.51 6.97
C TYR B 447 -35.83 -13.54 6.73
N PHE B 448 -35.24 -14.73 6.85
CA PHE B 448 -33.82 -14.94 6.62
C PHE B 448 -33.61 -16.24 5.87
N ALA B 449 -32.79 -16.21 4.83
CA ALA B 449 -32.56 -17.39 4.03
C ALA B 449 -31.20 -17.30 3.34
N PHE B 450 -30.57 -18.45 3.15
CA PHE B 450 -29.33 -18.56 2.39
C PHE B 450 -28.26 -17.61 2.93
N ASN B 451 -28.18 -17.50 4.25
CA ASN B 451 -27.08 -16.78 4.90
C ASN B 451 -26.14 -17.80 5.50
N PRO B 452 -25.08 -18.21 4.79
CA PRO B 452 -24.29 -19.36 5.24
C PRO B 452 -23.63 -19.19 6.59
N LYS B 453 -23.24 -17.97 6.98
CA LYS B 453 -22.34 -17.77 8.12
C LYS B 453 -22.99 -17.12 9.33
N LEU B 454 -24.32 -17.14 9.43
CA LEU B 454 -25.05 -16.43 10.49
C LEU B 454 -25.58 -17.42 11.53
N CYS B 455 -25.08 -17.34 12.76
CA CYS B 455 -25.62 -18.17 13.84
C CYS B 455 -27.13 -18.04 13.86
N VAL B 456 -27.84 -19.18 13.89
CA VAL B 456 -29.27 -19.08 14.10
C VAL B 456 -29.53 -18.58 15.52
N SER B 457 -28.60 -18.83 16.45
CA SER B 457 -28.72 -18.29 17.81
C SER B 457 -28.70 -16.77 17.81
N GLU B 458 -27.89 -16.17 16.93
CA GLU B 458 -27.81 -14.72 16.88
C GLU B 458 -29.14 -14.12 16.44
N ILE B 459 -29.80 -14.76 15.45
CA ILE B 459 -31.10 -14.28 15.02
C ILE B 459 -32.17 -14.55 16.07
N TYR B 460 -32.04 -15.62 16.87
CA TYR B 460 -32.96 -15.73 18.00
C TYR B 460 -32.81 -14.54 18.95
N ARG B 461 -31.57 -14.22 19.33
CA ARG B 461 -31.40 -13.08 20.23
C ARG B 461 -31.97 -11.81 19.59
N MET B 462 -31.73 -11.64 18.29
CA MET B 462 -32.23 -10.46 17.60
C MET B 462 -33.74 -10.37 17.67
N GLU B 463 -34.43 -11.47 17.39
CA GLU B 463 -35.89 -11.42 17.43
C GLU B 463 -36.40 -11.27 18.85
N GLU B 464 -35.60 -11.65 19.86
CA GLU B 464 -35.99 -11.35 21.24
C GLU B 464 -35.92 -9.85 21.51
N VAL B 465 -34.83 -9.19 21.10
CA VAL B 465 -34.68 -7.78 21.45
C VAL B 465 -35.68 -6.92 20.68
N THR B 466 -35.97 -7.27 19.42
CA THR B 466 -36.78 -6.42 18.56
C THR B 466 -38.26 -6.42 18.91
N GLY B 467 -38.68 -7.09 19.98
CA GLY B 467 -40.08 -7.14 20.35
C GLY B 467 -40.92 -8.13 19.57
N THR B 468 -40.46 -8.55 18.39
CA THR B 468 -41.14 -9.59 17.62
C THR B 468 -40.80 -10.96 18.18
N LYS B 469 -41.07 -11.14 19.48
CA LYS B 469 -40.57 -12.30 20.21
C LYS B 469 -41.19 -13.60 19.73
N GLY B 470 -42.48 -13.59 19.41
CA GLY B 470 -43.18 -14.82 19.08
C GLY B 470 -44.11 -14.74 17.89
N ARG B 471 -43.97 -13.67 17.10
CA ARG B 471 -44.83 -13.51 15.93
C ARG B 471 -44.53 -14.55 14.86
N GLN B 472 -43.25 -14.85 14.64
CA GLN B 472 -42.86 -15.70 13.52
C GLN B 472 -43.31 -17.15 13.74
N SER B 473 -43.08 -17.96 12.71
CA SER B 473 -43.35 -19.40 12.74
C SER B 473 -42.13 -20.13 12.21
N LYS B 474 -42.13 -21.46 12.39
CA LYS B 474 -40.96 -22.26 12.09
C LYS B 474 -40.44 -22.00 10.67
N GLY B 475 -41.34 -22.01 9.69
CA GLY B 475 -40.91 -21.94 8.30
C GLY B 475 -40.36 -20.59 7.88
N ASP B 476 -40.74 -19.52 8.57
CA ASP B 476 -40.34 -18.18 8.13
C ASP B 476 -38.83 -18.01 8.19
N ILE B 477 -38.20 -18.46 9.27
CA ILE B 477 -36.78 -18.19 9.52
C ILE B 477 -36.15 -19.56 9.80
N ASN B 478 -35.61 -20.19 8.75
CA ASN B 478 -35.27 -21.60 8.79
C ASN B 478 -33.97 -21.84 9.57
N THR B 479 -33.77 -23.11 9.92
CA THR B 479 -32.59 -23.55 10.65
C THR B 479 -31.70 -24.49 9.84
N ARG B 480 -32.03 -24.72 8.57
CA ARG B 480 -31.28 -25.68 7.77
C ARG B 480 -30.05 -25.04 7.14
N ASN B 481 -30.25 -23.97 6.38
CA ASN B 481 -29.19 -23.36 5.58
C ASN B 481 -28.65 -22.06 6.19
N ASN B 482 -29.30 -21.50 7.20
CA ASN B 482 -28.75 -20.34 7.88
C ASN B 482 -27.58 -20.76 8.76
N GLY B 483 -26.45 -20.06 8.61
CA GLY B 483 -25.32 -20.29 9.49
C GLY B 483 -24.78 -21.70 9.48
N GLU B 484 -25.03 -22.45 8.40
CA GLU B 484 -24.63 -23.86 8.39
C GLU B 484 -23.12 -24.03 8.53
N ARG B 485 -22.34 -22.98 8.24
CA ARG B 485 -20.87 -23.07 8.31
C ARG B 485 -20.28 -22.06 9.29
N ALA B 486 -20.98 -21.73 10.36
CA ALA B 486 -20.47 -20.84 11.39
C ALA B 486 -19.98 -21.65 12.59
N SER B 487 -18.85 -21.22 13.14
CA SER B 487 -18.27 -21.88 14.32
C SER B 487 -18.97 -21.27 15.53
N CYS B 488 -20.21 -21.70 15.76
CA CYS B 488 -21.11 -20.84 16.48
C CYS B 488 -21.01 -21.01 17.99
N GLU B 489 -20.18 -21.93 18.47
CA GLU B 489 -19.78 -21.99 19.87
C GLU B 489 -18.26 -22.15 19.92
N SER B 490 -17.62 -21.46 20.86
CA SER B 490 -16.17 -21.40 20.92
C SER B 490 -15.67 -21.43 22.36
N ASP B 491 -14.59 -22.15 22.60
CA ASP B 491 -13.90 -22.11 23.87
C ASP B 491 -13.16 -20.78 24.06
N VAL B 492 -12.67 -20.55 25.27
CA VAL B 492 -12.05 -19.28 25.64
C VAL B 492 -10.59 -19.52 25.98
N LEU B 493 -9.70 -18.78 25.33
CA LEU B 493 -8.30 -18.72 25.75
C LEU B 493 -8.14 -17.73 26.90
N HIS B 494 -7.10 -17.94 27.70
CA HIS B 494 -6.83 -17.12 28.87
C HIS B 494 -5.45 -16.52 28.72
N PHE B 495 -5.33 -15.22 28.95
CA PHE B 495 -4.03 -14.56 28.93
C PHE B 495 -3.34 -14.82 30.27
N THR B 496 -2.27 -15.61 30.24
CA THR B 496 -1.59 -15.98 31.47
C THR B 496 -0.73 -14.85 32.00
N SER B 497 -0.05 -14.13 31.12
CA SER B 497 0.88 -13.09 31.54
C SER B 497 0.98 -12.04 30.44
N THR B 498 1.36 -10.82 30.84
CA THR B 498 1.54 -9.72 29.91
C THR B 498 2.81 -8.96 30.27
N THR B 499 3.50 -8.48 29.24
CA THR B 499 4.73 -7.72 29.40
C THR B 499 4.74 -6.58 28.40
N THR B 500 4.95 -5.37 29.00
CA THR B 500 4.85 -4.06 28.30
C THR B 500 6.20 -3.35 28.31
N SER B 501 6.48 -2.49 27.34
CA SER B 501 7.73 -1.71 27.17
C SER B 501 7.35 -0.46 26.39
N LYS B 502 8.22 0.50 26.14
CA LYS B 502 7.91 1.55 25.13
C LYS B 502 8.23 0.81 23.85
N ASN B 503 7.42 0.85 22.82
CA ASN B 503 7.83 0.32 21.49
C ASN B 503 7.80 -1.22 21.43
N ARG B 504 7.32 -1.97 22.43
CA ARG B 504 7.18 -3.47 22.37
C ARG B 504 6.23 -4.01 23.45
N ILE B 505 5.49 -5.10 23.23
CA ILE B 505 4.65 -5.82 24.26
C ILE B 505 5.03 -7.31 24.17
N ILE B 506 5.21 -8.10 25.23
CA ILE B 506 5.43 -9.59 25.21
C ILE B 506 4.27 -10.29 25.97
N ILE B 507 3.43 -11.14 25.36
CA ILE B 507 2.19 -11.63 25.92
C ILE B 507 2.10 -13.13 25.71
N THR B 508 1.45 -13.82 26.63
CA THR B 508 1.38 -15.27 26.61
C THR B 508 0.00 -15.74 27.04
N TRP B 509 -0.42 -16.90 26.51
CA TRP B 509 -1.71 -17.47 26.81
C TRP B 509 -1.57 -18.98 26.99
N HIS B 510 -2.52 -19.56 27.72
CA HIS B 510 -2.45 -20.94 28.14
C HIS B 510 -2.56 -21.88 26.94
N ARG B 511 -2.13 -23.13 27.13
CA ARG B 511 -2.12 -24.12 26.04
C ARG B 511 -3.52 -24.69 25.86
N TYR B 512 -4.08 -24.51 24.66
CA TYR B 512 -5.41 -25.00 24.35
C TYR B 512 -5.31 -26.41 23.76
N ARG B 513 -5.87 -27.39 24.47
CA ARG B 513 -6.00 -28.74 23.96
C ARG B 513 -7.42 -28.97 23.47
N PRO B 514 -7.66 -29.05 22.17
CA PRO B 514 -8.96 -29.51 21.70
C PRO B 514 -9.12 -30.99 21.97
N PRO B 515 -10.34 -31.53 21.87
CA PRO B 515 -10.52 -32.94 22.25
C PRO B 515 -9.54 -33.89 21.55
N ASP B 516 -9.20 -33.60 20.29
CA ASP B 516 -8.24 -34.40 19.53
C ASP B 516 -7.10 -33.46 19.15
N TYR B 517 -5.92 -33.68 19.74
CA TYR B 517 -4.90 -32.64 19.74
C TYR B 517 -4.34 -32.33 18.36
N ARG B 518 -4.60 -33.16 17.34
CA ARG B 518 -4.13 -32.81 16.01
C ARG B 518 -4.99 -31.73 15.37
N ASP B 519 -6.18 -31.47 15.91
CA ASP B 519 -7.08 -30.52 15.27
C ASP B 519 -6.53 -29.10 15.30
N LEU B 520 -5.92 -28.70 16.41
CA LEU B 520 -5.29 -27.38 16.47
C LEU B 520 -4.11 -27.34 15.52
N ILE B 521 -4.01 -26.27 14.73
CA ILE B 521 -2.97 -26.17 13.72
C ILE B 521 -2.09 -24.94 13.91
N SER B 522 -2.64 -23.88 14.49
CA SER B 522 -1.88 -22.64 14.63
C SER B 522 -2.71 -21.61 15.39
N PHE B 523 -2.05 -20.53 15.78
CA PHE B 523 -2.66 -19.39 16.44
C PHE B 523 -2.54 -18.16 15.56
N THR B 524 -3.53 -17.27 15.66
CA THR B 524 -3.50 -15.99 14.97
C THR B 524 -3.90 -14.89 15.94
N VAL B 525 -3.18 -13.76 15.89
CA VAL B 525 -3.35 -12.68 16.86
C VAL B 525 -3.67 -11.38 16.12
N TYR B 526 -4.61 -10.61 16.66
CA TYR B 526 -5.04 -9.34 16.10
C TYR B 526 -4.73 -8.21 17.07
N TYR B 527 -4.42 -7.03 16.53
CA TYR B 527 -4.21 -5.86 17.36
C TYR B 527 -4.42 -4.60 16.53
N LYS B 528 -4.88 -3.53 17.18
CA LYS B 528 -4.96 -2.23 16.53
C LYS B 528 -4.85 -1.14 17.57
N GLU B 529 -4.60 0.08 17.09
CA GLU B 529 -4.64 1.26 17.94
C GLU B 529 -6.09 1.60 18.29
N ALA B 530 -6.35 1.81 19.58
CA ALA B 530 -7.73 2.02 20.05
C ALA B 530 -7.70 2.97 21.23
N PRO B 531 -7.88 4.27 21.01
CA PRO B 531 -7.87 5.21 22.13
C PRO B 531 -9.14 5.21 22.96
N PHE B 532 -10.17 4.47 22.54
CA PHE B 532 -11.40 4.32 23.31
C PHE B 532 -11.78 2.85 23.37
N LYS B 533 -12.78 2.54 24.20
CA LYS B 533 -13.15 1.17 24.50
C LYS B 533 -14.37 0.67 23.72
N ASN B 534 -14.83 1.41 22.71
CA ASN B 534 -15.98 0.97 21.92
C ASN B 534 -15.51 0.31 20.63
N VAL B 535 -14.92 -0.88 20.78
CA VAL B 535 -14.37 -1.61 19.65
C VAL B 535 -14.94 -3.02 19.62
N THR B 536 -14.96 -3.61 18.43
CA THR B 536 -15.48 -4.97 18.24
C THR B 536 -14.70 -5.65 17.13
N GLU B 537 -14.92 -6.95 17.00
CA GLU B 537 -14.17 -7.75 16.04
C GLU B 537 -14.49 -7.34 14.60
N TYR B 538 -15.71 -6.88 14.34
CA TYR B 538 -16.23 -6.65 12.97
C TYR B 538 -16.16 -5.16 12.58
N ASP B 539 -15.03 -4.47 12.77
CA ASP B 539 -14.86 -3.02 12.48
C ASP B 539 -14.09 -2.85 11.15
N GLY B 540 -14.52 -3.48 10.06
CA GLY B 540 -13.90 -3.32 8.71
C GLY B 540 -12.86 -4.41 8.41
N GLN B 541 -11.57 -4.21 8.74
CA GLN B 541 -10.43 -5.18 8.52
C GLN B 541 -10.06 -5.18 7.03
N SER B 548 -8.46 -2.34 9.25
CA SER B 548 -8.40 -1.63 10.56
C SER B 548 -7.61 -2.47 11.55
N TRP B 549 -7.82 -3.80 11.59
CA TRP B 549 -7.15 -4.73 12.54
C TRP B 549 -5.88 -5.27 11.88
N ASN B 550 -4.78 -5.41 12.59
CA ASN B 550 -3.55 -6.04 12.13
C ASN B 550 -3.54 -7.53 12.49
N MET B 551 -2.67 -8.27 11.81
CA MET B 551 -2.53 -9.71 11.99
C MET B 551 -1.08 -10.04 12.29
N VAL B 552 -0.88 -11.02 13.18
CA VAL B 552 0.41 -11.70 13.27
C VAL B 552 0.10 -13.20 13.17
N ASP B 553 1.12 -14.05 13.09
CA ASP B 553 0.90 -15.46 12.79
C ASP B 553 1.71 -16.39 13.69
N VAL B 554 1.68 -16.16 15.01
CA VAL B 554 2.33 -17.04 15.97
C VAL B 554 1.96 -18.49 15.68
N ASP B 555 2.93 -19.39 15.84
CA ASP B 555 2.76 -20.82 15.56
C ASP B 555 2.83 -21.60 16.85
N LEU B 556 2.16 -22.76 16.86
CA LEU B 556 2.08 -23.64 18.04
C LEU B 556 3.48 -23.87 18.61
N PRO B 557 3.64 -23.90 19.93
CA PRO B 557 4.99 -24.00 20.49
C PRO B 557 5.68 -25.25 20.02
N PRO B 558 7.01 -25.20 19.85
CA PRO B 558 7.74 -26.39 19.40
C PRO B 558 8.21 -27.28 20.55
N ASN B 559 8.21 -26.73 21.77
CA ASN B 559 8.43 -27.53 22.96
C ASN B 559 7.07 -28.05 23.44
N LYS B 560 7.02 -28.70 24.60
CA LYS B 560 5.76 -29.21 25.12
C LYS B 560 5.58 -28.85 26.58
N ASP B 561 6.40 -27.92 27.08
CA ASP B 561 6.25 -27.36 28.43
C ASP B 561 6.52 -25.86 28.39
N VAL B 562 6.00 -25.18 27.37
CA VAL B 562 6.22 -23.75 27.20
C VAL B 562 4.91 -23.12 26.71
N GLU B 563 4.33 -22.27 27.54
CA GLU B 563 3.09 -21.60 27.17
C GLU B 563 3.38 -20.66 26.01
N PRO B 564 2.56 -20.68 24.94
CA PRO B 564 2.91 -19.87 23.76
C PRO B 564 3.02 -18.39 24.09
N GLY B 565 3.49 -17.60 23.12
CA GLY B 565 3.64 -16.18 23.35
C GLY B 565 4.07 -15.48 22.07
N ILE B 566 3.78 -14.18 22.05
CA ILE B 566 4.09 -13.32 20.91
C ILE B 566 4.72 -12.03 21.40
N LEU B 567 5.58 -11.46 20.57
CA LEU B 567 6.13 -10.13 20.79
C LEU B 567 5.61 -9.20 19.69
N LEU B 568 4.92 -8.14 20.10
CA LEU B 568 4.41 -7.13 19.18
C LEU B 568 5.37 -5.96 19.19
N HIS B 569 6.09 -5.74 18.09
CA HIS B 569 7.15 -4.76 18.02
C HIS B 569 6.83 -3.70 16.97
N GLY B 570 7.10 -2.45 17.30
CA GLY B 570 6.92 -1.36 16.36
C GLY B 570 5.84 -0.39 16.80
N LEU B 571 5.51 -0.43 18.09
CA LEU B 571 4.46 0.42 18.64
C LEU B 571 5.00 1.81 18.93
N LYS B 572 4.22 2.62 19.64
CA LYS B 572 4.64 3.94 20.08
C LYS B 572 4.05 4.21 21.46
N PRO B 573 4.68 5.05 22.29
CA PRO B 573 4.33 5.05 23.72
C PRO B 573 2.94 5.58 24.00
N TRP B 574 2.51 5.50 25.26
CA TRP B 574 1.35 6.23 25.76
C TRP B 574 0.06 5.95 25.01
N THR B 575 0.07 5.01 24.07
CA THR B 575 -1.12 4.67 23.32
C THR B 575 -1.95 3.69 24.15
N GLN B 576 -3.08 3.23 23.59
CA GLN B 576 -3.87 2.15 24.21
C GLN B 576 -4.27 1.18 23.09
N TYR B 577 -3.44 0.16 22.87
CA TYR B 577 -3.75 -0.84 21.85
C TYR B 577 -4.73 -1.89 22.40
N ALA B 578 -5.47 -2.50 21.49
CA ALA B 578 -6.37 -3.61 21.78
C ALA B 578 -5.84 -4.88 21.15
N VAL B 579 -6.06 -6.02 21.81
CA VAL B 579 -5.51 -7.30 21.40
C VAL B 579 -6.49 -8.41 21.73
N TYR B 580 -6.69 -9.33 20.80
CA TYR B 580 -7.38 -10.58 21.08
C TYR B 580 -6.82 -11.68 20.18
N VAL B 581 -6.90 -12.91 20.68
CA VAL B 581 -6.31 -14.09 20.04
C VAL B 581 -7.41 -15.00 19.54
N LYS B 582 -7.19 -15.70 18.42
CA LYS B 582 -8.09 -16.77 17.95
C LYS B 582 -7.19 -17.96 17.62
N ALA B 583 -7.69 -19.19 17.37
CA ALA B 583 -6.89 -20.41 17.13
C ALA B 583 -7.33 -20.99 15.80
N VAL B 584 -6.49 -21.02 14.77
CA VAL B 584 -6.85 -21.65 13.47
C VAL B 584 -7.02 -23.13 13.81
N THR B 585 -8.09 -23.86 13.42
CA THR B 585 -8.34 -25.29 13.78
C THR B 585 -8.90 -26.05 12.57
N LEU B 586 -8.72 -27.36 12.48
CA LEU B 586 -9.13 -28.15 11.32
C LEU B 586 -10.50 -28.77 11.52
N THR B 587 -11.52 -28.13 10.99
CA THR B 587 -12.86 -28.65 11.08
C THR B 587 -13.34 -29.40 9.88
N MET B 588 -13.12 -30.70 9.86
CA MET B 588 -13.62 -31.56 8.79
C MET B 588 -14.20 -32.72 9.52
N VAL B 589 -15.47 -32.98 9.31
CA VAL B 589 -16.10 -34.01 10.10
C VAL B 589 -15.94 -33.65 11.57
N GLU B 590 -15.75 -32.37 11.89
CA GLU B 590 -15.74 -31.95 13.27
C GLU B 590 -16.90 -31.05 13.31
N ASN B 591 -17.85 -31.28 12.43
CA ASN B 591 -18.98 -30.39 12.30
C ASN B 591 -19.62 -30.24 13.63
N ASP B 592 -19.37 -31.17 14.54
CA ASP B 592 -19.90 -31.06 15.89
C ASP B 592 -18.93 -31.68 16.85
N HIS B 593 -17.65 -31.52 16.58
CA HIS B 593 -16.59 -32.18 17.40
C HIS B 593 -15.65 -31.12 17.99
N ILE B 594 -15.09 -30.19 17.17
CA ILE B 594 -14.17 -29.09 17.65
C ILE B 594 -14.86 -27.72 17.56
N ARG B 595 -14.30 -26.70 18.22
CA ARG B 595 -14.85 -25.32 18.29
C ARG B 595 -13.71 -24.40 17.83
N GLY B 596 -13.79 -23.07 17.96
CA GLY B 596 -12.66 -22.14 17.71
C GLY B 596 -12.21 -21.65 19.07
N ALA B 597 -11.30 -20.71 19.22
CA ALA B 597 -11.00 -20.09 20.53
C ALA B 597 -10.95 -18.58 20.32
N LYS B 598 -11.23 -17.76 21.31
CA LYS B 598 -11.34 -16.31 21.16
C LYS B 598 -11.06 -15.70 22.53
N SER B 599 -9.98 -14.95 22.74
CA SER B 599 -9.73 -14.25 24.02
C SER B 599 -10.65 -13.04 24.08
N GLU B 600 -10.69 -12.31 25.19
CA GLU B 600 -11.55 -11.08 25.31
C GLU B 600 -10.77 -9.92 24.67
N ILE B 601 -11.41 -8.90 24.10
CA ILE B 601 -10.64 -7.74 23.60
C ILE B 601 -10.04 -7.25 24.90
N LEU B 602 -8.72 -7.22 25.05
CA LEU B 602 -8.03 -6.83 26.28
C LEU B 602 -7.22 -5.57 25.99
N TYR B 603 -7.45 -4.53 26.78
CA TYR B 603 -6.95 -3.20 26.50
C TYR B 603 -5.72 -2.94 27.36
N ILE B 604 -4.58 -2.67 26.71
CA ILE B 604 -3.35 -2.38 27.41
C ILE B 604 -2.66 -1.17 26.76
N ARG B 605 -1.82 -0.36 27.48
CA ARG B 605 -1.18 0.85 26.99
C ARG B 605 0.25 0.80 27.18
N THR B 606 1.04 0.99 26.15
CA THR B 606 2.47 0.84 26.22
C THR B 606 3.02 1.75 27.25
N ASN B 607 4.32 2.05 27.24
CA ASN B 607 4.98 2.95 28.27
C ASN B 607 5.11 4.51 27.99
N ALA B 608 5.87 5.22 28.80
CA ALA B 608 5.99 6.66 28.65
C ALA B 608 7.41 7.15 28.33
N SER B 609 7.67 7.87 27.25
CA SER B 609 9.04 8.22 26.85
C SER B 609 9.23 9.54 27.34
N VAL B 610 10.38 10.15 27.07
CA VAL B 610 10.67 11.51 27.51
C VAL B 610 10.15 12.26 26.40
N PRO B 611 9.59 13.39 26.65
CA PRO B 611 8.97 13.97 25.50
C PRO B 611 9.87 14.15 24.36
N SER B 612 9.36 14.60 23.26
CA SER B 612 10.16 14.77 22.05
C SER B 612 10.35 16.22 21.69
N ILE B 613 11.08 16.57 20.63
CA ILE B 613 11.48 17.98 20.38
C ILE B 613 10.39 19.05 20.28
N PRO B 614 10.64 20.37 20.62
CA PRO B 614 9.61 21.35 20.27
C PRO B 614 9.72 21.77 18.81
N LEU B 615 8.56 22.02 18.19
CA LEU B 615 8.49 22.28 16.77
C LEU B 615 8.49 23.78 16.47
N ASP B 616 9.00 24.11 15.29
CA ASP B 616 8.84 25.44 14.71
C ASP B 616 9.22 26.54 15.69
N VAL B 617 10.39 26.40 16.30
CA VAL B 617 10.88 27.42 17.22
C VAL B 617 11.25 28.66 16.42
N LEU B 618 10.50 29.74 16.61
CA LEU B 618 10.72 31.00 15.91
C LEU B 618 10.71 32.13 16.92
N SER B 619 11.64 33.08 16.75
CA SER B 619 11.78 34.15 17.72
C SER B 619 12.21 35.43 17.01
N ALA B 620 11.73 36.56 17.53
CA ALA B 620 12.11 37.87 17.05
C ALA B 620 12.31 38.77 18.26
N SER B 621 12.86 39.96 18.02
CA SER B 621 13.12 40.92 19.08
C SER B 621 12.33 42.19 18.81
N ASN B 622 11.36 42.49 19.67
CA ASN B 622 10.57 43.71 19.49
C ASN B 622 11.32 44.95 19.93
N SER B 623 12.20 44.82 20.91
CA SER B 623 12.96 45.95 21.42
C SER B 623 14.29 45.45 21.95
N SER B 624 15.26 46.36 22.01
CA SER B 624 16.57 46.01 22.54
C SER B 624 16.45 45.51 23.97
N SER B 625 17.26 44.50 24.31
CA SER B 625 17.30 43.90 25.63
C SER B 625 16.07 43.06 25.94
N GLN B 626 15.28 42.71 24.93
CA GLN B 626 14.16 41.81 25.09
C GLN B 626 14.07 40.88 23.89
N LEU B 627 13.48 39.71 24.12
CA LEU B 627 13.19 38.75 23.06
C LEU B 627 11.79 38.21 23.27
N ILE B 628 11.16 37.82 22.17
CA ILE B 628 9.88 37.13 22.19
C ILE B 628 10.06 35.79 21.49
N VAL B 629 9.56 34.72 22.10
CA VAL B 629 9.77 33.37 21.62
C VAL B 629 8.41 32.72 21.40
N LYS B 630 8.23 32.12 20.22
CA LYS B 630 7.04 31.36 19.89
C LYS B 630 7.46 30.00 19.35
N TRP B 631 6.76 28.95 19.75
CA TRP B 631 7.01 27.63 19.21
C TRP B 631 5.73 26.81 19.27
N ASN B 632 5.78 25.60 18.73
CA ASN B 632 4.65 24.70 18.65
C ASN B 632 4.89 23.49 19.53
N PRO B 633 3.83 22.83 20.00
CA PRO B 633 4.01 21.68 20.89
C PRO B 633 4.88 20.62 20.24
N PRO B 634 5.55 19.78 21.03
CA PRO B 634 6.33 18.69 20.45
C PRO B 634 5.45 17.69 19.73
N SER B 635 6.01 17.07 18.69
CA SER B 635 5.20 16.21 17.82
C SER B 635 4.64 15.02 18.59
N LEU B 636 5.44 14.41 19.46
CA LEU B 636 5.05 13.21 20.20
C LEU B 636 5.07 13.49 21.69
N PRO B 637 3.92 13.77 22.32
CA PRO B 637 3.95 14.12 23.75
C PRO B 637 4.60 13.06 24.62
N ASN B 638 4.34 11.79 24.36
CA ASN B 638 4.81 10.70 25.22
C ASN B 638 4.41 10.98 26.67
N GLY B 639 3.18 11.44 26.84
CA GLY B 639 2.66 11.81 28.15
C GLY B 639 1.76 13.02 28.01
N ASN B 640 1.02 13.29 29.09
CA ASN B 640 0.20 14.50 29.13
C ASN B 640 1.09 15.69 29.49
N LEU B 641 1.25 16.60 28.55
CA LEU B 641 2.23 17.67 28.68
C LEU B 641 2.03 18.42 30.00
N SER B 642 3.11 18.52 30.77
CA SER B 642 3.08 19.22 32.04
C SER B 642 3.49 20.68 31.88
N TYR B 643 4.63 20.93 31.27
CA TYR B 643 5.08 22.26 30.92
C TYR B 643 6.25 22.12 29.96
N TYR B 644 6.86 23.24 29.61
CA TYR B 644 8.06 23.27 28.78
C TYR B 644 9.18 23.93 29.58
N ILE B 645 10.41 23.73 29.12
CA ILE B 645 11.58 24.37 29.73
C ILE B 645 12.37 25.07 28.63
N VAL B 646 12.70 26.33 28.86
CA VAL B 646 13.41 27.17 27.90
C VAL B 646 14.77 27.51 28.49
N ARG B 647 15.81 27.41 27.67
CA ARG B 647 17.17 27.68 28.09
C ARG B 647 17.88 28.51 27.03
N TRP B 648 18.58 29.55 27.46
CA TRP B 648 19.34 30.40 26.56
C TRP B 648 20.74 30.66 27.10
N GLN B 649 21.70 30.75 26.19
CA GLN B 649 23.06 31.13 26.52
C GLN B 649 23.56 32.15 25.51
N ARG B 650 24.32 33.13 25.98
CA ARG B 650 24.97 34.08 25.10
C ARG B 650 26.01 33.37 24.25
N GLN B 651 25.76 33.20 22.97
CA GLN B 651 26.78 32.66 22.09
C GLN B 651 27.86 33.71 21.84
N PRO B 652 29.12 33.29 21.74
CA PRO B 652 30.19 34.27 21.52
C PRO B 652 30.12 34.86 20.13
N GLN B 653 30.55 36.12 20.02
CA GLN B 653 30.69 36.75 18.72
C GLN B 653 31.90 36.18 17.99
N ASP B 654 31.74 35.89 16.71
CA ASP B 654 32.77 35.16 15.98
C ASP B 654 34.09 35.92 15.95
N GLY B 655 35.19 35.19 16.09
CA GLY B 655 36.51 35.76 15.87
C GLY B 655 36.86 35.94 14.41
N TYR B 656 36.15 35.25 13.52
CA TYR B 656 36.38 35.38 12.09
C TYR B 656 36.32 36.85 11.66
N LEU B 657 35.41 37.62 12.27
CA LEU B 657 35.15 38.97 11.80
C LEU B 657 36.23 39.97 12.19
N TYR B 658 37.06 39.66 13.19
CA TYR B 658 38.07 40.62 13.63
C TYR B 658 39.22 40.73 12.63
N ARG B 659 39.68 39.61 12.08
CA ARG B 659 40.98 39.57 11.42
C ARG B 659 40.96 40.20 10.03
N HIS B 660 39.86 40.08 9.30
CA HIS B 660 39.85 40.35 7.88
C HIS B 660 39.66 41.84 7.58
N ASN B 661 40.37 42.31 6.55
CA ASN B 661 40.31 43.70 6.11
C ASN B 661 39.31 43.79 4.96
N TYR B 662 38.05 44.03 5.31
CA TYR B 662 36.98 44.13 4.31
C TYR B 662 37.05 45.43 3.51
N CYS B 663 37.95 46.35 3.86
CA CYS B 663 38.14 47.50 3.02
C CYS B 663 38.89 46.92 1.83
N SER B 664 39.27 45.63 1.89
CA SER B 664 39.92 44.97 0.75
C SER B 664 39.49 43.50 0.51
N LYS B 665 38.31 43.27 -0.10
CA LYS B 665 37.82 41.90 -0.35
C LYS B 665 36.68 41.83 -1.38
N ASP B 666 35.98 40.69 -1.47
CA ASP B 666 34.83 40.55 -2.41
C ASP B 666 34.05 39.20 -2.40
N LYS B 667 33.02 39.06 -3.26
CA LYS B 667 32.26 37.80 -3.41
C LYS B 667 32.07 37.54 -4.91
N ILE B 668 31.20 36.61 -5.33
CA ILE B 668 30.92 36.38 -6.78
C ILE B 668 29.46 36.08 -7.16
N PRO B 669 29.09 36.33 -8.41
CA PRO B 669 27.75 35.98 -8.85
C PRO B 669 27.89 34.76 -9.68
N ILE B 670 26.86 33.95 -9.94
CA ILE B 670 27.12 32.74 -10.71
C ILE B 670 25.96 31.95 -11.13
N ARG B 671 26.22 30.89 -11.88
CA ARG B 671 25.19 30.00 -12.29
C ARG B 671 25.80 28.89 -13.13
N LYS B 672 25.06 27.81 -13.41
CA LYS B 672 25.53 26.76 -14.34
C LYS B 672 24.48 25.71 -14.59
N CYS B 700 8.40 -12.04 9.73
CA CYS B 700 7.63 -10.84 9.40
C CYS B 700 7.13 -10.85 7.95
N ALA B 701 5.85 -11.16 7.76
CA ALA B 701 5.23 -11.17 6.44
C ALA B 701 3.72 -11.33 6.56
N CYS B 702 3.05 -11.38 5.41
CA CYS B 702 1.61 -11.63 5.34
C CYS B 702 1.38 -12.95 4.63
N PRO B 703 1.84 -14.06 5.21
CA PRO B 703 1.69 -15.36 4.54
C PRO B 703 0.25 -15.78 4.28
N LYS B 704 -0.74 -15.03 4.75
CA LYS B 704 -2.13 -15.42 4.57
C LYS B 704 -2.33 -15.91 3.15
N THR B 705 -2.04 -15.07 2.16
CA THR B 705 -2.06 -15.46 0.75
C THR B 705 -3.18 -16.47 0.53
N GLU B 706 -2.89 -17.57 -0.16
CA GLU B 706 -3.77 -18.72 -0.17
C GLU B 706 -3.13 -20.00 0.36
N ALA B 707 -1.83 -20.00 0.61
CA ALA B 707 -1.23 -21.10 1.34
C ALA B 707 -2.06 -21.43 2.58
N GLU B 708 -2.27 -20.42 3.44
CA GLU B 708 -2.92 -20.68 4.71
C GLU B 708 -4.35 -21.17 4.61
N LYS B 709 -5.09 -20.85 3.53
CA LYS B 709 -6.50 -21.23 3.56
C LYS B 709 -6.65 -22.74 3.52
N GLN B 710 -5.98 -23.40 2.56
CA GLN B 710 -6.18 -24.82 2.33
C GLN B 710 -4.85 -25.56 2.29
N ALA B 711 -3.81 -24.91 1.78
CA ALA B 711 -2.54 -25.58 1.52
C ALA B 711 -1.81 -26.00 2.78
N GLU B 712 -2.29 -25.57 3.94
CA GLU B 712 -1.78 -26.08 5.21
C GLU B 712 -2.90 -26.62 6.09
N LYS B 713 -4.16 -26.36 5.75
CA LYS B 713 -5.26 -27.02 6.43
C LYS B 713 -5.47 -28.41 5.83
N GLU B 714 -5.76 -28.49 4.54
CA GLU B 714 -5.93 -29.79 3.88
C GLU B 714 -4.72 -30.71 4.09
N GLU B 715 -3.51 -30.16 4.09
CA GLU B 715 -2.31 -30.97 4.17
C GLU B 715 -1.97 -31.38 5.60
N ALA B 716 -2.83 -31.05 6.58
CA ALA B 716 -2.71 -31.57 7.93
C ALA B 716 -3.97 -32.30 8.36
N GLU B 717 -4.90 -32.51 7.42
CA GLU B 717 -6.05 -33.40 7.59
C GLU B 717 -5.98 -34.52 6.56
N TYR B 718 -4.79 -34.69 5.97
CA TYR B 718 -4.43 -35.81 5.10
C TYR B 718 -3.26 -36.57 5.69
N ARG B 719 -2.78 -36.14 6.86
CA ARG B 719 -1.81 -36.86 7.67
C ARG B 719 -2.44 -37.29 8.98
N LYS B 720 -3.67 -36.85 9.24
CA LYS B 720 -4.48 -37.30 10.37
C LYS B 720 -5.47 -38.38 9.96
N VAL B 721 -5.46 -38.81 8.70
CA VAL B 721 -6.36 -39.85 8.22
C VAL B 721 -5.62 -41.02 7.59
N PHE B 722 -4.30 -40.96 7.52
CA PHE B 722 -3.48 -42.15 7.25
C PHE B 722 -3.13 -42.72 8.60
N GLU B 723 -2.59 -41.89 9.48
CA GLU B 723 -2.23 -42.27 10.84
C GLU B 723 -3.35 -43.02 11.54
N ASN B 724 -4.60 -42.74 11.19
CA ASN B 724 -5.74 -43.49 11.70
C ASN B 724 -6.11 -44.66 10.79
N PHE B 725 -5.18 -45.05 9.93
CA PHE B 725 -5.24 -46.31 9.20
C PHE B 725 -4.05 -47.20 9.50
N LEU B 726 -2.98 -46.65 10.06
CA LEU B 726 -1.83 -47.44 10.49
C LEU B 726 -2.11 -48.07 11.84
N HIS B 727 -2.35 -47.22 12.84
CA HIS B 727 -2.64 -47.68 14.20
C HIS B 727 -3.80 -48.65 14.24
N ASN B 728 -4.65 -48.65 13.21
CA ASN B 728 -5.83 -49.51 13.18
C ASN B 728 -5.63 -50.76 12.32
N SER B 729 -4.42 -50.97 11.79
CA SER B 729 -4.07 -52.25 11.21
C SER B 729 -2.65 -52.63 11.62
N ILE B 730 -2.31 -52.30 12.86
CA ILE B 730 -1.05 -52.69 13.48
C ILE B 730 -1.34 -53.30 14.85
N PHE B 731 -2.06 -52.56 15.67
CA PHE B 731 -2.27 -52.90 17.07
C PHE B 731 -3.45 -53.86 17.17
N VAL B 732 -3.24 -55.16 17.38
CA VAL B 732 -4.34 -56.17 17.58
C VAL B 732 -4.28 -56.63 19.03
N PRO B 733 -5.39 -56.83 19.79
CA PRO B 733 -5.31 -57.40 21.16
C PRO B 733 -5.50 -58.90 21.25
N ARG B 734 -5.00 -59.58 22.29
CA ARG B 734 -5.28 -61.03 22.44
C ARG B 734 -6.81 -61.22 22.65
N PRO B 735 -7.47 -62.28 22.10
CA PRO B 735 -8.88 -62.57 22.42
C PRO B 735 -9.30 -62.16 23.83
N GLU B 774 31.82 30.06 27.42
CA GLU B 774 32.20 31.48 27.46
C GLU B 774 31.23 32.29 28.31
N TYR B 775 30.04 31.75 28.55
CA TYR B 775 28.99 32.49 29.25
C TYR B 775 28.08 31.50 29.94
N PRO B 776 27.39 31.91 30.99
CA PRO B 776 26.55 30.98 31.75
C PRO B 776 25.26 30.63 31.02
N PHE B 777 24.67 29.51 31.44
CA PHE B 777 23.38 29.07 30.96
C PHE B 777 22.31 29.48 31.96
N PHE B 778 21.21 30.04 31.45
CA PHE B 778 20.03 30.33 32.26
C PHE B 778 19.00 29.23 32.09
N GLU B 779 17.95 29.29 32.91
CA GLU B 779 16.87 28.33 32.78
C GLU B 779 15.61 28.90 33.43
N SER B 780 14.48 28.70 32.77
CA SER B 780 13.18 29.08 33.29
C SER B 780 12.17 28.07 32.78
N ARG B 781 10.92 28.23 33.21
CA ARG B 781 9.89 27.25 32.91
C ARG B 781 8.60 27.94 32.51
N VAL B 782 8.08 27.56 31.34
CA VAL B 782 6.80 28.07 30.88
C VAL B 782 5.67 27.30 31.57
N ASP B 783 4.50 27.93 31.65
CA ASP B 783 3.37 27.36 32.38
C ASP B 783 2.33 26.71 31.49
N ASN B 784 1.69 27.50 30.61
CA ASN B 784 0.51 26.99 29.91
C ASN B 784 0.58 27.16 28.39
N LYS B 785 1.25 28.21 27.91
CA LYS B 785 1.19 28.57 26.50
C LYS B 785 2.59 28.60 25.90
N GLU B 786 2.74 28.39 24.60
CA GLU B 786 4.06 28.35 23.95
C GLU B 786 4.47 29.80 23.68
N ARG B 787 4.90 30.58 24.68
CA ARG B 787 5.42 31.97 24.47
C ARG B 787 6.08 32.52 25.74
N THR B 788 7.22 33.21 25.65
CA THR B 788 7.99 33.70 26.84
C THR B 788 8.89 34.90 26.52
N VAL B 789 8.56 36.10 26.98
CA VAL B 789 9.29 37.35 26.67
C VAL B 789 10.54 37.50 27.58
N ILE B 790 11.68 36.90 27.26
CA ILE B 790 12.95 37.08 28.04
C ILE B 790 13.20 38.58 28.16
N SER B 791 13.70 39.17 29.24
CA SER B 791 14.13 40.54 29.48
C SER B 791 15.52 40.55 30.09
N ASN B 792 16.11 41.74 30.11
CA ASN B 792 17.45 41.96 30.69
C ASN B 792 18.53 41.29 29.85
N LEU B 793 18.43 41.41 28.52
CA LEU B 793 19.42 40.90 27.60
C LEU B 793 20.30 42.02 27.08
N ARG B 794 21.40 41.63 26.42
CA ARG B 794 22.31 42.60 25.84
C ARG B 794 21.67 43.26 24.63
N PRO B 795 22.02 44.52 24.35
CA PRO B 795 21.39 45.20 23.20
C PRO B 795 21.56 44.47 21.87
N PHE B 796 22.74 43.89 21.61
CA PHE B 796 23.04 43.35 20.29
C PHE B 796 23.77 42.01 20.39
N THR B 797 23.30 41.14 21.28
CA THR B 797 23.92 39.83 21.46
C THR B 797 23.15 38.75 20.71
N LEU B 798 23.88 37.93 19.96
CA LEU B 798 23.32 36.72 19.38
C LEU B 798 23.17 35.68 20.47
N TYR B 799 22.01 35.03 20.52
CA TYR B 799 21.72 34.01 21.51
C TYR B 799 21.54 32.65 20.84
N ARG B 800 21.87 31.60 21.58
CA ARG B 800 21.39 30.26 21.27
C ARG B 800 20.31 29.89 22.27
N ILE B 801 19.22 29.32 21.77
CA ILE B 801 18.08 28.95 22.59
C ILE B 801 17.92 27.44 22.51
N ASP B 802 17.88 26.79 23.67
CA ASP B 802 17.56 25.37 23.77
C ASP B 802 16.23 25.24 24.51
N ILE B 803 15.28 24.58 23.88
CA ILE B 803 13.91 24.52 24.38
C ILE B 803 13.56 23.06 24.62
N HIS B 804 13.38 22.70 25.88
CA HIS B 804 13.03 21.34 26.28
C HIS B 804 11.54 21.22 26.53
N SER B 805 11.01 20.03 26.27
CA SER B 805 9.66 19.67 26.68
C SER B 805 9.76 18.56 27.71
N CYS B 806 9.10 18.73 28.84
CA CYS B 806 9.11 17.76 29.92
C CYS B 806 7.69 17.42 30.31
N ASN B 807 7.32 16.15 30.16
CA ASN B 807 5.97 15.70 30.50
C ASN B 807 5.91 15.38 31.99
N HIS B 808 4.80 14.76 32.42
CA HIS B 808 4.69 14.35 33.81
C HIS B 808 5.64 13.21 34.15
N GLU B 809 5.95 12.36 33.18
CA GLU B 809 6.87 11.24 33.39
C GLU B 809 8.31 11.59 33.11
N ALA B 810 8.59 12.78 32.54
CA ALA B 810 9.97 13.18 32.29
C ALA B 810 10.70 13.55 33.58
N GLU B 811 9.97 13.81 34.66
CA GLU B 811 10.62 14.01 35.95
C GLU B 811 11.50 12.82 36.32
N LYS B 812 11.10 11.63 35.91
CA LYS B 812 11.84 10.40 36.18
C LYS B 812 12.80 10.05 35.04
N LEU B 813 12.37 10.23 33.80
CA LEU B 813 13.12 9.83 32.62
C LEU B 813 14.00 10.95 32.06
N GLY B 814 13.89 12.17 32.59
CA GLY B 814 14.59 13.31 32.04
C GLY B 814 13.81 13.99 30.93
N CYS B 815 14.32 15.13 30.50
CA CYS B 815 13.66 15.96 29.50
C CYS B 815 14.22 15.70 28.10
N SER B 816 13.48 16.18 27.12
CA SER B 816 13.67 15.78 25.73
C SER B 816 14.94 16.41 25.14
N ALA B 817 15.21 16.05 23.89
CA ALA B 817 16.25 16.72 23.12
C ALA B 817 15.84 18.16 22.83
N SER B 818 16.84 19.02 22.66
CA SER B 818 16.62 20.45 22.57
C SER B 818 16.55 20.88 21.10
N ASN B 819 15.42 21.45 20.71
CA ASN B 819 15.33 22.18 19.44
C ASN B 819 15.84 23.59 19.66
N PHE B 820 16.66 24.06 18.73
CA PHE B 820 17.40 25.30 18.94
C PHE B 820 17.25 26.24 17.76
N VAL B 821 17.41 27.52 18.04
CA VAL B 821 17.43 28.56 17.02
C VAL B 821 18.26 29.71 17.56
N PHE B 822 18.92 30.43 16.67
CA PHE B 822 19.75 31.57 17.04
C PHE B 822 18.95 32.85 16.80
N ALA B 823 18.89 33.70 17.82
CA ALA B 823 18.07 34.91 17.77
C ALA B 823 18.95 36.11 18.11
N ARG B 824 18.80 37.18 17.34
CA ARG B 824 19.60 38.39 17.50
C ARG B 824 18.69 39.56 17.87
N THR B 825 19.12 40.34 18.85
CA THR B 825 18.34 41.47 19.35
C THR B 825 18.44 42.67 18.41
N MET B 826 17.42 43.52 18.47
CA MET B 826 17.43 44.74 17.67
C MET B 826 18.60 45.63 18.09
N PRO B 827 19.30 46.23 17.13
CA PRO B 827 20.44 47.09 17.49
C PRO B 827 20.00 48.28 18.34
N ALA B 828 20.89 48.72 19.22
CA ALA B 828 20.63 49.90 20.02
C ALA B 828 20.76 51.15 19.17
N GLU B 829 19.65 51.86 19.00
CA GLU B 829 19.65 53.02 18.12
C GLU B 829 20.62 54.07 18.61
N GLY B 830 21.44 54.59 17.69
CA GLY B 830 22.37 55.66 18.01
C GLY B 830 23.58 55.25 18.80
N ALA B 831 23.69 53.98 19.19
CA ALA B 831 24.82 53.55 20.01
C ALA B 831 26.13 53.54 19.21
N ASP B 832 26.06 53.33 17.90
CA ASP B 832 27.24 53.18 17.08
C ASP B 832 27.71 54.48 16.45
N ASP B 833 27.03 55.60 16.70
CA ASP B 833 27.50 56.88 16.20
C ASP B 833 28.75 57.32 16.96
N ILE B 834 29.56 58.16 16.30
CA ILE B 834 30.83 58.56 16.91
C ILE B 834 30.54 59.33 18.19
N PRO B 835 31.19 59.01 19.32
CA PRO B 835 30.81 59.63 20.59
C PRO B 835 31.41 61.01 20.84
N GLY B 836 32.44 61.42 20.10
CA GLY B 836 33.11 62.66 20.39
C GLY B 836 33.72 63.32 19.17
N PRO B 837 34.35 64.47 19.38
CA PRO B 837 34.93 65.23 18.27
C PRO B 837 36.15 64.53 17.68
N VAL B 838 36.43 64.88 16.43
CA VAL B 838 37.58 64.37 15.71
C VAL B 838 38.74 65.34 15.87
N THR B 839 39.97 64.81 15.79
CA THR B 839 41.17 65.61 15.86
C THR B 839 42.00 65.43 14.59
N TRP B 840 42.67 66.50 14.18
CA TRP B 840 43.49 66.49 12.97
C TRP B 840 44.86 67.08 13.30
N GLU B 841 45.88 66.57 12.62
CA GLU B 841 47.25 67.04 12.79
C GLU B 841 47.92 67.11 11.43
N PRO B 842 48.87 68.02 11.25
CA PRO B 842 49.61 68.08 9.99
C PRO B 842 50.67 66.98 9.89
N ARG B 843 50.99 66.63 8.65
CA ARG B 843 52.01 65.65 8.35
C ARG B 843 52.76 66.10 7.11
N PRO B 844 54.01 65.65 6.94
CA PRO B 844 54.80 66.10 5.79
C PRO B 844 54.20 65.62 4.48
N GLU B 845 54.77 66.10 3.37
CA GLU B 845 54.29 65.79 2.03
C GLU B 845 52.84 66.23 1.86
N ASN B 846 52.50 67.37 2.47
CA ASN B 846 51.13 67.90 2.42
C ASN B 846 50.13 66.86 2.90
N SER B 847 50.50 66.13 3.95
CA SER B 847 49.68 65.05 4.47
C SER B 847 48.98 65.49 5.76
N ILE B 848 47.87 64.82 6.07
CA ILE B 848 47.08 65.10 7.26
C ILE B 848 46.79 63.78 7.96
N PHE B 849 46.96 63.78 9.28
CA PHE B 849 46.64 62.63 10.12
C PHE B 849 45.41 62.96 10.97
N LEU B 850 44.43 62.06 10.95
CA LEU B 850 43.18 62.26 11.66
C LEU B 850 43.04 61.21 12.75
N LYS B 851 42.75 61.65 13.97
CA LYS B 851 42.51 60.76 15.10
C LYS B 851 41.18 61.11 15.74
N TRP B 852 40.35 60.10 15.96
CA TRP B 852 39.00 60.30 16.49
C TRP B 852 38.65 59.15 17.42
N PRO B 853 37.75 59.39 18.37
CA PRO B 853 37.41 58.35 19.36
C PRO B 853 36.48 57.29 18.80
N GLU B 854 36.71 56.05 19.21
CA GLU B 854 35.83 54.95 18.85
C GLU B 854 34.59 54.94 19.72
N PRO B 855 33.50 54.32 19.27
CA PRO B 855 32.28 54.26 20.10
C PRO B 855 32.46 53.33 21.29
N GLU B 856 31.84 53.71 22.39
CA GLU B 856 32.00 52.96 23.63
C GLU B 856 31.26 51.63 23.59
N ASN B 857 30.01 51.64 23.11
CA ASN B 857 29.14 50.47 23.15
C ASN B 857 28.60 50.20 21.75
N PRO B 858 29.46 49.76 20.84
CA PRO B 858 29.03 49.55 19.46
C PRO B 858 28.05 48.39 19.34
N ASN B 859 27.25 48.45 18.28
CA ASN B 859 26.31 47.37 17.98
C ASN B 859 27.08 46.16 17.46
N GLY B 860 27.53 45.31 18.38
CA GLY B 860 28.32 44.15 18.01
C GLY B 860 29.78 44.47 17.80
N LEU B 861 30.10 45.10 16.67
CA LEU B 861 31.48 45.46 16.38
C LEU B 861 31.49 46.70 15.48
N ILE B 862 32.63 47.37 15.46
CA ILE B 862 32.92 48.40 14.47
C ILE B 862 33.88 47.79 13.47
N LEU B 863 33.41 47.64 12.23
CA LEU B 863 34.16 46.94 11.20
C LEU B 863 35.13 47.86 10.47
N MET B 864 34.70 49.07 10.13
CA MET B 864 35.52 49.98 9.34
C MET B 864 35.01 51.40 9.52
N TYR B 865 35.82 52.35 9.09
CA TYR B 865 35.44 53.76 9.06
C TYR B 865 35.59 54.29 7.63
N GLU B 866 34.67 55.16 7.23
CA GLU B 866 34.72 55.82 5.94
C GLU B 866 34.96 57.30 6.16
N ILE B 867 35.99 57.83 5.50
CA ILE B 867 36.39 59.23 5.64
C ILE B 867 35.93 59.97 4.39
N LYS B 868 35.05 60.96 4.57
CA LYS B 868 34.60 61.83 3.50
C LYS B 868 35.26 63.18 3.69
N TYR B 869 36.01 63.63 2.68
CA TYR B 869 36.80 64.84 2.81
C TYR B 869 37.02 65.46 1.44
N GLY B 870 37.36 66.74 1.45
CA GLY B 870 37.67 67.46 0.23
C GLY B 870 37.89 68.93 0.52
N SER B 871 38.38 69.64 -0.50
CA SER B 871 38.70 71.05 -0.34
C SER B 871 37.45 71.92 -0.45
N GLN B 872 36.81 71.89 -1.62
CA GLN B 872 35.54 72.58 -1.83
C GLN B 872 34.34 71.64 -1.68
N VAL B 873 34.43 70.44 -2.24
CA VAL B 873 33.43 69.40 -2.04
C VAL B 873 34.16 68.10 -1.73
N GLU B 874 33.54 67.28 -0.87
CA GLU B 874 34.19 66.08 -0.35
C GLU B 874 34.06 64.93 -1.35
N ASP B 875 34.77 65.09 -2.46
CA ASP B 875 34.78 64.05 -3.49
C ASP B 875 35.50 62.80 -3.02
N GLN B 876 36.62 62.95 -2.32
CA GLN B 876 37.46 61.83 -1.96
C GLN B 876 36.87 61.06 -0.79
N ARG B 877 36.93 59.72 -0.87
CA ARG B 877 36.47 58.86 0.20
C ARG B 877 37.47 57.73 0.40
N GLU B 878 37.70 57.35 1.65
CA GLU B 878 38.67 56.33 2.00
C GLU B 878 38.07 55.39 3.05
N CYS B 879 38.53 54.15 3.03
CA CYS B 879 38.07 53.12 3.95
C CYS B 879 39.18 52.80 4.93
N VAL B 880 38.86 52.85 6.22
CA VAL B 880 39.81 52.57 7.29
C VAL B 880 39.34 51.33 8.03
N SER B 881 40.22 50.33 8.12
CA SER B 881 39.90 49.09 8.80
C SER B 881 39.98 49.28 10.32
N ARG B 882 39.27 48.41 11.03
CA ARG B 882 39.30 48.45 12.49
C ARG B 882 40.72 48.18 13.01
N GLN B 883 41.44 47.27 12.36
CA GLN B 883 42.82 47.00 12.77
C GLN B 883 43.69 48.23 12.57
N GLU B 884 43.50 48.94 11.45
CA GLU B 884 44.29 50.14 11.20
C GLU B 884 44.08 51.17 12.29
N TYR B 885 42.83 51.35 12.74
CA TYR B 885 42.57 52.28 13.83
C TYR B 885 43.27 51.83 15.10
N ARG B 886 43.29 50.53 15.37
CA ARG B 886 43.97 50.04 16.57
C ARG B 886 45.46 50.36 16.53
N LYS B 887 46.09 50.18 15.37
CA LYS B 887 47.53 50.45 15.26
C LYS B 887 47.82 51.94 15.39
N TYR B 888 47.05 52.78 14.68
CA TYR B 888 47.35 54.20 14.59
C TYR B 888 46.36 55.10 15.31
N GLY B 889 45.19 54.59 15.68
CA GLY B 889 44.15 55.46 16.19
C GLY B 889 43.47 56.30 15.14
N GLY B 890 43.69 55.99 13.86
CA GLY B 890 43.14 56.80 12.78
C GLY B 890 43.79 56.46 11.46
N ALA B 891 43.83 57.45 10.56
CA ALA B 891 44.41 57.26 9.25
C ALA B 891 45.07 58.57 8.81
N LYS B 892 46.03 58.44 7.90
CA LYS B 892 46.74 59.59 7.35
C LYS B 892 46.34 59.77 5.89
N LEU B 893 46.01 61.01 5.52
CA LEU B 893 45.80 61.39 4.14
C LEU B 893 47.06 62.06 3.63
N ASN B 894 47.54 61.64 2.46
CA ASN B 894 48.85 62.01 1.97
C ASN B 894 48.76 62.76 0.65
N ARG B 895 49.70 63.68 0.45
CA ARG B 895 49.84 64.44 -0.79
C ARG B 895 48.53 65.15 -1.16
N LEU B 896 48.01 65.92 -0.20
CA LEU B 896 46.83 66.73 -0.46
C LEU B 896 47.22 68.03 -1.15
N ASN B 897 46.29 68.54 -1.97
CA ASN B 897 46.52 69.81 -2.62
C ASN B 897 46.37 70.96 -1.62
N PRO B 898 47.07 72.07 -1.83
CA PRO B 898 46.95 73.19 -0.89
C PRO B 898 45.54 73.75 -0.84
N GLY B 899 45.17 74.28 0.31
CA GLY B 899 43.89 74.93 0.52
C GLY B 899 43.18 74.40 1.74
N ASN B 900 42.04 75.03 2.04
CA ASN B 900 41.20 74.61 3.15
C ASN B 900 40.47 73.32 2.82
N TYR B 901 40.13 72.56 3.86
CA TYR B 901 39.50 71.25 3.68
C TYR B 901 38.45 71.05 4.76
N THR B 902 37.41 70.29 4.41
CA THR B 902 36.37 69.88 5.34
C THR B 902 36.11 68.39 5.15
N ALA B 903 35.75 67.70 6.24
CA ALA B 903 35.63 66.26 6.19
C ALA B 903 34.62 65.75 7.19
N ARG B 904 34.13 64.53 6.93
CA ARG B 904 33.32 63.75 7.85
C ARG B 904 33.83 62.32 7.86
N ILE B 905 33.42 61.58 8.88
CA ILE B 905 33.79 60.17 9.02
C ILE B 905 32.53 59.37 9.34
N GLN B 906 32.44 58.16 8.78
CA GLN B 906 31.32 57.25 9.01
C GLN B 906 31.85 55.90 9.44
N ALA B 907 31.27 55.35 10.50
CA ALA B 907 31.63 54.02 10.99
C ALA B 907 30.56 53.01 10.61
N THR B 908 30.99 51.87 10.07
CA THR B 908 30.08 50.82 9.62
C THR B 908 30.05 49.72 10.68
N SER B 909 29.02 49.76 11.52
CA SER B 909 28.83 48.73 12.53
C SER B 909 28.11 47.54 11.94
N LEU B 910 28.05 46.45 12.71
CA LEU B 910 27.40 45.24 12.22
C LEU B 910 25.93 45.48 11.92
N SER B 911 25.33 46.47 12.56
CA SER B 911 23.92 46.80 12.35
C SER B 911 23.72 47.80 11.20
N GLY B 912 24.76 48.08 10.43
CA GLY B 912 24.70 49.03 9.34
C GLY B 912 25.55 50.25 9.65
N ASN B 913 25.47 51.23 8.75
CA ASN B 913 26.20 52.47 8.93
C ASN B 913 25.61 53.28 10.07
N GLY B 914 26.46 54.04 10.74
CA GLY B 914 26.04 54.93 11.80
C GLY B 914 25.68 56.30 11.25
N SER B 915 25.73 57.30 12.13
CA SER B 915 25.50 58.68 11.76
C SER B 915 26.83 59.38 11.49
N TRP B 916 26.81 60.26 10.49
CA TRP B 916 28.02 61.00 10.15
C TRP B 916 28.41 61.97 11.25
N THR B 917 29.71 62.28 11.30
CA THR B 917 30.26 63.13 12.35
C THR B 917 29.99 64.61 12.06
N ASP B 918 30.16 65.41 13.11
CA ASP B 918 30.22 66.85 12.95
C ASP B 918 31.36 67.19 11.99
N PRO B 919 31.13 67.98 10.94
CA PRO B 919 32.18 68.15 9.92
C PRO B 919 33.48 68.66 10.53
N VAL B 920 34.59 68.13 10.02
CA VAL B 920 35.92 68.44 10.53
C VAL B 920 36.57 69.42 9.57
N PHE B 921 37.05 70.55 10.09
CA PHE B 921 37.66 71.59 9.29
C PHE B 921 39.17 71.56 9.49
N PHE B 922 39.91 71.51 8.38
CA PHE B 922 41.37 71.50 8.41
C PHE B 922 41.88 72.04 7.08
N TYR B 923 43.15 72.41 7.07
CA TYR B 923 43.77 73.01 5.89
C TYR B 923 45.13 72.39 5.66
N VAL B 924 45.54 72.39 4.40
CA VAL B 924 46.86 71.89 3.99
C VAL B 924 47.58 73.03 3.28
N GLN B 925 48.76 73.39 3.79
CA GLN B 925 49.57 74.41 3.16
C GLN B 925 50.55 73.76 2.17
N ALA B 926 50.87 74.51 1.11
CA ALA B 926 51.76 73.98 0.08
C ALA B 926 53.14 73.68 0.65
N LYS B 927 53.66 74.56 1.50
CA LYS B 927 54.99 74.39 2.06
C LYS B 927 54.95 74.46 3.59
N GLY C 1 -11.19 -50.92 15.82
CA GLY C 1 -9.88 -50.28 15.89
C GLY C 1 -9.60 -49.69 17.25
N ILE C 2 -8.31 -49.55 17.58
CA ILE C 2 -7.94 -49.04 18.89
C ILE C 2 -8.36 -47.58 19.07
N VAL C 3 -8.35 -46.80 17.98
CA VAL C 3 -8.68 -45.38 18.10
C VAL C 3 -10.12 -45.22 18.59
N GLU C 4 -11.05 -46.01 18.07
CA GLU C 4 -12.44 -45.89 18.49
C GLU C 4 -12.58 -46.11 19.99
N GLN C 5 -11.72 -46.94 20.57
CA GLN C 5 -11.69 -47.06 22.03
C GLN C 5 -11.03 -45.86 22.69
N CYS C 6 -9.94 -45.36 22.13
CA CYS C 6 -9.14 -44.33 22.79
C CYS C 6 -9.31 -42.93 22.22
N CYS C 7 -9.47 -42.78 20.91
CA CYS C 7 -9.63 -41.46 20.33
C CYS C 7 -11.07 -40.94 20.40
N THR C 8 -12.02 -41.77 20.82
CA THR C 8 -13.40 -41.34 21.00
C THR C 8 -13.85 -41.49 22.45
N SER C 9 -13.55 -42.63 23.07
CA SER C 9 -13.76 -42.83 24.50
C SER C 9 -12.42 -42.76 25.22
N ILE C 10 -12.45 -43.01 26.52
CA ILE C 10 -11.22 -43.11 27.30
C ILE C 10 -10.81 -44.57 27.36
N CYS C 11 -9.50 -44.80 27.49
CA CYS C 11 -8.94 -46.14 27.63
C CYS C 11 -8.22 -46.24 28.95
N SER C 12 -8.88 -46.83 29.94
CA SER C 12 -8.23 -47.14 31.20
C SER C 12 -7.22 -48.27 30.99
N LEU C 13 -6.49 -48.59 32.05
CA LEU C 13 -5.54 -49.70 31.95
C LEU C 13 -6.27 -51.00 31.63
N TYR C 14 -7.43 -51.23 32.23
CA TYR C 14 -8.10 -52.53 32.06
C TYR C 14 -8.34 -52.82 30.58
N GLN C 15 -8.44 -51.78 29.76
CA GLN C 15 -8.61 -51.92 28.32
C GLN C 15 -7.28 -52.11 27.59
N LEU C 16 -6.14 -52.10 28.30
CA LEU C 16 -4.84 -52.16 27.66
C LEU C 16 -3.87 -53.23 28.19
N GLU C 17 -4.23 -53.98 29.25
CA GLU C 17 -3.33 -55.08 29.62
C GLU C 17 -3.33 -56.17 28.57
N ASN C 18 -4.30 -56.17 27.66
CA ASN C 18 -4.52 -57.34 26.80
C ASN C 18 -3.26 -57.68 26.02
N TYR C 19 -2.50 -56.68 25.60
CA TYR C 19 -1.31 -56.91 24.79
C TYR C 19 -0.09 -56.17 25.34
N CYS C 20 0.03 -56.11 26.66
CA CYS C 20 1.26 -55.72 27.31
C CYS C 20 1.96 -56.97 27.85
N ASN C 21 3.08 -56.77 28.54
CA ASN C 21 3.84 -57.90 29.08
C ASN C 21 3.10 -58.52 30.26
N PHE D 1 0.82 -43.48 31.33
CA PHE D 1 -0.60 -43.35 30.99
C PHE D 1 -1.19 -42.05 31.54
N VAL D 2 -2.12 -41.47 30.78
CA VAL D 2 -2.85 -40.28 31.19
C VAL D 2 -4.33 -40.53 31.01
N ASN D 3 -5.15 -40.00 31.91
CA ASN D 3 -6.59 -40.18 31.85
C ASN D 3 -7.25 -39.34 30.77
N GLN D 4 -6.47 -38.58 29.99
CA GLN D 4 -7.01 -37.84 28.86
C GLN D 4 -7.18 -38.76 27.67
N HIS D 5 -7.68 -38.22 26.57
CA HIS D 5 -7.90 -39.00 25.35
C HIS D 5 -6.57 -39.18 24.63
N LEU D 6 -6.20 -40.44 24.37
CA LEU D 6 -4.95 -40.77 23.71
C LEU D 6 -5.16 -40.85 22.20
N CYS D 7 -4.25 -40.24 21.44
CA CYS D 7 -4.30 -40.28 19.99
C CYS D 7 -2.90 -40.09 19.41
N GLY D 8 -2.68 -40.71 18.25
CA GLY D 8 -1.48 -40.47 17.47
C GLY D 8 -0.19 -40.80 18.20
N SER D 9 0.83 -39.99 17.91
CA SER D 9 2.14 -40.23 18.49
C SER D 9 2.06 -40.34 20.01
N HIS D 10 1.25 -39.52 20.64
CA HIS D 10 1.07 -39.63 22.09
C HIS D 10 0.53 -41.01 22.45
N LEU D 11 -0.43 -41.52 21.66
CA LEU D 11 -0.93 -42.86 21.89
C LEU D 11 0.19 -43.88 21.83
N VAL D 12 1.03 -43.80 20.80
CA VAL D 12 2.09 -44.80 20.65
C VAL D 12 3.07 -44.73 21.81
N GLU D 13 3.48 -43.52 22.21
CA GLU D 13 4.42 -43.39 23.31
C GLU D 13 3.83 -43.92 24.61
N ALA D 14 2.57 -43.58 24.90
CA ALA D 14 1.94 -44.08 26.11
C ALA D 14 1.82 -45.59 26.07
N LEU D 15 1.47 -46.15 24.92
CA LEU D 15 1.34 -47.59 24.80
C LEU D 15 2.66 -48.29 25.08
N TYR D 16 3.75 -47.77 24.53
CA TYR D 16 5.06 -48.34 24.86
C TYR D 16 5.36 -48.23 26.35
N LEU D 17 5.18 -47.05 26.92
CA LEU D 17 5.51 -46.89 28.33
C LEU D 17 4.67 -47.80 29.20
N VAL D 18 3.46 -48.17 28.77
CA VAL D 18 2.63 -49.09 29.53
C VAL D 18 3.13 -50.52 29.37
N CYS D 19 3.26 -50.99 28.13
CA CYS D 19 3.64 -52.39 27.92
C CYS D 19 5.13 -52.61 28.15
N GLY D 20 5.98 -51.84 27.48
CA GLY D 20 7.43 -51.97 27.66
C GLY D 20 8.01 -52.97 26.64
N GLU D 21 8.33 -54.17 27.11
CA GLU D 21 9.03 -55.17 26.31
C GLU D 21 8.30 -56.51 26.33
N ARG D 22 8.47 -57.28 25.25
CA ARG D 22 8.09 -58.69 25.17
C ARG D 22 6.61 -58.93 25.44
N GLY D 23 5.77 -57.91 25.33
CA GLY D 23 4.37 -58.06 25.68
C GLY D 23 3.39 -57.71 24.57
N PHE D 24 3.90 -57.06 23.53
CA PHE D 24 3.06 -56.37 22.55
C PHE D 24 3.26 -56.99 21.17
N PHE D 25 2.16 -57.40 20.54
CA PHE D 25 2.22 -58.31 19.40
C PHE D 25 1.23 -57.91 18.31
N TYR D 26 1.58 -58.25 17.07
CA TYR D 26 0.63 -58.47 15.99
C TYR D 26 0.93 -59.83 15.37
N THR D 27 -0.09 -60.68 15.29
CA THR D 27 0.14 -62.09 15.03
C THR D 27 -0.17 -62.42 13.58
N PRO D 28 0.83 -62.69 12.73
CA PRO D 28 0.53 -63.27 11.42
C PRO D 28 -0.06 -64.66 11.53
N LYS D 29 0.19 -65.35 12.64
CA LYS D 29 -0.24 -66.73 12.81
C LYS D 29 -1.75 -66.87 12.85
N THR D 30 -2.47 -65.78 13.06
CA THR D 30 -3.93 -65.80 13.14
C THR D 30 -4.54 -65.65 11.74
#